data_7UOP
#
_entry.id   7UOP
#
_cell.length_a   1.00
_cell.length_b   1.00
_cell.length_c   1.00
_cell.angle_alpha   90.00
_cell.angle_beta   90.00
_cell.angle_gamma   90.00
#
_symmetry.space_group_name_H-M   'P 1'
#
loop_
_entity.id
_entity.type
_entity.pdbx_description
1 polymer 'Fusion glycoprotein F0'
2 polymer 'Fab 4H3 heavy chain'
3 polymer 'Fab 4H3 light chain'
4 non-polymer 2-acetamido-2-deoxy-beta-D-glucopyranose
#
loop_
_entity_poly.entity_id
_entity_poly.type
_entity_poly.pdbx_seq_one_letter_code
_entity_poly.pdbx_strand_id
1 'polypeptide(L)'
;MVVILDKRCYCNLLILILMISECSVGILHYEKLSKIGLVKGVTRKYKIKSNPLTKDIVIKMIPNVSNMSQCTGSVMENYK
TRLNGILTPIKGALEIYKNNTHDCVGDVRLAGVCMAGVAIGIATAAQITAGVALYEAMKNADNINKLKSSIESTNEAVVK
LQETAEKTVYVFTALQDYINTNLVPTIDKIPCKQTELSLDLALSKYLSDLLFVFGPNLQDPVSNSMTIQAISQAFGGNYE
TLLRTLGYATEDFDDLLESDSITGQIIYVDLSSYYIIVRVYFPILTEIQQAYIQELLPVSFNNDNSEWISIVPNFILVRN
TLISNIEIGFCLITKRSVICNQDYATPMTNNMRECLTGSTEKCPRELVVSSHVPRFALSNGVLFANCISVTCQCQTTGRA
ISQSGEQTLLMIDNTTCPTAVLGNVIISLGKYLGSVNYNSEGIAIGPPVFTDKVDISSQISSMNQSLQQSKDYIK
;
A,D,G
2 'polypeptide(L)'
;MEFGLSWIFLAAILKGVQCQIQLVQSGPELKKPGETVKISCKASGYTFRNYGVNWVKQGPGKDLKWMGWINTLNGEPTYA
DDFKRRFAFSLETSATTAFLQINNLKNEDTATYFCARTFYDGYYYAMDYWGQGTSVTVSA
;
H,B,C
3 'polypeptide(L)'
;MEFGLSWIFLAAILKGVQCENVLTQSPTIMAASLGQKVTMTCSANSSVSSSYLHWYHQKSGASPKPLIHRTSNLASGVPA
RFIGSGSGTSFSLTISSVEAEDDATYYCQQWSGYPFITFGSGTKLEIK
;
L,E,F
#
loop_
_chem_comp.id
_chem_comp.type
_chem_comp.name
_chem_comp.formula
NAG D-saccharide, beta linking 2-acetamido-2-deoxy-beta-D-glucopyranose 'C8 H15 N O6'
#
# COMPACT_ATOMS: atom_id res chain seq x y z
N ILE A 27 -7.02 40.14 25.01
CA ILE A 27 -6.42 41.13 25.89
C ILE A 27 -4.98 40.77 26.20
N LEU A 28 -4.35 40.02 25.29
CA LEU A 28 -2.97 39.62 25.47
C LEU A 28 -2.04 40.82 25.39
N HIS A 29 -0.96 40.76 26.17
CA HIS A 29 0.04 41.82 26.23
C HIS A 29 1.25 41.36 25.41
N TYR A 30 1.24 41.73 24.12
CA TYR A 30 2.27 41.24 23.21
C TYR A 30 3.63 41.86 23.50
N GLU A 31 3.67 43.12 23.96
CA GLU A 31 4.94 43.79 24.19
C GLU A 31 5.75 43.09 25.27
N LYS A 32 5.10 42.72 26.38
CA LYS A 32 5.81 42.04 27.45
C LYS A 32 6.17 40.61 27.07
N LEU A 33 5.28 39.94 26.32
CA LEU A 33 5.56 38.57 25.89
C LEU A 33 6.71 38.52 24.89
N SER A 34 6.96 39.63 24.17
CA SER A 34 8.05 39.64 23.20
C SER A 34 9.41 39.55 23.89
N LYS A 35 9.57 40.22 25.03
CA LYS A 35 10.85 40.20 25.73
C LYS A 35 11.16 38.84 26.33
N ILE A 36 10.15 37.98 26.50
CA ILE A 36 10.37 36.61 26.96
C ILE A 36 10.75 35.67 25.82
N GLY A 37 10.47 36.07 24.58
CA GLY A 37 10.77 35.22 23.44
C GLY A 37 9.56 34.73 22.69
N LEU A 38 8.40 35.34 22.89
CA LEU A 38 7.16 34.93 22.24
C LEU A 38 6.76 36.02 21.25
N VAL A 39 6.82 35.70 19.96
CA VAL A 39 6.52 36.63 18.89
C VAL A 39 5.22 36.22 18.22
N LYS A 40 4.30 37.16 18.07
CA LYS A 40 2.99 36.85 17.53
C LYS A 40 3.07 36.51 16.04
N GLY A 41 2.17 35.64 15.60
CA GLY A 41 2.17 35.20 14.21
C GLY A 41 0.87 35.49 13.48
N VAL A 42 0.36 34.48 12.76
CA VAL A 42 -0.84 34.67 11.96
C VAL A 42 -2.09 34.37 12.79
N THR A 43 -3.15 35.12 12.52
CA THR A 43 -4.44 34.92 13.17
C THR A 43 -5.37 34.17 12.22
N ARG A 44 -6.07 33.17 12.75
CA ARG A 44 -6.89 32.27 11.95
C ARG A 44 -8.31 32.19 12.50
N LYS A 45 -9.23 31.72 11.67
CA LYS A 45 -10.62 31.61 12.05
C LYS A 45 -10.96 30.18 12.47
N TYR A 46 -12.11 30.03 13.11
CA TYR A 46 -12.57 28.75 13.65
C TYR A 46 -13.91 28.38 13.04
N LYS A 47 -14.01 27.15 12.54
CA LYS A 47 -15.22 26.67 11.90
C LYS A 47 -15.39 25.18 12.10
N ILE A 48 -16.65 24.74 12.16
CA ILE A 48 -17.01 23.35 12.40
C ILE A 48 -18.04 22.92 11.38
N LYS A 49 -18.17 21.61 11.17
CA LYS A 49 -19.12 21.07 10.20
C LYS A 49 -20.53 20.97 10.79
N SER A 50 -21.50 20.88 9.90
CA SER A 50 -22.91 20.75 10.29
C SER A 50 -23.75 20.45 9.05
N ASN A 51 -25.03 20.13 9.30
CA ASN A 51 -26.08 19.95 8.30
C ASN A 51 -25.70 18.97 7.20
N PRO A 52 -25.67 17.66 7.49
CA PRO A 52 -25.31 16.69 6.47
C PRO A 52 -26.47 16.38 5.52
N LEU A 53 -26.12 15.88 4.33
CA LEU A 53 -27.06 15.30 3.40
C LEU A 53 -26.76 13.80 3.23
N THR A 54 -27.68 13.08 2.58
CA THR A 54 -27.59 11.64 2.53
C THR A 54 -27.73 11.12 1.11
N LYS A 55 -26.96 10.06 0.81
CA LYS A 55 -27.06 9.32 -0.44
C LYS A 55 -26.74 7.86 -0.14
N ASP A 56 -27.20 6.97 -1.03
CA ASP A 56 -27.08 5.53 -0.84
C ASP A 56 -26.34 4.89 -2.01
N ILE A 57 -25.45 3.94 -1.69
CA ILE A 57 -24.70 3.20 -2.70
C ILE A 57 -24.73 1.71 -2.33
N VAL A 58 -24.42 0.87 -3.31
CA VAL A 58 -24.39 -0.58 -3.15
C VAL A 58 -23.03 -1.09 -3.58
N ILE A 59 -22.41 -1.93 -2.74
CA ILE A 59 -21.11 -2.51 -3.02
C ILE A 59 -21.26 -4.03 -3.09
N LYS A 60 -20.79 -4.61 -4.19
CA LYS A 60 -20.86 -6.04 -4.42
C LYS A 60 -19.46 -6.64 -4.24
N MET A 61 -19.34 -7.65 -3.39
CA MET A 61 -18.05 -8.18 -2.98
C MET A 61 -17.68 -9.47 -3.68
N ILE A 62 -18.39 -9.85 -4.74
CA ILE A 62 -18.07 -11.07 -5.47
C ILE A 62 -18.05 -10.79 -6.97
N PRO A 63 -17.03 -11.21 -7.69
CA PRO A 63 -16.98 -10.94 -9.13
C PRO A 63 -17.75 -11.98 -9.94
N ASN A 64 -17.87 -11.68 -11.23
CA ASN A 64 -18.58 -12.54 -12.18
C ASN A 64 -17.56 -13.23 -13.06
N VAL A 65 -17.62 -14.56 -13.11
CA VAL A 65 -16.67 -15.38 -13.86
C VAL A 65 -17.36 -16.20 -14.93
N SER A 66 -18.44 -15.68 -15.52
CA SER A 66 -19.24 -16.46 -16.46
C SER A 66 -18.47 -16.78 -17.74
N ASN A 67 -17.56 -15.90 -18.16
CA ASN A 67 -16.85 -16.09 -19.41
C ASN A 67 -15.54 -16.86 -19.26
N MET A 68 -15.23 -17.35 -18.05
CA MET A 68 -14.07 -18.19 -17.83
C MET A 68 -14.38 -19.36 -16.90
N SER A 69 -15.61 -19.88 -16.93
CA SER A 69 -16.06 -20.78 -15.88
C SER A 69 -15.56 -22.21 -16.08
N GLN A 70 -15.06 -22.53 -17.28
CA GLN A 70 -14.76 -23.92 -17.61
C GLN A 70 -13.70 -24.53 -16.70
N CYS A 71 -12.63 -23.79 -16.38
CA CYS A 71 -11.52 -24.33 -15.61
C CYS A 71 -11.12 -23.34 -14.50
N THR A 72 -12.11 -22.88 -13.74
CA THR A 72 -11.89 -22.08 -12.54
C THR A 72 -11.52 -22.91 -11.33
N GLY A 73 -11.76 -24.20 -11.35
CA GLY A 73 -11.42 -25.04 -10.21
C GLY A 73 -12.46 -24.90 -9.11
N SER A 74 -11.99 -24.93 -7.87
CA SER A 74 -12.86 -24.83 -6.70
C SER A 74 -12.52 -23.65 -5.80
N VAL A 75 -11.88 -22.61 -6.33
CA VAL A 75 -11.46 -21.48 -5.50
C VAL A 75 -12.67 -20.69 -5.01
N MET A 76 -13.73 -20.62 -5.82
CA MET A 76 -14.88 -19.78 -5.49
C MET A 76 -15.60 -20.29 -4.24
N GLU A 77 -15.75 -21.60 -4.09
CA GLU A 77 -16.42 -22.14 -2.90
C GLU A 77 -15.63 -21.83 -1.64
N ASN A 78 -14.31 -21.98 -1.69
CA ASN A 78 -13.48 -21.63 -0.54
C ASN A 78 -13.56 -20.15 -0.23
N TYR A 79 -13.58 -19.30 -1.26
CA TYR A 79 -13.71 -17.87 -1.04
C TYR A 79 -15.04 -17.54 -0.38
N LYS A 80 -16.13 -18.17 -0.82
CA LYS A 80 -17.42 -17.96 -0.19
C LYS A 80 -17.41 -18.39 1.26
N THR A 81 -16.82 -19.55 1.55
CA THR A 81 -16.75 -20.03 2.93
C THR A 81 -15.96 -19.08 3.80
N ARG A 82 -14.86 -18.54 3.28
CA ARG A 82 -14.06 -17.59 4.04
C ARG A 82 -14.81 -16.29 4.28
N LEU A 83 -15.57 -15.81 3.27
CA LEU A 83 -16.22 -14.52 3.37
C LEU A 83 -17.46 -14.58 4.26
N ASN A 84 -18.15 -15.71 4.29
CA ASN A 84 -19.38 -15.81 5.07
C ASN A 84 -19.10 -15.65 6.56
N GLY A 85 -18.02 -16.26 7.06
CA GLY A 85 -17.67 -16.15 8.46
C GLY A 85 -17.24 -14.76 8.87
N ILE A 86 -16.76 -13.96 7.93
CA ILE A 86 -16.45 -12.56 8.22
C ILE A 86 -17.71 -11.70 8.20
N LEU A 87 -18.62 -11.99 7.26
CA LEU A 87 -19.82 -11.17 7.11
C LEU A 87 -20.85 -11.45 8.20
N THR A 88 -20.89 -12.65 8.75
CA THR A 88 -21.93 -13.00 9.72
C THR A 88 -21.93 -12.12 10.98
N PRO A 89 -20.81 -11.86 11.66
CA PRO A 89 -20.89 -11.08 12.91
C PRO A 89 -21.46 -9.68 12.75
N ILE A 90 -21.23 -9.03 11.61
CA ILE A 90 -21.77 -7.69 11.40
C ILE A 90 -23.29 -7.73 11.38
N LYS A 91 -23.86 -8.69 10.65
CA LYS A 91 -25.31 -8.84 10.62
C LYS A 91 -25.84 -9.21 12.00
N GLY A 92 -25.13 -10.09 12.71
CA GLY A 92 -25.55 -10.45 14.05
C GLY A 92 -25.59 -9.27 15.00
N ALA A 93 -24.62 -8.36 14.90
CA ALA A 93 -24.62 -7.17 15.72
C ALA A 93 -25.70 -6.18 15.30
N LEU A 94 -25.95 -6.08 13.99
CA LEU A 94 -26.97 -5.14 13.52
C LEU A 94 -28.38 -5.60 13.88
N GLU A 95 -28.61 -6.90 13.96
CA GLU A 95 -29.97 -7.38 14.21
C GLU A 95 -30.50 -6.99 15.59
N ILE A 96 -29.61 -6.57 16.50
CA ILE A 96 -30.05 -6.24 17.85
C ILE A 96 -30.98 -5.03 17.85
N TYR A 97 -30.60 -3.97 17.12
CA TYR A 97 -31.44 -2.77 17.07
C TYR A 97 -32.62 -2.93 16.12
N LYS A 98 -32.54 -3.89 15.18
CA LYS A 98 -33.65 -4.10 14.25
C LYS A 98 -34.91 -4.57 14.99
N ASN A 99 -34.75 -5.47 15.95
CA ASN A 99 -35.90 -6.10 16.60
C ASN A 99 -36.66 -5.14 17.51
N ASN A 100 -35.94 -4.31 18.29
CA ASN A 100 -36.54 -3.56 19.38
C ASN A 100 -36.89 -2.12 19.00
N THR A 101 -36.83 -1.76 17.73
CA THR A 101 -37.17 -0.43 17.27
C THR A 101 -38.41 -0.51 16.40
N HIS A 102 -39.39 0.35 16.69
CA HIS A 102 -40.64 0.37 15.95
C HIS A 102 -41.26 1.76 16.04
N ASP A 103 -42.21 2.02 15.16
CA ASP A 103 -42.91 3.30 15.12
C ASP A 103 -43.95 3.38 16.22
N CYS A 104 -44.03 4.53 16.88
CA CYS A 104 -44.96 4.74 17.97
C CYS A 104 -46.40 4.80 17.46
N GLY A 112 -39.99 10.58 16.61
CA GLY A 112 -41.17 9.86 17.07
C GLY A 112 -41.06 8.36 16.83
N VAL A 113 -39.99 7.76 17.33
CA VAL A 113 -39.75 6.33 17.20
C VAL A 113 -39.65 5.75 18.61
N CYS A 114 -40.41 4.68 18.85
CA CYS A 114 -40.43 4.03 20.15
C CYS A 114 -39.36 2.94 20.23
N MET A 115 -38.63 2.89 21.35
CA MET A 115 -37.63 1.86 21.59
C MET A 115 -38.01 1.05 22.82
N ALA A 116 -37.25 -0.03 23.06
CA ALA A 116 -37.45 -0.91 24.20
C ALA A 116 -36.15 -0.95 24.99
N GLY A 117 -36.10 -0.16 26.07
CA GLY A 117 -34.88 -0.08 26.86
C GLY A 117 -34.58 -1.33 27.66
N VAL A 118 -35.61 -2.13 27.98
CA VAL A 118 -35.40 -3.34 28.76
C VAL A 118 -34.63 -4.37 27.95
N ALA A 119 -34.97 -4.55 26.68
CA ALA A 119 -34.30 -5.56 25.86
C ALA A 119 -32.87 -5.15 25.53
N ILE A 120 -32.63 -3.86 25.28
CA ILE A 120 -31.29 -3.41 24.93
C ILE A 120 -30.35 -3.55 26.11
N GLY A 121 -30.76 -3.11 27.29
CA GLY A 121 -29.97 -3.29 28.50
C GLY A 121 -28.92 -2.24 28.72
N ILE A 122 -27.82 -2.30 27.96
CA ILE A 122 -26.69 -1.40 28.13
C ILE A 122 -26.46 -0.65 26.82
N ALA A 123 -26.43 0.68 26.88
CA ALA A 123 -26.19 1.49 25.71
C ALA A 123 -25.72 2.86 26.15
N THR A 124 -25.09 3.58 25.22
CA THR A 124 -24.65 4.95 25.43
C THR A 124 -25.51 5.92 24.64
N ALA A 125 -25.29 7.21 24.89
CA ALA A 125 -26.04 8.23 24.17
C ALA A 125 -25.74 8.22 22.68
N ALA A 126 -24.47 8.01 22.31
CA ALA A 126 -24.12 7.98 20.90
C ALA A 126 -24.75 6.78 20.19
N GLN A 127 -24.78 5.62 20.84
CA GLN A 127 -25.38 4.44 20.23
C GLN A 127 -26.87 4.61 20.03
N ILE A 128 -27.57 5.19 21.01
CA ILE A 128 -29.01 5.40 20.88
C ILE A 128 -29.32 6.35 19.74
N THR A 129 -28.54 7.43 19.62
CA THR A 129 -28.76 8.40 18.54
C THR A 129 -28.55 7.76 17.18
N ALA A 130 -27.51 6.93 17.04
CA ALA A 130 -27.26 6.26 15.78
C ALA A 130 -28.31 5.19 15.49
N GLY A 131 -28.95 4.66 16.53
CA GLY A 131 -30.02 3.69 16.31
C GLY A 131 -31.23 4.30 15.63
N VAL A 132 -31.55 5.55 15.98
CA VAL A 132 -32.68 6.24 15.36
C VAL A 132 -32.41 6.48 13.88
N ALA A 133 -31.19 6.87 13.53
CA ALA A 133 -30.86 7.13 12.13
C ALA A 133 -30.93 5.86 11.30
N LEU A 134 -30.68 4.70 11.92
CA LEU A 134 -30.78 3.44 11.20
C LEU A 134 -32.22 3.13 10.83
N TYR A 135 -33.17 3.51 11.69
CA TYR A 135 -34.57 3.22 11.42
C TYR A 135 -35.14 4.13 10.33
N GLU A 136 -34.60 5.34 10.19
CA GLU A 136 -35.12 6.26 9.18
C GLU A 136 -34.72 5.86 7.77
N ALA A 137 -33.70 5.01 7.62
CA ALA A 137 -33.27 4.55 6.30
C ALA A 137 -33.92 3.23 5.89
N MET A 138 -34.86 2.71 6.68
CA MET A 138 -35.47 1.42 6.36
C MET A 138 -36.26 1.48 5.06
N LYS A 139 -36.99 2.58 4.84
CA LYS A 139 -37.84 2.68 3.66
C LYS A 139 -37.01 2.64 2.37
N ASN A 140 -35.89 3.35 2.35
CA ASN A 140 -35.04 3.37 1.15
C ASN A 140 -34.43 2.00 0.89
N ALA A 141 -34.02 1.30 1.95
CA ALA A 141 -33.40 -0.01 1.79
C ALA A 141 -34.38 -1.03 1.21
N ASP A 142 -35.64 -0.99 1.66
CA ASP A 142 -36.62 -1.94 1.18
C ASP A 142 -36.87 -1.80 -0.32
N ASN A 143 -36.92 -0.57 -0.82
CA ASN A 143 -37.14 -0.36 -2.25
C ASN A 143 -35.96 -0.88 -3.07
N ILE A 144 -34.74 -0.70 -2.57
CA ILE A 144 -33.56 -1.16 -3.29
C ILE A 144 -33.53 -2.68 -3.36
N ASN A 145 -33.96 -3.34 -2.28
CA ASN A 145 -33.89 -4.79 -2.21
C ASN A 145 -34.80 -5.50 -3.22
N LYS A 146 -35.75 -4.78 -3.82
CA LYS A 146 -36.59 -5.38 -4.85
C LYS A 146 -35.86 -5.61 -6.16
N LEU A 147 -34.65 -5.07 -6.31
CA LEU A 147 -33.82 -5.28 -7.49
C LEU A 147 -32.73 -6.32 -7.25
N LYS A 148 -32.99 -7.34 -6.43
CA LYS A 148 -31.97 -8.32 -6.08
C LYS A 148 -31.48 -9.08 -7.31
N SER A 149 -32.40 -9.42 -8.21
CA SER A 149 -32.02 -10.17 -9.41
C SER A 149 -31.08 -9.36 -10.29
N SER A 150 -31.35 -8.05 -10.43
CA SER A 150 -30.51 -7.22 -11.30
C SER A 150 -29.13 -6.98 -10.68
N ILE A 151 -29.05 -6.92 -9.35
CA ILE A 151 -27.78 -6.61 -8.69
C ILE A 151 -26.78 -7.73 -8.95
N GLU A 152 -27.21 -8.98 -8.82
CA GLU A 152 -26.27 -10.10 -8.95
C GLU A 152 -25.97 -10.46 -10.39
N SER A 153 -26.64 -9.84 -11.36
CA SER A 153 -26.37 -10.12 -12.77
C SER A 153 -25.42 -9.11 -13.41
N THR A 154 -24.95 -8.11 -12.66
CA THR A 154 -24.05 -7.11 -13.21
C THR A 154 -22.69 -7.72 -13.51
N ASN A 155 -22.06 -7.22 -14.58
CA ASN A 155 -20.74 -7.70 -14.98
C ASN A 155 -19.80 -6.56 -15.35
N GLU A 156 -19.92 -5.42 -14.70
CA GLU A 156 -19.08 -4.26 -14.96
C GLU A 156 -18.65 -3.65 -13.64
N ALA A 157 -17.54 -2.91 -13.68
CA ALA A 157 -17.01 -2.29 -12.47
C ALA A 157 -17.99 -1.26 -11.91
N VAL A 158 -18.56 -0.42 -12.77
CA VAL A 158 -19.53 0.60 -12.37
C VAL A 158 -20.78 0.42 -13.23
N VAL A 159 -21.93 0.24 -12.58
CA VAL A 159 -23.21 0.07 -13.26
C VAL A 159 -24.22 1.02 -12.64
N LYS A 160 -25.05 1.63 -13.49
CA LYS A 160 -26.11 2.51 -13.06
C LYS A 160 -27.45 1.80 -13.21
N LEU A 161 -28.21 1.74 -12.11
CA LEU A 161 -29.51 1.09 -12.11
C LEU A 161 -30.60 2.10 -11.80
N GLN A 162 -31.78 1.86 -12.37
CA GLN A 162 -32.92 2.76 -12.20
C GLN A 162 -33.88 2.15 -11.19
N GLU A 163 -33.76 2.58 -9.93
CA GLU A 163 -34.64 2.10 -8.87
C GLU A 163 -36.07 2.61 -9.05
N THR A 164 -36.22 3.90 -9.34
CA THR A 164 -37.52 4.48 -9.66
C THR A 164 -37.34 5.43 -10.83
N ALA A 165 -38.47 6.00 -11.28
CA ALA A 165 -38.43 6.94 -12.39
C ALA A 165 -37.70 8.23 -12.04
N GLU A 166 -37.51 8.51 -10.74
CA GLU A 166 -36.88 9.75 -10.31
C GLU A 166 -35.58 9.53 -9.54
N LYS A 167 -35.24 8.30 -9.18
CA LYS A 167 -34.07 8.02 -8.37
C LYS A 167 -33.28 6.87 -8.99
N THR A 168 -31.95 6.92 -8.87
CA THR A 168 -31.06 5.91 -9.41
C THR A 168 -30.10 5.43 -8.34
N VAL A 169 -29.59 4.21 -8.53
CA VAL A 169 -28.68 3.57 -7.58
C VAL A 169 -27.46 3.08 -8.35
N TYR A 170 -26.28 3.26 -7.76
CA TYR A 170 -25.02 2.85 -8.36
C TYR A 170 -24.48 1.61 -7.66
N VAL A 171 -23.92 0.68 -8.44
CA VAL A 171 -23.40 -0.58 -7.93
C VAL A 171 -21.92 -0.67 -8.32
N PHE A 172 -21.09 -1.06 -7.35
CA PHE A 172 -19.66 -1.19 -7.55
C PHE A 172 -19.24 -2.64 -7.27
N THR A 173 -18.38 -3.18 -8.13
CA THR A 173 -17.91 -4.56 -8.02
C THR A 173 -16.43 -4.55 -7.65
N ALA A 174 -16.01 -5.54 -6.86
CA ALA A 174 -14.68 -5.51 -6.26
C ALA A 174 -13.59 -5.74 -7.30
N LEU A 175 -13.59 -6.91 -7.95
CA LEU A 175 -12.49 -7.30 -8.81
C LEU A 175 -12.93 -7.57 -10.25
N GLN A 176 -13.96 -6.87 -10.73
CA GLN A 176 -14.42 -7.11 -12.10
C GLN A 176 -13.43 -6.58 -13.14
N ASP A 177 -12.74 -5.49 -12.83
CA ASP A 177 -11.83 -4.89 -13.80
C ASP A 177 -10.65 -5.82 -14.11
N TYR A 178 -10.11 -6.47 -13.08
CA TYR A 178 -8.95 -7.34 -13.29
C TYR A 178 -9.30 -8.53 -14.18
N ILE A 179 -10.47 -9.12 -13.98
CA ILE A 179 -10.86 -10.30 -14.75
C ILE A 179 -11.16 -9.91 -16.19
N ASN A 180 -11.88 -8.81 -16.39
CA ASN A 180 -12.31 -8.43 -17.74
C ASN A 180 -11.13 -8.02 -18.62
N THR A 181 -10.05 -7.53 -18.01
CA THR A 181 -8.93 -6.98 -18.77
C THR A 181 -7.76 -7.94 -18.93
N ASN A 182 -7.37 -8.65 -17.88
CA ASN A 182 -6.16 -9.48 -17.89
C ASN A 182 -6.45 -10.95 -18.13
N LEU A 183 -7.30 -11.56 -17.29
CA LEU A 183 -7.44 -13.02 -17.30
C LEU A 183 -8.14 -13.50 -18.57
N VAL A 184 -9.26 -12.87 -18.94
CA VAL A 184 -10.05 -13.37 -20.06
C VAL A 184 -9.30 -13.30 -21.38
N PRO A 185 -8.67 -12.19 -21.79
CA PRO A 185 -7.97 -12.18 -23.08
C PRO A 185 -6.81 -13.15 -23.16
N THR A 186 -6.18 -13.51 -22.04
CA THR A 186 -5.01 -14.37 -22.03
C THR A 186 -5.37 -15.84 -21.85
N ILE A 187 -6.67 -16.17 -21.78
CA ILE A 187 -7.09 -17.52 -21.44
C ILE A 187 -6.64 -18.56 -22.46
N ASP A 188 -6.39 -18.16 -23.70
CA ASP A 188 -6.10 -19.10 -24.77
C ASP A 188 -4.62 -19.17 -25.14
N LYS A 189 -3.74 -18.53 -24.38
CA LYS A 189 -2.32 -18.54 -24.68
C LYS A 189 -1.48 -19.32 -23.66
N ILE A 190 -2.05 -19.63 -22.49
CA ILE A 190 -1.36 -20.43 -21.49
C ILE A 190 -2.33 -21.47 -20.96
N PRO A 191 -1.85 -22.63 -20.49
CA PRO A 191 -2.75 -23.57 -19.82
C PRO A 191 -3.40 -22.91 -18.60
N CYS A 192 -4.69 -23.18 -18.41
CA CYS A 192 -5.40 -22.47 -17.36
C CYS A 192 -5.18 -23.08 -15.99
N LYS A 193 -4.38 -24.15 -15.90
CA LYS A 193 -3.87 -24.58 -14.60
C LYS A 193 -3.08 -23.48 -13.91
N GLN A 194 -2.47 -22.58 -14.66
CA GLN A 194 -1.78 -21.41 -14.12
C GLN A 194 -2.72 -20.25 -13.85
N THR A 195 -3.80 -20.13 -14.62
CA THR A 195 -4.77 -19.06 -14.36
C THR A 195 -5.55 -19.32 -13.08
N GLU A 196 -5.73 -20.59 -12.72
CA GLU A 196 -6.35 -20.93 -11.45
C GLU A 196 -5.54 -20.39 -10.29
N LEU A 197 -4.21 -20.55 -10.35
CA LEU A 197 -3.34 -19.98 -9.33
C LEU A 197 -3.34 -18.46 -9.39
N SER A 198 -3.41 -17.89 -10.60
CA SER A 198 -3.48 -16.44 -10.73
C SER A 198 -4.76 -15.88 -10.11
N LEU A 199 -5.90 -16.54 -10.38
CA LEU A 199 -7.15 -16.11 -9.77
C LEU A 199 -7.14 -16.31 -8.26
N ASP A 200 -6.55 -17.42 -7.80
CA ASP A 200 -6.51 -17.70 -6.36
C ASP A 200 -5.66 -16.66 -5.63
N LEU A 201 -4.53 -16.26 -6.23
CA LEU A 201 -3.66 -15.28 -5.58
C LEU A 201 -4.34 -13.92 -5.47
N ALA A 202 -5.08 -13.52 -6.50
CA ALA A 202 -5.74 -12.22 -6.49
C ALA A 202 -6.80 -12.15 -5.40
N LEU A 203 -7.57 -13.22 -5.23
CA LEU A 203 -8.61 -13.23 -4.21
C LEU A 203 -8.02 -13.16 -2.80
N SER A 204 -6.92 -13.89 -2.56
CA SER A 204 -6.30 -13.88 -1.24
C SER A 204 -5.68 -12.52 -0.93
N LYS A 205 -5.12 -11.86 -1.93
CA LYS A 205 -4.58 -10.51 -1.71
C LYS A 205 -5.67 -9.53 -1.34
N TYR A 206 -6.84 -9.65 -1.98
CA TYR A 206 -7.97 -8.78 -1.65
C TYR A 206 -8.43 -8.99 -0.21
N LEU A 207 -8.48 -10.26 0.23
CA LEU A 207 -8.94 -10.55 1.58
C LEU A 207 -7.96 -10.04 2.64
N SER A 208 -6.68 -9.97 2.29
CA SER A 208 -5.68 -9.51 3.25
C SER A 208 -5.86 -8.05 3.64
N ASP A 209 -6.52 -7.26 2.80
CA ASP A 209 -6.71 -5.84 3.09
C ASP A 209 -8.01 -5.56 3.85
N LEU A 210 -9.03 -6.43 3.69
CA LEU A 210 -10.30 -6.20 4.38
C LEU A 210 -10.17 -6.41 5.89
N LEU A 211 -9.33 -7.36 6.31
CA LEU A 211 -9.27 -7.75 7.71
C LEU A 211 -8.81 -6.61 8.62
N PHE A 212 -8.12 -5.60 8.07
CA PHE A 212 -7.69 -4.48 8.89
C PHE A 212 -8.87 -3.60 9.31
N VAL A 213 -9.90 -3.52 8.48
CA VAL A 213 -11.03 -2.64 8.74
C VAL A 213 -12.29 -3.41 9.15
N PHE A 214 -12.67 -4.43 8.38
CA PHE A 214 -13.91 -5.15 8.60
C PHE A 214 -13.75 -6.38 9.48
N GLY A 215 -12.55 -6.62 10.04
CA GLY A 215 -12.31 -7.77 10.87
C GLY A 215 -12.90 -7.63 12.25
N PRO A 216 -12.30 -8.32 13.22
CA PRO A 216 -12.78 -8.25 14.61
C PRO A 216 -12.68 -6.85 15.20
N ASN A 217 -11.89 -5.97 14.57
CA ASN A 217 -11.76 -4.61 15.05
C ASN A 217 -13.08 -3.85 14.97
N LEU A 218 -13.97 -4.25 14.07
CA LEU A 218 -15.27 -3.61 13.92
C LEU A 218 -16.24 -4.16 14.98
N GLN A 219 -16.04 -3.69 16.21
CA GLN A 219 -16.86 -4.16 17.33
C GLN A 219 -18.24 -3.51 17.32
N ASP A 220 -18.32 -2.23 16.95
CA ASP A 220 -19.57 -1.48 17.02
C ASP A 220 -19.89 -0.86 15.66
N PRO A 221 -20.62 -1.57 14.80
CA PRO A 221 -21.00 -1.01 13.50
C PRO A 221 -22.22 -0.10 13.54
N VAL A 222 -22.84 0.08 14.71
CA VAL A 222 -24.03 0.91 14.80
C VAL A 222 -23.68 2.39 14.61
N SER A 223 -22.54 2.82 15.14
CA SER A 223 -22.16 4.22 15.04
C SER A 223 -21.89 4.62 13.58
N ASN A 224 -21.84 5.93 13.36
CA ASN A 224 -21.62 6.48 12.02
C ASN A 224 -20.38 7.37 11.99
N SER A 225 -19.33 6.99 12.70
CA SER A 225 -18.10 7.77 12.76
C SER A 225 -17.02 7.25 11.82
N MET A 226 -17.30 6.22 11.03
CA MET A 226 -16.30 5.67 10.11
C MET A 226 -16.18 6.55 8.87
N THR A 227 -14.95 6.91 8.52
CA THR A 227 -14.70 7.79 7.39
C THR A 227 -14.85 7.01 6.08
N ILE A 228 -15.04 7.77 4.99
CA ILE A 228 -15.23 7.16 3.69
C ILE A 228 -13.94 6.52 3.18
N GLN A 229 -12.79 7.00 3.66
CA GLN A 229 -11.52 6.41 3.25
C GLN A 229 -11.40 4.96 3.73
N ALA A 230 -11.83 4.70 4.97
CA ALA A 230 -11.79 3.34 5.48
C ALA A 230 -12.79 2.45 4.74
N ILE A 231 -13.96 2.99 4.43
CA ILE A 231 -14.99 2.21 3.74
C ILE A 231 -14.52 1.82 2.33
N SER A 232 -13.72 2.68 1.70
CA SER A 232 -13.25 2.42 0.34
C SER A 232 -12.35 1.21 0.23
N GLN A 233 -11.86 0.67 1.36
CA GLN A 233 -11.02 -0.52 1.31
C GLN A 233 -11.75 -1.72 0.71
N ALA A 234 -13.08 -1.74 0.77
CA ALA A 234 -13.84 -2.81 0.12
C ALA A 234 -13.86 -2.66 -1.40
N PHE A 235 -13.38 -1.52 -1.91
CA PHE A 235 -13.32 -1.25 -3.34
C PHE A 235 -11.87 -1.04 -3.78
N GLY A 236 -10.93 -1.56 -3.00
CA GLY A 236 -9.52 -1.41 -3.32
C GLY A 236 -8.90 -0.08 -2.96
N GLY A 237 -9.57 0.72 -2.12
CA GLY A 237 -9.03 2.00 -1.72
C GLY A 237 -9.23 3.13 -2.71
N ASN A 238 -10.08 2.94 -3.71
CA ASN A 238 -10.32 3.97 -4.72
C ASN A 238 -11.54 4.83 -4.35
N TYR A 239 -11.33 5.69 -3.35
CA TYR A 239 -12.42 6.57 -2.91
C TYR A 239 -12.63 7.76 -3.83
N GLU A 240 -11.69 8.03 -4.74
CA GLU A 240 -11.88 9.11 -5.70
C GLU A 240 -12.99 8.76 -6.69
N THR A 241 -13.04 7.50 -7.12
CA THR A 241 -14.09 7.08 -8.06
C THR A 241 -15.47 7.17 -7.44
N LEU A 242 -15.60 6.80 -6.16
CA LEU A 242 -16.90 6.84 -5.50
C LEU A 242 -17.44 8.26 -5.42
N LEU A 243 -16.57 9.22 -5.08
CA LEU A 243 -17.02 10.59 -4.91
C LEU A 243 -17.32 11.26 -6.25
N ARG A 244 -16.51 10.97 -7.26
CA ARG A 244 -16.71 11.58 -8.58
C ARG A 244 -18.04 11.14 -9.19
N THR A 245 -18.39 9.87 -9.04
CA THR A 245 -19.64 9.36 -9.62
C THR A 245 -20.85 10.01 -8.96
N LEU A 246 -20.81 10.20 -7.63
CA LEU A 246 -21.93 10.80 -6.93
C LEU A 246 -22.13 12.27 -7.27
N GLY A 247 -21.11 12.92 -7.85
CA GLY A 247 -21.24 14.30 -8.28
C GLY A 247 -21.21 15.32 -7.15
N TYR A 248 -20.07 15.42 -6.47
CA TYR A 248 -19.91 16.45 -5.45
C TYR A 248 -19.93 17.83 -6.09
N ALA A 249 -20.57 18.77 -5.40
CA ALA A 249 -20.76 20.12 -5.93
C ALA A 249 -20.43 21.14 -4.84
N THR A 250 -19.29 20.97 -4.18
CA THR A 250 -18.87 21.88 -3.12
C THR A 250 -17.46 22.39 -3.42
N GLU A 251 -17.25 23.68 -3.14
CA GLU A 251 -15.92 24.26 -3.27
C GLU A 251 -15.01 23.86 -2.11
N ASP A 252 -15.58 23.58 -0.94
CA ASP A 252 -14.83 23.12 0.21
C ASP A 252 -14.60 21.61 0.21
N PHE A 253 -14.67 20.98 -0.95
CA PHE A 253 -14.53 19.53 -1.05
C PHE A 253 -13.17 19.06 -0.52
N ASP A 254 -12.11 19.77 -0.88
CA ASP A 254 -10.77 19.38 -0.44
C ASP A 254 -10.60 19.50 1.08
N ASP A 255 -11.12 20.59 1.67
CA ASP A 255 -10.95 20.78 3.11
C ASP A 255 -11.78 19.78 3.89
N LEU A 256 -13.00 19.46 3.42
CA LEU A 256 -13.83 18.49 4.11
C LEU A 256 -13.21 17.10 4.08
N LEU A 257 -12.61 16.72 2.95
CA LEU A 257 -12.04 15.38 2.82
C LEU A 257 -10.85 15.18 3.77
N GLU A 258 -9.98 16.18 3.87
CA GLU A 258 -8.78 16.04 4.69
C GLU A 258 -9.05 16.18 6.18
N SER A 259 -10.18 16.77 6.56
CA SER A 259 -10.54 16.92 7.96
C SER A 259 -11.36 15.75 8.50
N ASP A 260 -11.58 14.72 7.69
CA ASP A 260 -12.36 13.55 8.09
C ASP A 260 -13.78 13.94 8.49
N SER A 261 -14.44 14.71 7.63
CA SER A 261 -15.81 15.15 7.88
C SER A 261 -16.84 14.37 7.07
N ILE A 262 -16.41 13.50 6.17
CA ILE A 262 -17.30 12.69 5.35
C ILE A 262 -17.29 11.28 5.92
N THR A 263 -18.46 10.78 6.32
CA THR A 263 -18.57 9.50 6.99
C THR A 263 -19.60 8.63 6.28
N GLY A 264 -19.74 7.40 6.77
CA GLY A 264 -20.69 6.46 6.21
C GLY A 264 -21.21 5.51 7.27
N GLN A 265 -22.31 4.83 6.94
CA GLN A 265 -22.94 3.90 7.85
C GLN A 265 -23.49 2.71 7.07
N ILE A 266 -23.29 1.51 7.62
CA ILE A 266 -23.82 0.29 7.02
C ILE A 266 -25.23 0.06 7.52
N ILE A 267 -26.16 -0.17 6.59
CA ILE A 267 -27.56 -0.32 6.94
C ILE A 267 -28.15 -1.67 6.56
N TYR A 268 -27.48 -2.46 5.72
CA TYR A 268 -28.03 -3.75 5.33
C TYR A 268 -26.90 -4.68 4.88
N VAL A 269 -27.01 -5.95 5.26
CA VAL A 269 -26.06 -6.99 4.90
C VAL A 269 -26.82 -8.17 4.34
N ASP A 270 -26.39 -8.67 3.19
CA ASP A 270 -27.00 -9.83 2.54
C ASP A 270 -26.00 -10.97 2.54
N LEU A 271 -26.39 -12.10 3.14
CA LEU A 271 -25.51 -13.25 3.26
C LEU A 271 -25.67 -14.25 2.13
N SER A 272 -26.67 -14.08 1.27
CA SER A 272 -26.90 -14.98 0.14
C SER A 272 -26.38 -14.43 -1.18
N SER A 273 -26.40 -13.12 -1.35
CA SER A 273 -25.87 -12.49 -2.55
C SER A 273 -24.56 -11.75 -2.32
N TYR A 274 -24.15 -11.58 -1.06
CA TYR A 274 -22.86 -10.99 -0.70
C TYR A 274 -22.74 -9.55 -1.20
N TYR A 275 -23.63 -8.70 -0.71
CA TYR A 275 -23.55 -7.26 -0.96
C TYR A 275 -24.05 -6.51 0.26
N ILE A 276 -23.65 -5.25 0.36
CA ILE A 276 -24.02 -4.39 1.47
C ILE A 276 -24.53 -3.06 0.93
N ILE A 277 -25.24 -2.32 1.78
CA ILE A 277 -25.79 -1.01 1.44
C ILE A 277 -25.22 0.01 2.42
N VAL A 278 -24.69 1.11 1.89
CA VAL A 278 -24.00 2.12 2.68
C VAL A 278 -24.64 3.49 2.41
N ARG A 279 -24.80 4.27 3.47
CA ARG A 279 -25.30 5.64 3.37
C ARG A 279 -24.18 6.62 3.68
N VAL A 280 -24.05 7.66 2.85
CA VAL A 280 -22.96 8.62 2.93
C VAL A 280 -23.51 9.97 3.37
N TYR A 281 -22.74 10.69 4.19
CA TYR A 281 -23.14 11.98 4.73
C TYR A 281 -22.22 13.07 4.19
N PHE A 282 -22.84 14.16 3.71
CA PHE A 282 -22.10 15.31 3.20
C PHE A 282 -22.42 16.54 4.04
N PRO A 283 -21.54 16.96 4.94
CA PRO A 283 -21.86 18.08 5.82
C PRO A 283 -21.53 19.43 5.19
N ILE A 284 -21.79 20.49 5.97
CA ILE A 284 -21.54 21.86 5.56
C ILE A 284 -20.75 22.55 6.66
N LEU A 285 -19.70 23.28 6.27
CA LEU A 285 -18.88 24.00 7.22
C LEU A 285 -19.54 25.32 7.61
N THR A 286 -19.61 25.59 8.91
CA THR A 286 -20.14 26.83 9.43
C THR A 286 -19.12 27.50 10.33
N GLU A 287 -19.06 28.83 10.28
CA GLU A 287 -18.06 29.61 11.00
C GLU A 287 -18.60 30.06 12.35
N ILE A 288 -17.82 29.83 13.39
CA ILE A 288 -18.19 30.28 14.74
C ILE A 288 -17.93 31.77 14.86
N GLN A 289 -18.91 32.50 15.35
CA GLN A 289 -18.81 33.95 15.45
C GLN A 289 -18.04 34.36 16.70
N GLN A 290 -17.29 35.46 16.58
CA GLN A 290 -16.55 36.06 17.70
C GLN A 290 -15.53 35.08 18.28
N ALA A 291 -14.77 34.42 17.40
CA ALA A 291 -13.75 33.48 17.82
C ALA A 291 -12.57 33.51 16.85
N TYR A 292 -11.37 33.34 17.39
CA TYR A 292 -10.16 33.30 16.57
C TYR A 292 -9.06 32.59 17.36
N ILE A 293 -8.01 32.21 16.64
CA ILE A 293 -6.88 31.48 17.20
C ILE A 293 -5.61 32.27 16.93
N GLN A 294 -4.79 32.43 17.95
CA GLN A 294 -3.56 33.20 17.88
C GLN A 294 -2.36 32.28 17.99
N GLU A 295 -1.32 32.57 17.22
CA GLU A 295 -0.10 31.77 17.19
C GLU A 295 1.09 32.57 17.70
N LEU A 296 2.01 31.89 18.38
CA LEU A 296 3.21 32.50 18.93
C LEU A 296 4.44 31.77 18.42
N LEU A 297 5.51 32.52 18.17
CA LEU A 297 6.78 31.96 17.69
C LEU A 297 7.81 32.02 18.80
N PRO A 298 8.38 30.89 19.23
CA PRO A 298 9.35 30.91 20.33
C PRO A 298 10.77 31.19 19.87
N VAL A 299 11.44 32.06 20.62
CA VAL A 299 12.83 32.44 20.36
C VAL A 299 13.60 32.36 21.67
N SER A 300 14.79 31.77 21.61
CA SER A 300 15.63 31.64 22.80
C SER A 300 16.17 32.99 23.23
N PHE A 301 16.50 33.10 24.51
CA PHE A 301 17.02 34.34 25.09
C PHE A 301 18.06 34.00 26.15
N ASN A 302 18.89 35.00 26.46
CA ASN A 302 20.00 34.86 27.39
C ASN A 302 19.70 35.62 28.68
N ASN A 303 19.86 34.94 29.81
CA ASN A 303 19.58 35.59 31.08
C ASN A 303 20.82 35.81 31.94
N ASP A 304 21.50 34.73 32.33
CA ASP A 304 22.71 34.92 33.13
C ASP A 304 23.97 34.68 32.31
N ASN A 305 24.19 33.44 31.86
CA ASN A 305 25.27 33.13 30.93
C ASN A 305 24.84 32.01 29.98
N SER A 306 23.54 31.78 29.88
CA SER A 306 23.03 30.60 29.20
C SER A 306 21.77 30.95 28.42
N GLU A 307 21.42 30.04 27.50
CA GLU A 307 20.22 30.19 26.69
C GLU A 307 19.02 29.57 27.41
N TRP A 308 17.87 30.22 27.29
CA TRP A 308 16.63 29.76 27.90
C TRP A 308 15.50 29.85 26.90
N ILE A 309 14.49 29.01 27.10
CA ILE A 309 13.26 29.03 26.31
C ILE A 309 12.08 29.02 27.27
N SER A 310 10.96 29.54 26.80
CA SER A 310 9.74 29.65 27.60
C SER A 310 8.75 28.56 27.21
N ILE A 311 8.16 27.92 28.22
CA ILE A 311 7.26 26.79 28.00
C ILE A 311 5.84 27.33 28.19
N VAL A 312 5.20 27.69 27.08
CA VAL A 312 3.81 28.15 27.07
C VAL A 312 3.12 27.53 25.86
N PRO A 313 1.79 27.43 25.90
CA PRO A 313 1.06 26.91 24.74
C PRO A 313 1.29 27.77 23.51
N ASN A 314 1.41 27.12 22.35
CA ASN A 314 1.68 27.83 21.11
C ASN A 314 0.40 28.35 20.46
N PHE A 315 -0.71 27.65 20.61
CA PHE A 315 -1.98 28.05 20.04
C PHE A 315 -2.96 28.39 21.16
N ILE A 316 -3.61 29.54 21.05
CA ILE A 316 -4.52 30.05 22.07
C ILE A 316 -5.86 30.34 21.41
N LEU A 317 -6.94 29.83 22.00
CA LEU A 317 -8.28 30.03 21.48
C LEU A 317 -8.99 31.08 22.33
N VAL A 318 -9.47 32.14 21.67
CA VAL A 318 -10.18 33.23 22.32
C VAL A 318 -11.55 33.36 21.65
N ARG A 319 -12.61 33.18 22.43
CA ARG A 319 -13.97 33.42 21.98
C ARG A 319 -14.68 34.31 22.99
N ASN A 320 -15.45 35.27 22.48
CA ASN A 320 -16.05 36.31 23.31
C ASN A 320 -14.97 37.04 24.11
N THR A 321 -14.82 36.67 25.39
CA THR A 321 -13.77 37.24 26.23
C THR A 321 -13.08 36.18 27.07
N LEU A 322 -13.15 34.91 26.68
CA LEU A 322 -12.61 33.80 27.47
C LEU A 322 -11.44 33.17 26.75
N ILE A 323 -10.41 32.81 27.52
CA ILE A 323 -9.20 32.18 27.00
C ILE A 323 -9.17 30.73 27.45
N SER A 324 -8.85 29.83 26.51
CA SER A 324 -8.80 28.41 26.81
C SER A 324 -7.85 27.72 25.84
N ASN A 325 -7.47 26.50 26.20
CA ASN A 325 -6.57 25.71 25.37
C ASN A 325 -7.35 24.99 24.27
N ILE A 326 -6.61 24.36 23.37
CA ILE A 326 -7.18 23.61 22.25
C ILE A 326 -6.16 22.57 21.79
N GLU A 327 -6.63 21.34 21.55
CA GLU A 327 -5.79 20.29 20.99
C GLU A 327 -5.90 20.33 19.47
N ILE A 328 -4.98 21.10 18.87
CA ILE A 328 -5.03 21.34 17.43
C ILE A 328 -4.48 20.15 16.66
N GLY A 329 -3.97 19.12 17.34
CA GLY A 329 -3.46 17.95 16.66
C GLY A 329 -4.53 17.13 15.97
N PHE A 330 -5.78 17.27 16.37
CA PHE A 330 -6.91 16.57 15.74
C PHE A 330 -7.58 17.41 14.67
N CYS A 331 -7.02 18.57 14.33
CA CYS A 331 -7.64 19.51 13.40
C CYS A 331 -6.70 19.79 12.25
N LEU A 332 -7.26 20.33 11.18
CA LEU A 332 -6.52 20.69 9.97
C LEU A 332 -6.16 22.18 10.03
N ILE A 333 -4.87 22.48 9.86
CA ILE A 333 -4.38 23.85 9.90
C ILE A 333 -4.18 24.33 8.46
N THR A 334 -4.78 25.48 8.14
CA THR A 334 -4.64 26.09 6.83
C THR A 334 -4.08 27.50 6.99
N LYS A 335 -3.94 28.18 5.86
CA LYS A 335 -3.37 29.53 5.88
C LYS A 335 -4.34 30.54 6.49
N ARG A 336 -5.65 30.33 6.33
CA ARG A 336 -6.64 31.31 6.75
C ARG A 336 -7.49 30.87 7.93
N SER A 337 -7.79 29.57 8.05
CA SER A 337 -8.69 29.11 9.10
C SER A 337 -8.32 27.70 9.51
N VAL A 338 -8.90 27.27 10.63
CA VAL A 338 -8.70 25.92 11.18
C VAL A 338 -10.03 25.19 11.09
N ILE A 339 -10.02 24.01 10.47
CA ILE A 339 -11.23 23.22 10.25
C ILE A 339 -11.21 22.04 11.20
N CYS A 340 -12.27 21.91 12.00
CA CYS A 340 -12.42 20.82 12.95
C CYS A 340 -13.79 20.19 12.80
N ASN A 341 -13.86 18.89 13.09
CA ASN A 341 -15.13 18.18 13.09
C ASN A 341 -15.81 18.15 14.46
N GLN A 342 -15.13 18.63 15.50
CA GLN A 342 -15.69 18.69 16.84
C GLN A 342 -15.18 19.95 17.53
N ASP A 343 -15.68 20.19 18.74
CA ASP A 343 -15.21 21.30 19.57
C ASP A 343 -14.17 20.75 20.53
N TYR A 344 -12.93 21.22 20.41
CA TYR A 344 -11.80 20.69 21.17
C TYR A 344 -11.29 21.64 22.24
N ALA A 345 -12.17 22.46 22.82
CA ALA A 345 -11.73 23.38 23.87
C ALA A 345 -11.53 22.64 25.19
N THR A 346 -10.48 23.03 25.91
CA THR A 346 -10.14 22.47 27.20
C THR A 346 -9.81 23.60 28.17
N PRO A 347 -9.98 23.39 29.47
CA PRO A 347 -9.74 24.46 30.43
C PRO A 347 -8.26 24.82 30.54
N MET A 348 -8.01 25.97 31.17
CA MET A 348 -6.67 26.47 31.42
C MET A 348 -6.57 26.92 32.86
N THR A 349 -5.40 26.72 33.47
CA THR A 349 -5.21 27.10 34.86
C THR A 349 -5.21 28.62 35.02
N ASN A 350 -5.42 29.06 36.26
CA ASN A 350 -5.50 30.49 36.53
C ASN A 350 -4.14 31.17 36.38
N ASN A 351 -3.07 30.50 36.82
CA ASN A 351 -1.74 31.11 36.77
C ASN A 351 -1.29 31.37 35.34
N MET A 352 -1.56 30.44 34.42
CA MET A 352 -1.16 30.65 33.03
C MET A 352 -2.00 31.74 32.38
N ARG A 353 -3.26 31.89 32.80
CA ARG A 353 -4.07 32.99 32.30
C ARG A 353 -3.51 34.33 32.73
N GLU A 354 -3.00 34.41 33.97
CA GLU A 354 -2.42 35.67 34.45
C GLU A 354 -1.16 36.03 33.70
N CYS A 355 -0.34 35.03 33.34
CA CYS A 355 0.92 35.31 32.66
C CYS A 355 0.69 35.89 31.28
N LEU A 356 -0.32 35.39 30.55
CA LEU A 356 -0.58 35.89 29.21
C LEU A 356 -1.11 37.31 29.23
N THR A 357 -1.58 37.80 30.38
CA THR A 357 -2.12 39.15 30.49
C THR A 357 -1.07 40.17 30.90
N GLY A 358 0.18 39.76 31.12
CA GLY A 358 1.23 40.71 31.45
C GLY A 358 2.19 40.28 32.53
N SER A 359 1.72 39.46 33.48
CA SER A 359 2.56 39.02 34.58
C SER A 359 3.63 38.06 34.08
N THR A 360 4.86 38.54 33.92
CA THR A 360 5.93 37.75 33.31
C THR A 360 6.68 36.87 34.32
N GLU A 361 6.38 37.00 35.61
CA GLU A 361 7.04 36.20 36.63
C GLU A 361 6.33 34.89 36.91
N LYS A 362 5.28 34.56 36.17
CA LYS A 362 4.53 33.32 36.38
C LYS A 362 4.85 32.24 35.35
N CYS A 363 5.40 32.63 34.20
CA CYS A 363 5.70 31.64 33.16
C CYS A 363 7.07 31.01 33.42
N PRO A 364 7.16 29.70 33.46
CA PRO A 364 8.44 29.03 33.70
C PRO A 364 9.28 28.98 32.43
N ARG A 365 10.54 28.55 32.60
CA ARG A 365 11.49 28.50 31.50
C ARG A 365 12.37 27.26 31.65
N GLU A 366 13.02 26.88 30.56
CA GLU A 366 13.85 25.69 30.52
C GLU A 366 15.21 26.01 29.90
N LEU A 367 16.24 25.30 30.36
CA LEU A 367 17.58 25.49 29.84
C LEU A 367 17.71 24.85 28.45
N VAL A 368 18.63 25.40 27.66
CA VAL A 368 18.90 24.91 26.31
C VAL A 368 20.27 24.23 26.31
N VAL A 369 20.32 23.01 25.79
CA VAL A 369 21.55 22.23 25.77
C VAL A 369 21.90 21.91 24.31
N SER A 370 20.89 21.81 23.46
CA SER A 370 21.11 21.50 22.06
C SER A 370 21.59 22.74 21.30
N SER A 371 22.13 22.50 20.10
CA SER A 371 22.65 23.60 19.28
C SER A 371 21.68 24.01 18.19
N HIS A 372 20.68 23.19 17.89
CA HIS A 372 19.72 23.49 16.82
C HIS A 372 18.44 24.10 17.38
N VAL A 373 18.52 25.39 17.71
CA VAL A 373 17.37 26.13 18.21
C VAL A 373 17.25 27.45 17.45
N PRO A 374 16.05 27.96 17.24
CA PRO A 374 15.90 29.26 16.58
C PRO A 374 16.42 30.39 17.45
N ARG A 375 16.94 31.44 16.82
CA ARG A 375 17.53 32.56 17.53
C ARG A 375 17.05 33.92 17.05
N PHE A 376 16.25 33.98 15.98
CA PHE A 376 15.69 35.26 15.55
C PHE A 376 14.40 35.00 14.78
N ALA A 377 13.57 36.04 14.69
CA ALA A 377 12.30 35.97 14.00
C ALA A 377 11.93 37.34 13.46
N LEU A 378 11.05 37.35 12.47
CA LEU A 378 10.60 38.57 11.82
C LEU A 378 9.09 38.73 12.00
N SER A 379 8.66 39.93 12.40
CA SER A 379 7.25 40.21 12.63
C SER A 379 6.95 41.64 12.19
N ASN A 380 6.12 41.78 11.15
CA ASN A 380 5.67 43.09 10.66
C ASN A 380 6.86 43.98 10.29
N GLY A 381 7.88 43.38 9.69
CA GLY A 381 9.06 44.13 9.29
C GLY A 381 10.00 44.50 10.41
N VAL A 382 9.78 43.97 11.62
CA VAL A 382 10.64 44.24 12.76
C VAL A 382 11.34 42.95 13.15
N LEU A 383 12.61 43.08 13.55
CA LEU A 383 13.48 41.94 13.78
C LEU A 383 13.77 41.81 15.27
N PHE A 384 13.58 40.61 15.81
CA PHE A 384 13.95 40.28 17.19
C PHE A 384 15.02 39.21 17.14
N ALA A 385 16.15 39.45 17.80
CA ALA A 385 17.27 38.52 17.72
C ALA A 385 18.05 38.54 19.02
N ASN A 386 18.69 37.41 19.32
CA ASN A 386 19.60 37.27 20.46
C ASN A 386 21.01 37.40 19.91
N CYS A 387 21.56 38.62 19.98
CA CYS A 387 22.83 38.89 19.30
C CYS A 387 24.03 38.34 20.07
N ILE A 388 23.82 37.77 21.26
CA ILE A 388 24.92 37.13 21.97
C ILE A 388 25.39 35.89 21.23
N SER A 389 24.46 35.08 20.72
CA SER A 389 24.79 33.80 20.10
C SER A 389 24.72 33.85 18.58
N VAL A 390 24.53 35.04 17.99
CA VAL A 390 24.54 35.20 16.54
C VAL A 390 25.25 36.52 16.22
N THR A 391 25.77 36.62 15.02
CA THR A 391 26.52 37.81 14.59
C THR A 391 25.55 38.85 14.07
N CYS A 392 25.65 40.06 14.62
CA CYS A 392 24.80 41.18 14.22
C CYS A 392 25.68 42.36 13.83
N GLN A 393 25.42 42.94 12.66
CA GLN A 393 26.12 44.13 12.22
C GLN A 393 25.27 44.85 11.18
N CYS A 394 25.29 46.17 11.22
CA CYS A 394 24.47 46.97 10.32
C CYS A 394 25.18 47.16 9.00
N GLN A 395 24.46 46.87 7.90
CA GLN A 395 25.07 46.94 6.58
C GLN A 395 25.26 48.37 6.10
N THR A 396 24.39 49.28 6.55
CA THR A 396 24.46 50.66 6.10
C THR A 396 25.74 51.34 6.58
N THR A 397 26.04 51.22 7.87
CA THR A 397 27.22 51.86 8.45
C THR A 397 28.41 50.92 8.59
N GLY A 398 28.22 49.62 8.38
CA GLY A 398 29.33 48.69 8.45
C GLY A 398 29.94 48.51 9.82
N ARG A 399 29.13 48.51 10.88
CA ARG A 399 29.62 48.30 12.23
C ARG A 399 28.71 47.33 12.95
N ALA A 400 29.26 46.65 13.95
CA ALA A 400 28.54 45.59 14.65
C ALA A 400 27.53 46.16 15.63
N ILE A 401 26.57 45.32 16.00
CA ILE A 401 25.56 45.65 17.00
C ILE A 401 25.86 44.82 18.26
N SER A 402 25.91 45.49 19.41
CA SER A 402 26.33 44.87 20.65
C SER A 402 25.15 44.73 21.61
N GLN A 403 25.12 43.62 22.33
CA GLN A 403 24.10 43.35 23.34
C GLN A 403 24.76 43.26 24.71
N SER A 404 24.19 43.97 25.69
CA SER A 404 24.72 43.95 27.03
C SER A 404 24.29 42.68 27.77
N GLY A 405 24.87 42.48 28.95
CA GLY A 405 24.53 41.31 29.75
C GLY A 405 23.21 41.42 30.47
N GLU A 406 22.61 42.61 30.52
CA GLU A 406 21.35 42.81 31.22
C GLU A 406 20.15 42.78 30.27
N GLN A 407 20.35 42.47 28.99
CA GLN A 407 19.28 42.45 28.01
C GLN A 407 19.03 41.03 27.53
N THR A 408 17.76 40.70 27.31
CA THR A 408 17.42 39.38 26.80
C THR A 408 17.34 39.36 25.29
N LEU A 409 16.78 40.39 24.68
CA LEU A 409 16.64 40.47 23.23
C LEU A 409 16.82 41.91 22.78
N LEU A 410 16.98 42.08 21.47
CA LEU A 410 17.09 43.39 20.85
C LEU A 410 16.03 43.55 19.77
N MET A 411 15.44 44.73 19.72
CA MET A 411 14.49 45.10 18.66
C MET A 411 15.22 45.99 17.66
N ILE A 412 15.20 45.58 16.40
CA ILE A 412 15.94 46.26 15.33
C ILE A 412 14.94 46.72 14.29
N ASP A 413 14.90 48.04 14.05
CA ASP A 413 14.06 48.61 13.00
C ASP A 413 14.89 49.61 12.21
N ASN A 414 14.24 50.31 11.28
CA ASN A 414 14.99 51.21 10.40
C ASN A 414 15.25 52.57 11.03
N THR A 415 14.75 52.83 12.24
CA THR A 415 15.06 54.07 12.93
C THR A 415 16.49 54.11 13.44
N THR A 416 17.11 52.95 13.67
CA THR A 416 18.49 52.87 14.13
C THR A 416 19.40 52.20 13.11
N CYS A 417 18.88 51.26 12.33
CA CYS A 417 19.65 50.56 11.31
C CYS A 417 18.71 50.14 10.19
N PRO A 418 18.73 50.82 9.04
CA PRO A 418 17.79 50.49 7.96
C PRO A 418 17.97 49.08 7.41
N THR A 419 19.21 48.72 7.10
CA THR A 419 19.52 47.42 6.51
C THR A 419 20.50 46.66 7.40
N ALA A 420 20.16 45.41 7.73
CA ALA A 420 20.96 44.58 8.60
C ALA A 420 21.28 43.26 7.93
N VAL A 421 22.39 42.64 8.35
CA VAL A 421 22.84 41.36 7.80
C VAL A 421 22.99 40.37 8.95
N LEU A 422 22.49 39.15 8.72
CA LEU A 422 22.62 38.04 9.66
C LEU A 422 23.21 36.86 8.92
N GLY A 423 24.54 36.78 8.86
CA GLY A 423 25.19 35.71 8.15
C GLY A 423 25.29 35.98 6.66
N ASN A 424 24.51 35.26 5.87
CA ASN A 424 24.55 35.37 4.42
C ASN A 424 23.27 35.94 3.83
N VAL A 425 22.50 36.71 4.59
CA VAL A 425 21.24 37.27 4.12
C VAL A 425 21.22 38.77 4.42
N ILE A 426 20.76 39.55 3.44
CA ILE A 426 20.57 40.98 3.59
C ILE A 426 19.08 41.25 3.68
N ILE A 427 18.65 41.96 4.72
CA ILE A 427 17.24 42.19 4.99
C ILE A 427 17.01 43.69 5.19
N SER A 428 15.87 44.16 4.68
CA SER A 428 15.43 45.54 4.88
C SER A 428 14.29 45.55 5.88
N LEU A 429 14.29 46.54 6.77
CA LEU A 429 13.40 46.56 7.92
C LEU A 429 12.45 47.75 7.86
N GLY A 430 11.32 47.59 8.56
CA GLY A 430 10.32 48.63 8.67
C GLY A 430 10.46 49.41 9.96
N LYS A 431 9.33 49.96 10.42
CA LYS A 431 9.28 50.77 11.62
C LYS A 431 8.45 50.06 12.69
N TYR A 432 8.88 50.18 13.95
CA TYR A 432 8.18 49.55 15.05
C TYR A 432 7.07 50.44 15.58
N LEU A 433 5.89 49.86 15.81
CA LEU A 433 4.76 50.57 16.39
C LEU A 433 4.64 50.17 17.86
N GLY A 434 5.01 51.09 18.73
CA GLY A 434 4.98 50.82 20.16
C GLY A 434 5.85 51.83 20.89
N SER A 435 6.33 51.41 22.06
CA SER A 435 7.16 52.27 22.89
C SER A 435 8.50 52.55 22.20
N VAL A 436 8.97 53.79 22.33
CA VAL A 436 10.25 54.17 21.73
C VAL A 436 11.42 53.78 22.62
N ASN A 437 11.16 53.43 23.87
CA ASN A 437 12.20 53.03 24.81
C ASN A 437 12.21 51.52 25.05
N TYR A 438 12.00 50.72 23.99
CA TYR A 438 11.90 49.28 24.15
C TYR A 438 13.19 48.68 24.70
N ASN A 439 14.34 49.14 24.19
CA ASN A 439 15.61 48.53 24.55
C ASN A 439 16.18 49.04 25.86
N SER A 440 15.52 49.98 26.53
CA SER A 440 16.00 50.53 27.79
C SER A 440 15.19 50.07 29.00
N GLU A 441 14.26 49.14 28.83
CA GLU A 441 13.37 48.70 29.91
C GLU A 441 13.51 47.20 30.11
N GLY A 442 13.64 46.77 31.36
CA GLY A 442 13.76 45.36 31.69
C GLY A 442 12.48 44.78 32.24
N ILE A 443 12.53 43.47 32.51
CA ILE A 443 11.39 42.71 33.01
C ILE A 443 11.87 41.69 34.05
N ALA A 444 10.92 40.92 34.56
CA ALA A 444 11.20 39.87 35.53
C ALA A 444 11.03 38.50 34.88
N ILE A 445 11.64 37.49 35.49
CA ILE A 445 11.64 36.13 34.95
C ILE A 445 11.14 35.16 36.01
N GLY A 446 10.69 34.00 35.55
CA GLY A 446 10.12 32.99 36.43
C GLY A 446 11.10 31.92 36.84
N PRO A 447 10.60 30.81 37.36
CA PRO A 447 11.47 29.72 37.84
C PRO A 447 11.76 28.72 36.74
N PRO A 448 12.90 28.02 36.83
CA PRO A 448 13.20 26.99 35.84
C PRO A 448 12.48 25.68 36.15
N VAL A 449 12.22 24.91 35.09
CA VAL A 449 11.54 23.62 35.20
C VAL A 449 12.21 22.61 34.29
N PHE A 450 11.89 21.33 34.52
CA PHE A 450 12.33 20.22 33.68
C PHE A 450 11.11 19.46 33.21
N THR A 451 11.09 19.11 31.92
CA THR A 451 9.90 18.54 31.30
C THR A 451 10.11 17.12 30.79
N ASP A 452 11.17 16.45 31.20
CA ASP A 452 11.38 15.07 30.79
C ASP A 452 10.43 14.13 31.53
N LYS A 453 10.05 13.04 30.86
CA LYS A 453 9.08 12.11 31.44
C LYS A 453 9.62 11.48 32.72
N VAL A 454 10.88 11.06 32.72
CA VAL A 454 11.48 10.47 33.92
C VAL A 454 11.65 11.53 35.00
N ASP A 455 11.99 12.76 34.61
CA ASP A 455 12.23 13.80 35.60
C ASP A 455 10.96 14.17 36.36
N ILE A 456 9.79 13.96 35.74
CA ILE A 456 8.53 14.24 36.42
C ILE A 456 8.38 13.35 37.65
N SER A 457 8.69 12.07 37.50
CA SER A 457 8.59 11.15 38.63
C SER A 457 9.59 11.51 39.73
N SER A 458 10.81 11.90 39.34
CA SER A 458 11.83 12.25 40.32
C SER A 458 11.45 13.50 41.11
N GLN A 459 10.89 14.50 40.44
CA GLN A 459 10.55 15.74 41.11
C GLN A 459 9.43 15.56 42.12
N ILE A 460 8.47 14.68 41.83
CA ILE A 460 7.38 14.41 42.76
C ILE A 460 7.91 13.78 44.04
N SER A 461 8.85 12.83 43.90
CA SER A 461 9.39 12.16 45.08
C SER A 461 10.12 13.13 45.99
N SER A 462 10.91 14.03 45.41
CA SER A 462 11.67 14.98 46.23
C SER A 462 10.75 15.91 47.01
N MET A 463 9.68 16.38 46.38
CA MET A 463 8.78 17.31 47.04
C MET A 463 8.08 16.65 48.23
N ASN A 464 7.66 15.38 48.07
CA ASN A 464 6.96 14.70 49.16
C ASN A 464 7.86 14.52 50.38
N GLN A 465 9.12 14.15 50.17
CA GLN A 465 10.03 13.93 51.28
C GLN A 465 10.25 15.22 52.06
N SER A 466 10.41 16.34 51.36
CA SER A 466 10.55 17.63 52.04
C SER A 466 9.27 18.00 52.77
N LEU A 467 8.11 17.72 52.17
CA LEU A 467 6.84 18.02 52.82
C LEU A 467 6.66 17.18 54.08
N GLN A 468 7.01 15.89 54.01
CA GLN A 468 6.86 15.02 55.17
C GLN A 468 7.80 15.42 56.29
N GLN A 469 9.01 15.85 55.95
CA GLN A 469 9.98 16.26 56.97
C GLN A 469 9.47 17.47 57.75
N SER A 470 8.87 18.45 57.06
CA SER A 470 8.36 19.63 57.73
C SER A 470 7.21 19.27 58.67
N LYS A 471 6.36 18.31 58.28
CA LYS A 471 5.23 17.93 59.12
C LYS A 471 5.70 17.29 60.43
N ASP A 472 6.81 16.54 60.38
CA ASP A 472 7.33 15.92 61.59
C ASP A 472 7.74 16.96 62.62
N TYR A 473 8.39 18.03 62.18
CA TYR A 473 8.75 19.11 63.10
C TYR A 473 7.51 19.81 63.63
N ILE A 474 6.47 19.93 62.80
CA ILE A 474 5.22 20.56 63.24
C ILE A 474 4.61 19.78 64.39
N LYS A 475 4.63 18.45 64.30
CA LYS A 475 4.11 17.62 65.39
C LYS A 475 4.91 17.83 66.67
N ILE B 27 32.02 9.03 34.45
CA ILE B 27 32.38 8.79 35.84
C ILE B 27 31.26 8.03 36.56
N LEU B 28 30.51 7.24 35.80
CA LEU B 28 29.44 6.44 36.37
C LEU B 28 30.00 5.34 37.27
N HIS B 29 29.25 5.04 38.32
CA HIS B 29 29.62 4.02 39.30
C HIS B 29 28.84 2.76 38.99
N TYR B 30 29.44 1.89 38.19
CA TYR B 30 28.73 0.69 37.71
C TYR B 30 28.51 -0.31 38.84
N GLU B 31 29.46 -0.41 39.77
CA GLU B 31 29.36 -1.41 40.82
C GLU B 31 28.13 -1.17 41.71
N LYS B 32 27.90 0.08 42.11
CA LYS B 32 26.75 0.38 42.95
C LYS B 32 25.45 0.28 42.15
N LEU B 33 25.48 0.68 40.88
CA LEU B 33 24.28 0.61 40.05
C LEU B 33 23.89 -0.84 39.76
N SER B 34 24.84 -1.76 39.80
CA SER B 34 24.54 -3.15 39.53
C SER B 34 23.64 -3.75 40.61
N LYS B 35 23.88 -3.40 41.88
CA LYS B 35 23.09 -3.95 42.97
C LYS B 35 21.65 -3.45 42.96
N ILE B 36 21.39 -2.32 42.30
CA ILE B 36 20.03 -1.83 42.13
C ILE B 36 19.29 -2.58 41.02
N GLY B 37 20.01 -3.21 40.10
CA GLY B 37 19.39 -3.90 38.99
C GLY B 37 19.70 -3.31 37.63
N LEU B 38 20.76 -2.52 37.51
CA LEU B 38 21.16 -1.89 36.25
C LEU B 38 22.47 -2.51 35.80
N VAL B 39 22.43 -3.23 34.69
CA VAL B 39 23.58 -3.92 34.14
C VAL B 39 24.01 -3.19 32.88
N LYS B 40 25.30 -2.86 32.79
CA LYS B 40 25.80 -2.09 31.66
C LYS B 40 25.78 -2.92 30.38
N GLY B 41 25.60 -2.25 29.25
CA GLY B 41 25.52 -2.91 27.97
C GLY B 41 26.57 -2.47 26.97
N VAL B 42 26.15 -2.21 25.73
CA VAL B 42 27.09 -1.85 24.68
C VAL B 42 27.29 -0.34 24.64
N THR B 43 28.48 0.08 24.25
CA THR B 43 28.82 1.49 24.08
C THR B 43 28.84 1.81 22.59
N ARG B 44 28.27 2.95 22.22
CA ARG B 44 28.11 3.33 20.82
C ARG B 44 28.61 4.75 20.59
N LYS B 45 28.82 5.08 19.31
CA LYS B 45 29.30 6.40 18.94
C LYS B 45 28.15 7.29 18.49
N TYR B 46 28.44 8.58 18.35
CA TYR B 46 27.45 9.59 18.00
C TYR B 46 27.92 10.34 16.75
N LYS B 47 27.03 10.46 15.76
CA LYS B 47 27.36 11.11 14.50
C LYS B 47 26.13 11.77 13.91
N ILE B 48 26.36 12.87 13.18
CA ILE B 48 25.31 13.66 12.58
C ILE B 48 25.68 13.97 11.13
N LYS B 49 24.67 14.27 10.32
CA LYS B 49 24.88 14.55 8.90
C LYS B 49 25.41 15.97 8.69
N SER B 50 26.00 16.20 7.51
CA SER B 50 26.52 17.52 7.15
C SER B 50 26.94 17.49 5.69
N ASN B 51 27.24 18.70 5.16
CA ASN B 51 27.82 18.92 3.84
C ASN B 51 27.03 18.25 2.71
N PRO B 52 25.85 18.77 2.36
CA PRO B 52 25.07 18.14 1.29
C PRO B 52 25.55 18.55 -0.10
N LEU B 53 25.25 17.71 -1.08
CA LEU B 53 25.41 18.02 -2.49
C LEU B 53 24.05 18.19 -3.15
N THR B 54 24.05 18.61 -4.41
CA THR B 54 22.80 18.97 -5.08
C THR B 54 22.72 18.34 -6.46
N LYS B 55 21.52 17.88 -6.81
CA LYS B 55 21.19 17.41 -8.15
C LYS B 55 19.73 17.76 -8.45
N ASP B 56 19.40 17.80 -9.74
CA ASP B 56 18.08 18.23 -10.19
C ASP B 56 17.43 17.15 -11.05
N ILE B 57 16.13 16.94 -10.86
CA ILE B 57 15.34 15.98 -11.63
C ILE B 57 14.03 16.64 -12.03
N VAL B 58 13.38 16.05 -13.03
CA VAL B 58 12.11 16.53 -13.55
C VAL B 58 11.10 15.38 -13.49
N ILE B 59 9.91 15.66 -12.96
CA ILE B 59 8.84 14.69 -12.85
C ILE B 59 7.65 15.17 -13.68
N LYS B 60 7.15 14.30 -14.55
CA LYS B 60 6.02 14.61 -15.42
C LYS B 60 4.80 13.86 -14.93
N MET B 61 3.70 14.58 -14.72
CA MET B 61 2.52 14.04 -14.06
C MET B 61 1.39 13.70 -15.04
N ILE B 62 1.68 13.66 -16.34
CA ILE B 62 0.64 13.32 -17.32
C ILE B 62 1.21 12.34 -18.34
N PRO B 63 0.51 11.24 -18.63
CA PRO B 63 1.01 10.27 -19.60
C PRO B 63 0.69 10.67 -21.04
N ASN B 64 1.29 9.93 -21.96
CA ASN B 64 1.11 10.14 -23.39
C ASN B 64 0.22 9.03 -23.94
N VAL B 65 -0.87 9.41 -24.59
CA VAL B 65 -1.86 8.47 -25.11
C VAL B 65 -1.97 8.56 -26.63
N SER B 66 -0.86 8.87 -27.31
CA SER B 66 -0.92 9.10 -28.75
C SER B 66 -1.29 7.84 -29.53
N ASN B 67 -0.87 6.67 -29.06
CA ASN B 67 -1.09 5.42 -29.78
C ASN B 67 -2.41 4.75 -29.40
N MET B 68 -3.24 5.39 -28.58
CA MET B 68 -4.55 4.86 -28.23
C MET B 68 -5.62 5.94 -28.21
N SER B 69 -5.41 7.04 -28.93
CA SER B 69 -6.22 8.24 -28.74
C SER B 69 -7.58 8.15 -29.42
N GLN B 70 -7.81 7.12 -30.24
CA GLN B 70 -9.03 7.06 -31.02
C GLN B 70 -10.30 7.03 -30.16
N CYS B 71 -10.32 6.27 -29.07
CA CYS B 71 -11.50 6.18 -28.22
C CYS B 71 -11.10 6.31 -26.75
N THR B 72 -10.33 7.37 -26.44
CA THR B 72 -10.02 7.73 -25.06
C THR B 72 -11.16 8.41 -24.34
N GLY B 73 -12.21 8.84 -25.05
CA GLY B 73 -13.32 9.50 -24.39
C GLY B 73 -12.93 10.89 -23.92
N SER B 74 -13.47 11.29 -22.76
CA SER B 74 -13.21 12.61 -22.19
C SER B 74 -12.57 12.55 -20.81
N VAL B 75 -11.90 11.44 -20.47
CA VAL B 75 -11.32 11.30 -19.13
C VAL B 75 -10.16 12.26 -18.94
N MET B 76 -9.41 12.54 -20.00
CA MET B 76 -8.21 13.37 -19.88
C MET B 76 -8.54 14.80 -19.49
N GLU B 77 -9.61 15.37 -20.05
CA GLU B 77 -10.00 16.73 -19.69
C GLU B 77 -10.40 16.83 -18.23
N ASN B 78 -11.16 15.85 -17.74
CA ASN B 78 -11.53 15.83 -16.32
C ASN B 78 -10.31 15.67 -15.43
N TYR B 79 -9.36 14.83 -15.85
CA TYR B 79 -8.13 14.66 -15.09
C TYR B 79 -7.34 15.96 -15.02
N LYS B 80 -7.26 16.69 -16.14
CA LYS B 80 -6.59 17.98 -16.15
C LYS B 80 -7.28 18.97 -15.22
N THR B 81 -8.62 19.01 -15.27
CA THR B 81 -9.35 19.93 -14.40
C THR B 81 -9.13 19.60 -12.94
N ARG B 82 -9.09 18.32 -12.59
CA ARG B 82 -8.83 17.92 -11.21
C ARG B 82 -7.40 18.28 -10.79
N LEU B 83 -6.44 18.09 -11.69
CA LEU B 83 -5.04 18.30 -11.33
C LEU B 83 -4.68 19.77 -11.21
N ASN B 84 -5.33 20.63 -12.01
CA ASN B 84 -5.00 22.04 -11.99
C ASN B 84 -5.31 22.67 -10.64
N GLY B 85 -6.45 22.32 -10.05
CA GLY B 85 -6.82 22.86 -8.75
C GLY B 85 -5.95 22.37 -7.62
N ILE B 86 -5.27 21.23 -7.80
CA ILE B 86 -4.32 20.77 -6.80
C ILE B 86 -2.97 21.46 -6.99
N LEU B 87 -2.56 21.67 -8.24
CA LEU B 87 -1.25 22.27 -8.51
C LEU B 87 -1.22 23.78 -8.25
N THR B 88 -2.35 24.46 -8.37
CA THR B 88 -2.34 25.92 -8.24
C THR B 88 -1.87 26.43 -6.88
N PRO B 89 -2.35 25.92 -5.73
CA PRO B 89 -1.92 26.51 -4.45
C PRO B 89 -0.43 26.46 -4.21
N ILE B 90 0.25 25.42 -4.67
CA ILE B 90 1.70 25.32 -4.46
C ILE B 90 2.41 26.46 -5.19
N LYS B 91 2.03 26.70 -6.44
CA LYS B 91 2.61 27.82 -7.19
C LYS B 91 2.27 29.15 -6.53
N GLY B 92 1.03 29.30 -6.05
CA GLY B 92 0.66 30.53 -5.37
C GLY B 92 1.49 30.79 -4.13
N ALA B 93 1.78 29.74 -3.36
CA ALA B 93 2.61 29.90 -2.17
C ALA B 93 4.07 30.18 -2.55
N LEU B 94 4.55 29.55 -3.63
CA LEU B 94 5.94 29.76 -4.03
C LEU B 94 6.18 31.16 -4.58
N GLU B 95 5.16 31.77 -5.20
CA GLU B 95 5.36 33.07 -5.84
C GLU B 95 5.64 34.17 -4.83
N ILE B 96 5.40 33.92 -3.54
CA ILE B 96 5.60 34.96 -2.54
C ILE B 96 7.08 35.33 -2.42
N TYR B 97 7.96 34.31 -2.32
CA TYR B 97 9.38 34.58 -2.15
C TYR B 97 10.06 34.95 -3.46
N LYS B 98 9.49 34.55 -4.59
CA LYS B 98 10.08 34.89 -5.88
C LYS B 98 10.07 36.40 -6.12
N ASN B 99 8.98 37.07 -5.74
CA ASN B 99 8.82 38.49 -6.04
C ASN B 99 9.76 39.36 -5.23
N ASN B 100 9.96 39.05 -3.95
CA ASN B 100 10.63 39.95 -3.02
C ASN B 100 12.09 39.61 -2.79
N THR B 101 12.67 38.72 -3.60
CA THR B 101 14.08 38.37 -3.51
C THR B 101 14.79 38.80 -4.78
N HIS B 102 15.88 39.55 -4.63
CA HIS B 102 16.64 40.05 -5.76
C HIS B 102 18.12 40.12 -5.40
N ASP B 103 18.96 40.15 -6.44
CA ASP B 103 20.40 40.21 -6.24
C ASP B 103 20.83 41.61 -5.86
N CYS B 104 21.80 41.71 -4.95
CA CYS B 104 22.28 43.00 -4.48
C CYS B 104 23.71 42.89 -3.95
N GLY B 112 24.75 37.03 -0.08
CA GLY B 112 24.82 38.23 -0.88
C GLY B 112 23.54 38.49 -1.66
N VAL B 113 22.39 38.24 -1.02
CA VAL B 113 21.09 38.44 -1.63
C VAL B 113 20.25 39.33 -0.71
N CYS B 114 19.34 40.07 -1.31
CA CYS B 114 18.48 41.00 -0.59
C CYS B 114 17.04 40.50 -0.57
N MET B 115 16.34 40.80 0.52
CA MET B 115 14.92 40.53 0.65
C MET B 115 14.21 41.75 1.19
N ALA B 116 12.96 41.95 0.78
CA ALA B 116 12.13 43.02 1.30
C ALA B 116 11.40 42.50 2.54
N GLY B 117 11.89 42.89 3.71
CA GLY B 117 11.28 42.41 4.95
C GLY B 117 9.86 42.92 5.14
N VAL B 118 9.59 44.15 4.70
CA VAL B 118 8.26 44.73 4.87
C VAL B 118 7.20 43.96 4.10
N ALA B 119 7.50 43.51 2.89
CA ALA B 119 6.51 42.79 2.10
C ALA B 119 6.24 41.39 2.62
N ILE B 120 7.25 40.70 3.15
CA ILE B 120 7.05 39.36 3.66
C ILE B 120 6.22 39.37 4.94
N GLY B 121 6.53 40.28 5.87
CA GLY B 121 5.75 40.43 7.07
C GLY B 121 6.10 39.47 8.20
N ILE B 122 5.70 38.22 8.09
CA ILE B 122 5.90 37.21 9.12
C ILE B 122 6.70 36.07 8.52
N ALA B 123 7.80 35.69 9.17
CA ALA B 123 8.63 34.60 8.71
C ALA B 123 9.51 34.11 9.85
N THR B 124 10.08 32.93 9.68
CA THR B 124 11.02 32.34 10.62
C THR B 124 12.40 32.19 9.97
N ALA B 125 13.39 31.84 10.79
CA ALA B 125 14.75 31.67 10.28
C ALA B 125 14.84 30.56 9.24
N ALA B 126 14.16 29.43 9.50
CA ALA B 126 14.18 28.32 8.55
C ALA B 126 13.58 28.72 7.22
N GLN B 127 12.48 29.49 7.25
CA GLN B 127 11.86 29.94 6.01
C GLN B 127 12.79 30.87 5.23
N ILE B 128 13.50 31.76 5.93
CA ILE B 128 14.44 32.66 5.25
C ILE B 128 15.58 31.87 4.62
N THR B 129 16.12 30.90 5.34
CA THR B 129 17.20 30.07 4.78
C THR B 129 16.71 29.29 3.57
N ALA B 130 15.50 28.73 3.65
CA ALA B 130 14.95 28.01 2.51
C ALA B 130 14.68 28.94 1.33
N GLY B 131 14.31 30.19 1.59
CA GLY B 131 14.16 31.15 0.51
C GLY B 131 15.46 31.47 -0.16
N VAL B 132 16.54 31.62 0.62
CA VAL B 132 17.86 31.81 0.02
C VAL B 132 18.24 30.61 -0.85
N ALA B 133 18.01 29.40 -0.32
CA ALA B 133 18.34 28.19 -1.09
C ALA B 133 17.52 28.12 -2.37
N LEU B 134 16.24 28.49 -2.30
CA LEU B 134 15.40 28.53 -3.50
C LEU B 134 15.92 29.52 -4.51
N TYR B 135 16.36 30.71 -4.05
CA TYR B 135 16.88 31.72 -4.97
C TYR B 135 18.16 31.24 -5.63
N GLU B 136 18.97 30.43 -4.94
CA GLU B 136 20.22 29.96 -5.53
C GLU B 136 20.02 29.05 -6.73
N ALA B 137 18.82 28.53 -6.96
CA ALA B 137 18.59 27.57 -8.03
C ALA B 137 17.94 28.17 -9.27
N MET B 138 17.78 29.50 -9.32
CA MET B 138 17.09 30.13 -10.45
C MET B 138 17.83 29.94 -11.76
N LYS B 139 19.16 30.01 -11.73
CA LYS B 139 19.93 29.83 -12.97
C LYS B 139 19.73 28.44 -13.54
N ASN B 140 19.80 27.40 -12.70
CA ASN B 140 19.59 26.04 -13.15
C ASN B 140 18.16 25.83 -13.65
N ALA B 141 17.18 26.40 -12.92
CA ALA B 141 15.79 26.28 -13.37
C ALA B 141 15.58 26.92 -14.73
N ASP B 142 16.15 28.11 -14.94
CA ASP B 142 16.01 28.77 -16.23
C ASP B 142 16.70 28.01 -17.34
N ASN B 143 17.88 27.43 -17.07
CA ASN B 143 18.56 26.62 -18.07
C ASN B 143 17.73 25.39 -18.43
N ILE B 144 17.12 24.75 -17.44
CA ILE B 144 16.32 23.55 -17.70
C ILE B 144 15.06 23.90 -18.47
N ASN B 145 14.46 25.06 -18.18
CA ASN B 145 13.16 25.41 -18.75
C ASN B 145 13.17 25.59 -20.26
N LYS B 146 14.34 25.71 -20.89
CA LYS B 146 14.40 25.91 -22.33
C LYS B 146 14.09 24.65 -23.13
N LEU B 147 13.96 23.50 -22.48
CA LEU B 147 13.65 22.24 -23.15
C LEU B 147 12.20 21.82 -22.98
N LYS B 148 11.26 22.78 -22.97
CA LYS B 148 9.86 22.45 -22.74
C LYS B 148 9.29 21.57 -23.84
N SER B 149 9.64 21.88 -25.10
CA SER B 149 9.14 21.08 -26.21
C SER B 149 9.64 19.65 -26.15
N SER B 150 10.91 19.46 -25.78
CA SER B 150 11.45 18.12 -25.63
C SER B 150 10.80 17.39 -24.46
N ILE B 151 10.53 18.11 -23.37
CA ILE B 151 9.90 17.49 -22.20
C ILE B 151 8.50 17.01 -22.55
N GLU B 152 7.74 17.83 -23.26
CA GLU B 152 6.35 17.50 -23.58
C GLU B 152 6.22 16.35 -24.57
N SER B 153 7.29 15.92 -25.22
CA SER B 153 7.20 14.89 -26.24
C SER B 153 7.69 13.52 -25.78
N THR B 154 8.17 13.41 -24.55
CA THR B 154 8.68 12.13 -24.06
C THR B 154 7.55 11.11 -23.94
N ASN B 155 7.87 9.84 -24.24
CA ASN B 155 6.88 8.78 -24.18
C ASN B 155 7.45 7.51 -23.54
N GLU B 156 8.40 7.65 -22.63
CA GLU B 156 8.98 6.51 -21.92
C GLU B 156 9.03 6.82 -20.43
N ALA B 157 9.09 5.76 -19.62
CA ALA B 157 9.10 5.93 -18.17
C ALA B 157 10.35 6.69 -17.72
N VAL B 158 11.51 6.34 -18.26
CA VAL B 158 12.77 7.02 -17.94
C VAL B 158 13.41 7.48 -19.24
N VAL B 159 13.69 8.78 -19.34
CA VAL B 159 14.30 9.38 -20.51
C VAL B 159 15.46 10.25 -20.07
N LYS B 160 16.54 10.21 -20.83
CA LYS B 160 17.72 11.03 -20.58
C LYS B 160 17.78 12.18 -21.58
N LEU B 161 17.86 13.41 -21.07
CA LEU B 161 17.92 14.60 -21.90
C LEU B 161 19.25 15.29 -21.71
N GLN B 162 19.71 15.97 -22.76
CA GLN B 162 20.99 16.67 -22.76
C GLN B 162 20.73 18.17 -22.59
N GLU B 163 20.82 18.65 -21.35
CA GLU B 163 20.67 20.07 -21.06
C GLU B 163 21.78 20.90 -21.68
N THR B 164 23.03 20.52 -21.44
CA THR B 164 24.18 21.20 -22.03
C THR B 164 25.16 20.14 -22.51
N ALA B 165 26.28 20.61 -23.05
CA ALA B 165 27.31 19.70 -23.53
C ALA B 165 27.97 18.92 -22.39
N GLU B 166 27.83 19.39 -21.15
CA GLU B 166 28.47 18.77 -20.01
C GLU B 166 27.50 18.29 -18.93
N LYS B 167 26.22 18.62 -19.04
CA LYS B 167 25.25 18.26 -18.01
C LYS B 167 24.03 17.63 -18.66
N THR B 168 23.41 16.69 -17.94
CA THR B 168 22.24 15.97 -18.42
C THR B 168 21.14 16.02 -17.37
N VAL B 169 19.89 15.86 -17.84
CA VAL B 169 18.71 15.91 -16.98
C VAL B 169 17.86 14.68 -17.26
N TYR B 170 17.30 14.10 -16.19
CA TYR B 170 16.46 12.92 -16.29
C TYR B 170 15.00 13.29 -16.09
N VAL B 171 14.13 12.65 -16.87
CA VAL B 171 12.68 12.91 -16.84
C VAL B 171 11.98 11.60 -16.51
N PHE B 172 11.02 11.67 -15.58
CA PHE B 172 10.25 10.51 -15.16
C PHE B 172 8.77 10.77 -15.41
N THR B 173 8.06 9.77 -15.91
CA THR B 173 6.65 9.87 -16.26
C THR B 173 5.85 9.00 -15.30
N ALA B 174 4.64 9.47 -14.96
CA ALA B 174 3.87 8.82 -13.89
C ALA B 174 3.37 7.45 -14.31
N LEU B 175 2.55 7.37 -15.37
CA LEU B 175 1.87 6.13 -15.71
C LEU B 175 2.15 5.69 -17.15
N GLN B 176 3.34 5.97 -17.68
CA GLN B 176 3.64 5.58 -19.06
C GLN B 176 3.82 4.08 -19.19
N ASP B 177 4.42 3.43 -18.18
CA ASP B 177 4.71 2.00 -18.28
C ASP B 177 3.45 1.17 -18.39
N TYR B 178 2.44 1.48 -17.58
CA TYR B 178 1.20 0.72 -17.60
C TYR B 178 0.51 0.81 -18.96
N ILE B 179 0.43 2.01 -19.52
CA ILE B 179 -0.19 2.19 -20.82
C ILE B 179 0.61 1.48 -21.90
N ASN B 180 1.94 1.61 -21.86
CA ASN B 180 2.77 0.98 -22.88
C ASN B 180 2.72 -0.55 -22.80
N THR B 181 2.48 -1.10 -21.62
CA THR B 181 2.54 -2.55 -21.43
C THR B 181 1.19 -3.24 -21.57
N ASN B 182 0.13 -2.74 -20.92
CA ASN B 182 -1.13 -3.47 -20.84
C ASN B 182 -2.16 -2.98 -21.84
N LEU B 183 -2.46 -1.68 -21.84
CA LEU B 183 -3.61 -1.17 -22.59
C LEU B 183 -3.39 -1.26 -24.10
N VAL B 184 -2.22 -0.82 -24.57
CA VAL B 184 -1.99 -0.74 -26.01
C VAL B 184 -2.01 -2.11 -26.68
N PRO B 185 -1.30 -3.14 -26.20
CA PRO B 185 -1.35 -4.45 -26.88
C PRO B 185 -2.73 -5.08 -26.89
N THR B 186 -3.57 -4.80 -25.91
CA THR B 186 -4.89 -5.43 -25.79
C THR B 186 -5.99 -4.63 -26.47
N ILE B 187 -5.65 -3.53 -27.13
CA ILE B 187 -6.64 -2.61 -27.67
C ILE B 187 -7.52 -3.26 -28.74
N ASP B 188 -7.04 -4.31 -29.41
CA ASP B 188 -7.74 -4.89 -30.54
C ASP B 188 -8.47 -6.18 -30.20
N LYS B 189 -8.60 -6.54 -28.92
CA LYS B 189 -9.26 -7.77 -28.52
C LYS B 189 -10.56 -7.55 -27.76
N ILE B 190 -10.78 -6.36 -27.21
CA ILE B 190 -12.00 -6.07 -26.46
C ILE B 190 -12.55 -4.73 -26.90
N PRO B 191 -13.86 -4.52 -26.72
CA PRO B 191 -14.42 -3.19 -26.93
C PRO B 191 -13.74 -2.19 -26.01
N CYS B 192 -13.47 -0.99 -26.56
CA CYS B 192 -12.57 -0.08 -25.87
C CYS B 192 -13.29 0.80 -24.86
N LYS B 193 -14.60 0.61 -24.68
CA LYS B 193 -15.27 1.21 -23.53
C LYS B 193 -14.70 0.66 -22.23
N GLN B 194 -14.40 -0.64 -22.21
CA GLN B 194 -13.73 -1.23 -21.05
C GLN B 194 -12.34 -0.63 -20.86
N THR B 195 -11.64 -0.35 -21.96
CA THR B 195 -10.33 0.32 -21.85
C THR B 195 -10.49 1.74 -21.28
N GLU B 196 -11.54 2.45 -21.68
CA GLU B 196 -11.82 3.76 -21.12
C GLU B 196 -12.04 3.66 -19.61
N LEU B 197 -12.84 2.67 -19.19
CA LEU B 197 -13.11 2.48 -17.78
C LEU B 197 -11.84 2.14 -17.02
N SER B 198 -11.00 1.28 -17.60
CA SER B 198 -9.74 0.90 -16.94
C SER B 198 -8.81 2.11 -16.80
N LEU B 199 -8.70 2.92 -17.86
CA LEU B 199 -7.86 4.12 -17.78
C LEU B 199 -8.38 5.10 -16.74
N ASP B 200 -9.71 5.29 -16.69
CA ASP B 200 -10.27 6.18 -15.68
C ASP B 200 -10.01 5.65 -14.27
N LEU B 201 -10.15 4.35 -14.07
CA LEU B 201 -9.89 3.76 -12.76
C LEU B 201 -8.42 3.92 -12.36
N ALA B 202 -7.51 3.72 -13.32
CA ALA B 202 -6.09 3.90 -13.03
C ALA B 202 -5.77 5.33 -12.65
N LEU B 203 -6.33 6.29 -13.39
CA LEU B 203 -6.10 7.69 -13.07
C LEU B 203 -6.68 8.05 -11.70
N SER B 204 -7.87 7.54 -11.39
CA SER B 204 -8.46 7.80 -10.07
C SER B 204 -7.63 7.20 -8.95
N LYS B 205 -7.11 5.99 -9.15
CA LYS B 205 -6.25 5.39 -8.14
C LYS B 205 -4.97 6.19 -7.94
N TYR B 206 -4.38 6.66 -9.04
CA TYR B 206 -3.18 7.49 -8.93
C TYR B 206 -3.48 8.78 -8.17
N LEU B 207 -4.61 9.40 -8.46
CA LEU B 207 -4.99 10.63 -7.74
C LEU B 207 -5.23 10.34 -6.26
N SER B 208 -5.88 9.22 -5.95
CA SER B 208 -6.11 8.84 -4.56
C SER B 208 -4.80 8.62 -3.81
N ASP B 209 -3.82 7.98 -4.43
CA ASP B 209 -2.51 7.81 -3.82
C ASP B 209 -1.76 9.14 -3.69
N LEU B 210 -1.94 10.04 -4.65
CA LEU B 210 -1.19 11.31 -4.63
C LEU B 210 -1.74 12.29 -3.61
N LEU B 211 -3.06 12.25 -3.37
CA LEU B 211 -3.69 13.30 -2.56
C LEU B 211 -3.20 13.30 -1.11
N PHE B 212 -2.53 12.24 -0.67
CA PHE B 212 -2.12 12.17 0.73
C PHE B 212 -0.99 13.13 1.05
N VAL B 213 -0.08 13.35 0.11
CA VAL B 213 1.14 14.11 0.37
C VAL B 213 1.01 15.55 -0.11
N PHE B 214 0.54 15.77 -1.33
CA PHE B 214 0.51 17.09 -1.95
C PHE B 214 -0.81 17.81 -1.75
N GLY B 215 -1.70 17.31 -0.90
CA GLY B 215 -2.96 17.94 -0.66
C GLY B 215 -2.85 19.17 0.22
N PRO B 216 -3.93 19.49 0.94
CA PRO B 216 -3.92 20.66 1.83
C PRO B 216 -2.88 20.57 2.94
N ASN B 217 -2.38 19.37 3.21
CA ASN B 217 -1.38 19.19 4.26
C ASN B 217 -0.09 19.94 3.94
N LEU B 218 0.19 20.18 2.67
CA LEU B 218 1.41 20.89 2.25
C LEU B 218 1.18 22.40 2.39
N GLN B 219 1.21 22.84 3.65
CA GLN B 219 0.99 24.25 3.94
C GLN B 219 2.21 25.11 3.62
N ASP B 220 3.42 24.58 3.87
CA ASP B 220 4.65 25.34 3.69
C ASP B 220 5.59 24.57 2.77
N PRO B 221 5.50 24.78 1.46
CA PRO B 221 6.42 24.10 0.54
C PRO B 221 7.78 24.77 0.42
N VAL B 222 8.02 25.88 1.11
CA VAL B 222 9.29 26.58 1.01
C VAL B 222 10.40 25.78 1.68
N SER B 223 10.12 25.15 2.82
CA SER B 223 11.15 24.44 3.57
C SER B 223 11.67 23.24 2.77
N ASN B 224 12.81 22.73 3.20
CA ASN B 224 13.48 21.61 2.53
C ASN B 224 13.64 20.42 3.47
N SER B 225 12.64 20.17 4.33
CA SER B 225 12.70 19.07 5.26
C SER B 225 11.92 17.84 4.80
N MET B 226 11.35 17.87 3.60
CA MET B 226 10.59 16.73 3.10
C MET B 226 11.54 15.64 2.61
N THR B 227 11.31 14.40 3.02
CA THR B 227 12.17 13.30 2.65
C THR B 227 11.87 12.84 1.22
N ILE B 228 12.81 12.09 0.66
CA ILE B 228 12.66 11.61 -0.71
C ILE B 228 11.59 10.54 -0.79
N GLN B 229 11.34 9.82 0.30
CA GLN B 229 10.30 8.78 0.29
C GLN B 229 8.92 9.39 0.06
N ALA B 230 8.64 10.52 0.71
CA ALA B 230 7.36 11.20 0.50
C ALA B 230 7.26 11.76 -0.91
N ILE B 231 8.38 12.30 -1.42
CA ILE B 231 8.39 12.87 -2.76
C ILE B 231 8.15 11.80 -3.81
N SER B 232 8.64 10.57 -3.56
CA SER B 232 8.51 9.49 -4.54
C SER B 232 7.05 9.07 -4.76
N GLN B 233 6.12 9.52 -3.91
CA GLN B 233 4.72 9.18 -4.11
C GLN B 233 4.18 9.70 -5.43
N ALA B 234 4.80 10.75 -5.99
CA ALA B 234 4.41 11.23 -7.31
C ALA B 234 4.87 10.30 -8.43
N PHE B 235 5.70 9.32 -8.10
CA PHE B 235 6.19 8.34 -9.06
C PHE B 235 5.77 6.93 -8.65
N GLY B 236 4.71 6.85 -7.84
CA GLY B 236 4.24 5.56 -7.37
C GLY B 236 5.01 4.96 -6.23
N GLY B 237 5.84 5.75 -5.54
CA GLY B 237 6.61 5.25 -4.42
C GLY B 237 7.86 4.48 -4.78
N ASN B 238 8.32 4.57 -6.03
CA ASN B 238 9.51 3.84 -6.48
C ASN B 238 10.74 4.74 -6.40
N TYR B 239 11.18 5.02 -5.18
CA TYR B 239 12.37 5.85 -4.98
C TYR B 239 13.66 5.09 -5.27
N GLU B 240 13.61 3.75 -5.26
CA GLU B 240 14.79 2.97 -5.59
C GLU B 240 15.25 3.23 -7.02
N THR B 241 14.30 3.33 -7.95
CA THR B 241 14.65 3.64 -9.34
C THR B 241 15.30 5.01 -9.45
N LEU B 242 14.76 6.01 -8.76
CA LEU B 242 15.34 7.35 -8.80
C LEU B 242 16.76 7.35 -8.24
N LEU B 243 16.95 6.69 -7.09
CA LEU B 243 18.27 6.65 -6.46
C LEU B 243 19.28 5.91 -7.32
N ARG B 244 18.87 4.80 -7.93
CA ARG B 244 19.77 4.05 -8.81
C ARG B 244 20.13 4.85 -10.05
N THR B 245 19.15 5.56 -10.63
CA THR B 245 19.43 6.34 -11.83
C THR B 245 20.35 7.51 -11.52
N LEU B 246 20.17 8.16 -10.36
CA LEU B 246 21.04 9.28 -10.00
C LEU B 246 22.47 8.83 -9.74
N GLY B 247 22.70 7.55 -9.48
CA GLY B 247 24.04 7.03 -9.31
C GLY B 247 24.69 7.39 -7.98
N TYR B 248 24.12 6.87 -6.89
CA TYR B 248 24.73 7.06 -5.58
C TYR B 248 26.07 6.34 -5.50
N ALA B 249 27.03 6.97 -4.83
CA ALA B 249 28.39 6.45 -4.74
C ALA B 249 28.88 6.54 -3.30
N THR B 250 28.05 6.09 -2.35
CA THR B 250 28.40 6.13 -0.94
C THR B 250 28.24 4.75 -0.33
N GLU B 251 29.06 4.48 0.69
CA GLU B 251 28.97 3.21 1.40
C GLU B 251 27.97 3.29 2.55
N ASP B 252 27.74 4.48 3.10
CA ASP B 252 26.74 4.70 4.14
C ASP B 252 25.36 4.99 3.57
N PHE B 253 25.08 4.50 2.35
CA PHE B 253 23.83 4.82 1.68
C PHE B 253 22.62 4.31 2.46
N ASP B 254 22.69 3.07 2.95
CA ASP B 254 21.57 2.52 3.71
C ASP B 254 21.34 3.27 5.02
N ASP B 255 22.41 3.61 5.73
CA ASP B 255 22.26 4.34 6.98
C ASP B 255 21.70 5.73 6.74
N LEU B 256 22.13 6.39 5.66
CA LEU B 256 21.57 7.71 5.33
C LEU B 256 20.10 7.61 4.95
N LEU B 257 19.74 6.57 4.19
CA LEU B 257 18.36 6.41 3.77
C LEU B 257 17.43 6.12 4.94
N GLU B 258 17.87 5.24 5.85
CA GLU B 258 17.00 4.84 6.96
C GLU B 258 16.92 5.88 8.05
N SER B 259 17.85 6.83 8.11
CA SER B 259 17.83 7.88 9.12
C SER B 259 17.11 9.14 8.65
N ASP B 260 16.52 9.12 7.46
CA ASP B 260 15.81 10.27 6.89
C ASP B 260 16.74 11.49 6.76
N SER B 261 17.90 11.27 6.15
CA SER B 261 18.87 12.32 5.94
C SER B 261 18.91 12.83 4.50
N ILE B 262 18.15 12.22 3.60
CA ILE B 262 18.08 12.65 2.20
C ILE B 262 16.76 13.35 1.99
N THR B 263 16.83 14.61 1.55
CA THR B 263 15.65 15.45 1.44
C THR B 263 15.54 16.01 0.03
N GLY B 264 14.45 16.76 -0.21
CA GLY B 264 14.23 17.38 -1.50
C GLY B 264 13.46 18.68 -1.35
N GLN B 265 13.47 19.47 -2.42
CA GLN B 265 12.82 20.76 -2.44
C GLN B 265 12.24 21.03 -3.82
N ILE B 266 11.06 21.64 -3.85
CA ILE B 266 10.41 21.99 -5.12
C ILE B 266 10.78 23.42 -5.47
N ILE B 267 11.23 23.62 -6.72
CA ILE B 267 11.72 24.92 -7.15
C ILE B 267 10.95 25.49 -8.34
N TYR B 268 10.08 24.72 -9.00
CA TYR B 268 9.35 25.25 -10.14
C TYR B 268 8.10 24.40 -10.37
N VAL B 269 7.01 25.08 -10.72
CA VAL B 269 5.74 24.44 -11.03
C VAL B 269 5.23 25.01 -12.35
N ASP B 270 4.87 24.12 -13.28
CA ASP B 270 4.33 24.50 -14.58
C ASP B 270 2.87 24.08 -14.65
N LEU B 271 1.98 25.05 -14.85
CA LEU B 271 0.55 24.79 -14.89
C LEU B 271 0.04 24.49 -16.30
N SER B 272 0.87 24.65 -17.33
CA SER B 272 0.45 24.39 -18.71
C SER B 272 0.96 23.06 -19.23
N SER B 273 2.16 22.63 -18.81
CA SER B 273 2.72 21.36 -19.22
C SER B 273 2.65 20.31 -18.12
N TYR B 274 2.30 20.69 -16.90
CA TYR B 274 2.10 19.77 -15.78
C TYR B 274 3.37 18.97 -15.45
N TYR B 275 4.41 19.71 -15.08
CA TYR B 275 5.63 19.10 -14.58
C TYR B 275 6.24 20.00 -13.52
N ILE B 276 7.09 19.41 -12.68
CA ILE B 276 7.76 20.12 -11.59
C ILE B 276 9.24 19.78 -11.61
N ILE B 277 10.03 20.61 -10.94
CA ILE B 277 11.47 20.42 -10.82
C ILE B 277 11.82 20.28 -9.35
N VAL B 278 12.61 19.25 -9.02
CA VAL B 278 12.94 18.93 -7.65
C VAL B 278 14.45 18.84 -7.51
N ARG B 279 14.98 19.40 -6.42
CA ARG B 279 16.40 19.36 -6.11
C ARG B 279 16.63 18.43 -4.93
N VAL B 280 17.63 17.55 -5.06
CA VAL B 280 17.89 16.50 -4.07
C VAL B 280 19.22 16.81 -3.37
N TYR B 281 19.26 16.53 -2.08
CA TYR B 281 20.44 16.79 -1.25
C TYR B 281 21.03 15.47 -0.75
N PHE B 282 22.34 15.33 -0.91
CA PHE B 282 23.06 14.15 -0.43
C PHE B 282 24.08 14.56 0.62
N PRO B 283 23.82 14.36 1.91
CA PRO B 283 24.76 14.82 2.94
C PRO B 283 25.87 13.83 3.24
N ILE B 284 26.73 14.19 4.20
CA ILE B 284 27.85 13.36 4.63
C ILE B 284 27.81 13.23 6.14
N LEU B 285 27.98 12.02 6.63
CA LEU B 285 27.96 11.77 8.08
C LEU B 285 29.31 12.10 8.70
N THR B 286 29.28 12.87 9.78
CA THR B 286 30.48 13.23 10.52
C THR B 286 30.30 12.81 11.97
N GLU B 287 31.39 12.34 12.58
CA GLU B 287 31.36 11.79 13.93
C GLU B 287 31.78 12.85 14.94
N ILE B 288 30.99 12.99 16.00
CA ILE B 288 31.30 13.95 17.06
C ILE B 288 32.42 13.39 17.92
N GLN B 289 33.40 14.23 18.23
CA GLN B 289 34.55 13.81 19.01
C GLN B 289 34.25 13.87 20.51
N GLN B 290 34.86 12.95 21.25
CA GLN B 290 34.75 12.90 22.71
C GLN B 290 33.30 12.76 23.17
N ALA B 291 32.55 11.86 22.53
CA ALA B 291 31.16 11.62 22.86
C ALA B 291 30.82 10.15 22.64
N TYR B 292 29.98 9.62 23.53
CA TYR B 292 29.54 8.23 23.43
C TYR B 292 28.23 8.08 24.20
N ILE B 293 27.55 6.97 23.95
CA ILE B 293 26.26 6.67 24.54
C ILE B 293 26.34 5.32 25.25
N GLN B 294 25.85 5.27 26.48
CA GLN B 294 25.92 4.07 27.31
C GLN B 294 24.52 3.51 27.52
N GLU B 295 24.40 2.18 27.51
CA GLU B 295 23.13 1.49 27.66
C GLU B 295 23.11 0.69 28.96
N LEU B 296 21.96 0.63 29.60
CA LEU B 296 21.76 -0.11 30.84
C LEU B 296 20.65 -1.14 30.66
N LEU B 297 20.85 -2.32 31.27
CA LEU B 297 19.87 -3.40 31.20
C LEU B 297 19.18 -3.55 32.54
N PRO B 298 17.86 -3.37 32.62
CA PRO B 298 17.16 -3.45 33.91
C PRO B 298 16.81 -4.87 34.31
N VAL B 299 17.01 -5.16 35.60
CA VAL B 299 16.70 -6.45 36.19
C VAL B 299 15.96 -6.23 37.49
N SER B 300 14.89 -7.00 37.71
CA SER B 300 14.11 -6.87 38.92
C SER B 300 14.88 -7.40 40.12
N PHE B 301 14.53 -6.89 41.30
CA PHE B 301 15.20 -7.27 42.54
C PHE B 301 14.18 -7.33 43.67
N ASN B 302 14.55 -8.04 44.73
CA ASN B 302 13.69 -8.29 45.88
C ASN B 302 14.20 -7.52 47.08
N ASN B 303 13.31 -6.77 47.74
CA ASN B 303 13.75 -5.98 48.89
C ASN B 303 13.14 -6.45 50.20
N ASP B 304 11.81 -6.43 50.32
CA ASP B 304 11.19 -6.90 51.57
C ASP B 304 10.55 -8.27 51.39
N ASN B 305 9.49 -8.34 50.57
CA ASN B 305 8.87 -9.61 50.22
C ASN B 305 8.34 -9.55 48.79
N SER B 306 8.82 -8.58 48.00
CA SER B 306 8.21 -8.29 46.72
C SER B 306 9.29 -7.90 45.71
N GLU B 307 8.91 -7.94 44.43
CA GLU B 307 9.80 -7.58 43.34
C GLU B 307 9.69 -6.09 43.06
N TRP B 308 10.84 -5.46 42.78
CA TRP B 308 10.90 -4.04 42.49
C TRP B 308 11.74 -3.82 41.23
N ILE B 309 11.48 -2.69 40.57
CA ILE B 309 12.27 -2.26 39.44
C ILE B 309 12.64 -0.79 39.64
N SER B 310 13.75 -0.37 39.02
CA SER B 310 14.25 0.98 39.15
C SER B 310 13.91 1.79 37.91
N ILE B 311 13.42 3.01 38.11
CA ILE B 311 12.99 3.88 37.03
C ILE B 311 14.10 4.88 36.79
N VAL B 312 14.91 4.62 35.77
CA VAL B 312 16.01 5.50 35.36
C VAL B 312 16.10 5.50 33.84
N PRO B 313 16.67 6.54 33.25
CA PRO B 313 16.85 6.55 31.79
C PRO B 313 17.72 5.38 31.34
N ASN B 314 17.36 4.82 30.19
CA ASN B 314 18.08 3.66 29.67
C ASN B 314 19.29 4.05 28.84
N PHE B 315 19.24 5.21 28.17
CA PHE B 315 20.34 5.69 27.35
C PHE B 315 20.86 6.99 27.94
N ILE B 316 22.18 7.09 28.08
CA ILE B 316 22.84 8.24 28.68
C ILE B 316 23.87 8.77 27.69
N LEU B 317 23.83 10.07 27.45
CA LEU B 317 24.77 10.72 26.54
C LEU B 317 25.82 11.45 27.35
N VAL B 318 27.09 11.11 27.10
CA VAL B 318 28.22 11.73 27.79
C VAL B 318 29.16 12.31 26.74
N ARG B 319 29.33 13.63 26.76
CA ARG B 319 30.30 14.30 25.92
C ARG B 319 31.16 15.20 26.79
N ASN B 320 32.46 15.23 26.50
CA ASN B 320 33.44 15.90 27.35
C ASN B 320 33.37 15.37 28.77
N THR B 321 32.69 16.10 29.65
CA THR B 321 32.48 15.66 31.03
C THR B 321 31.06 15.93 31.51
N LEU B 322 30.09 16.08 30.60
CA LEU B 322 28.73 16.45 30.95
C LEU B 322 27.78 15.29 30.65
N ILE B 323 26.82 15.08 31.55
CA ILE B 323 25.81 14.03 31.41
C ILE B 323 24.47 14.68 31.12
N SER B 324 23.77 14.17 30.12
CA SER B 324 22.47 14.72 29.73
C SER B 324 21.63 13.62 29.08
N ASN B 325 20.33 13.89 28.99
CA ASN B 325 19.39 12.95 28.39
C ASN B 325 19.41 13.07 26.87
N ILE B 326 18.70 12.17 26.21
CA ILE B 326 18.57 12.15 24.76
C ILE B 326 17.32 11.35 24.39
N GLU B 327 16.55 11.89 23.44
CA GLU B 327 15.39 11.17 22.90
C GLU B 327 15.85 10.35 21.70
N ILE B 328 16.16 9.08 21.97
CA ILE B 328 16.70 8.21 20.94
C ILE B 328 15.61 7.69 20.01
N GLY B 329 14.35 7.98 20.32
CA GLY B 329 13.26 7.53 19.46
C GLY B 329 13.29 8.12 18.07
N PHE B 330 13.88 9.30 17.90
CA PHE B 330 14.01 9.93 16.59
C PHE B 330 15.27 9.50 15.85
N CYS B 331 16.16 8.77 16.50
CA CYS B 331 17.43 8.36 15.90
C CYS B 331 17.36 6.90 15.46
N LEU B 332 18.40 6.48 14.75
CA LEU B 332 18.56 5.11 14.29
C LEU B 332 19.63 4.42 15.14
N ILE B 333 19.29 3.27 15.69
CA ILE B 333 20.18 2.51 16.57
C ILE B 333 20.82 1.39 15.76
N THR B 334 22.15 1.33 15.78
CA THR B 334 22.90 0.29 15.10
C THR B 334 23.80 -0.41 16.11
N LYS B 335 24.57 -1.38 15.61
CA LYS B 335 25.44 -2.16 16.47
C LYS B 335 26.59 -1.33 17.02
N ARG B 336 27.13 -0.42 16.22
CA ARG B 336 28.33 0.32 16.59
C ARG B 336 28.11 1.80 16.86
N SER B 337 27.07 2.41 16.32
CA SER B 337 26.88 3.84 16.46
C SER B 337 25.41 4.20 16.32
N VAL B 338 25.09 5.44 16.71
CA VAL B 338 23.75 5.98 16.61
C VAL B 338 23.78 7.13 15.62
N ILE B 339 22.91 7.07 14.62
CA ILE B 339 22.88 8.05 13.54
C ILE B 339 21.64 8.91 13.69
N CYS B 340 21.83 10.22 13.78
CA CYS B 340 20.73 11.18 13.92
C CYS B 340 20.93 12.30 12.90
N ASN B 341 19.82 12.83 12.40
CA ASN B 341 19.87 13.98 11.50
C ASN B 341 19.85 15.31 12.23
N GLN B 342 19.82 15.30 13.57
CA GLN B 342 19.77 16.51 14.36
C GLN B 342 20.30 16.19 15.75
N ASP B 343 20.68 17.24 16.49
CA ASP B 343 21.17 17.09 17.85
C ASP B 343 19.96 17.06 18.79
N TYR B 344 19.81 15.98 19.55
CA TYR B 344 18.65 15.77 20.39
C TYR B 344 18.99 15.76 21.88
N ALA B 345 19.98 16.54 22.30
CA ALA B 345 20.33 16.60 23.72
C ALA B 345 19.32 17.43 24.49
N THR B 346 18.99 16.97 25.69
CA THR B 346 18.07 17.65 26.59
C THR B 346 18.67 17.68 27.99
N PRO B 347 18.27 18.65 28.81
CA PRO B 347 18.84 18.75 30.16
C PRO B 347 18.43 17.58 31.04
N MET B 348 19.03 17.54 32.23
CA MET B 348 18.80 16.47 33.19
C MET B 348 18.82 17.05 34.59
N THR B 349 17.95 16.55 35.46
CA THR B 349 17.85 17.05 36.82
C THR B 349 19.11 16.73 37.61
N ASN B 350 19.30 17.46 38.72
CA ASN B 350 20.49 17.27 39.53
C ASN B 350 20.39 15.99 40.36
N ASN B 351 19.20 15.65 40.84
CA ASN B 351 19.03 14.44 41.63
C ASN B 351 19.34 13.19 40.82
N MET B 352 18.91 13.15 39.54
CA MET B 352 19.26 12.01 38.69
C MET B 352 20.76 11.93 38.47
N ARG B 353 21.43 13.09 38.30
CA ARG B 353 22.88 13.10 38.14
C ARG B 353 23.57 12.55 39.38
N GLU B 354 23.08 12.92 40.57
CA GLU B 354 23.66 12.38 41.80
C GLU B 354 23.39 10.89 41.94
N CYS B 355 22.19 10.45 41.53
CA CYS B 355 21.88 9.03 41.56
C CYS B 355 22.79 8.22 40.65
N LEU B 356 23.10 8.76 39.46
CA LEU B 356 23.94 8.03 38.52
C LEU B 356 25.40 7.96 38.96
N THR B 357 25.81 8.82 39.89
CA THR B 357 27.21 8.87 40.30
C THR B 357 27.52 8.02 41.53
N GLY B 358 26.52 7.35 42.11
CA GLY B 358 26.77 6.48 43.23
C GLY B 358 25.90 6.72 44.45
N SER B 359 24.95 7.64 44.34
CA SER B 359 24.03 7.94 45.44
C SER B 359 22.74 7.15 45.23
N THR B 360 22.77 5.89 45.68
CA THR B 360 21.65 4.98 45.46
C THR B 360 20.42 5.34 46.29
N GLU B 361 20.59 6.07 47.40
CA GLU B 361 19.46 6.45 48.23
C GLU B 361 18.60 7.53 47.60
N LYS B 362 18.92 7.97 46.39
CA LYS B 362 18.19 9.02 45.70
C LYS B 362 17.59 8.54 44.39
N CYS B 363 17.35 7.23 44.26
CA CYS B 363 16.88 6.64 43.03
C CYS B 363 15.53 5.97 43.23
N PRO B 364 14.49 6.39 42.51
CA PRO B 364 13.16 5.85 42.77
C PRO B 364 12.98 4.43 42.23
N ARG B 365 11.97 3.74 42.74
CA ARG B 365 11.67 2.37 42.36
C ARG B 365 10.17 2.17 42.30
N GLU B 366 9.74 1.11 41.59
CA GLU B 366 8.34 0.81 41.39
C GLU B 366 8.06 -0.67 41.68
N LEU B 367 6.86 -0.93 42.16
CA LEU B 367 6.44 -2.30 42.45
C LEU B 367 6.15 -3.06 41.16
N VAL B 368 6.32 -4.38 41.22
CA VAL B 368 6.08 -5.26 40.08
C VAL B 368 4.85 -6.12 40.38
N VAL B 369 3.89 -6.12 39.45
CA VAL B 369 2.65 -6.86 39.63
C VAL B 369 2.53 -7.88 38.52
N SER B 370 3.10 -7.59 37.35
CA SER B 370 3.04 -8.49 36.22
C SER B 370 3.98 -9.68 36.43
N SER B 371 3.78 -10.72 35.62
CA SER B 371 4.58 -11.93 35.73
C SER B 371 5.66 -12.01 34.66
N HIS B 372 5.55 -11.21 33.60
CA HIS B 372 6.52 -11.25 32.50
C HIS B 372 7.55 -10.13 32.64
N VAL B 373 8.53 -10.37 33.50
CA VAL B 373 9.62 -9.42 33.71
C VAL B 373 10.95 -10.17 33.67
N PRO B 374 12.03 -9.53 33.20
CA PRO B 374 13.34 -10.20 33.22
C PRO B 374 13.85 -10.36 34.65
N ARG B 375 14.61 -11.42 34.88
CA ARG B 375 15.12 -11.74 36.20
C ARG B 375 16.60 -12.06 36.23
N PHE B 376 17.28 -12.10 35.08
CA PHE B 376 18.72 -12.31 35.07
C PHE B 376 19.30 -11.72 33.80
N ALA B 377 20.61 -11.44 33.84
CA ALA B 377 21.31 -10.86 32.71
C ALA B 377 22.77 -11.30 32.74
N LEU B 378 23.42 -11.20 31.59
CA LEU B 378 24.81 -11.61 31.43
C LEU B 378 25.65 -10.40 30.99
N SER B 379 26.79 -10.22 31.63
CA SER B 379 27.68 -9.11 31.32
C SER B 379 29.13 -9.55 31.49
N ASN B 380 29.87 -9.60 30.38
CA ASN B 380 31.29 -9.94 30.39
C ASN B 380 31.55 -11.30 31.03
N GLY B 381 30.67 -12.25 30.75
CA GLY B 381 30.79 -13.58 31.32
C GLY B 381 30.41 -13.70 32.77
N VAL B 382 29.79 -12.67 33.34
CA VAL B 382 29.37 -12.67 34.74
C VAL B 382 27.85 -12.62 34.77
N LEU B 383 27.26 -13.38 35.68
CA LEU B 383 25.82 -13.57 35.75
C LEU B 383 25.25 -12.85 36.97
N PHE B 384 24.24 -12.03 36.75
CA PHE B 384 23.48 -11.38 37.81
C PHE B 384 22.05 -11.91 37.76
N ALA B 385 21.57 -12.45 38.88
CA ALA B 385 20.26 -13.08 38.90
C ALA B 385 19.59 -12.90 40.25
N ASN B 386 18.27 -12.89 40.24
CA ASN B 386 17.44 -12.84 41.44
C ASN B 386 16.95 -14.27 41.69
N CYS B 387 17.67 -14.99 42.56
CA CYS B 387 17.40 -16.41 42.75
C CYS B 387 16.24 -16.69 43.70
N ILE B 388 15.60 -15.65 44.24
CA ILE B 388 14.41 -15.87 45.06
C ILE B 388 13.25 -16.33 44.20
N SER B 389 13.11 -15.74 43.01
CA SER B 389 11.98 -16.03 42.12
C SER B 389 12.39 -16.88 40.92
N VAL B 390 13.56 -17.52 40.97
CA VAL B 390 14.01 -18.41 39.91
C VAL B 390 14.96 -19.44 40.51
N THR B 391 15.01 -20.61 39.88
CA THR B 391 15.86 -21.68 40.37
C THR B 391 17.34 -21.36 40.11
N CYS B 392 18.20 -21.76 41.05
CA CYS B 392 19.64 -21.51 40.94
C CYS B 392 20.36 -22.68 41.59
N GLN B 393 20.93 -23.56 40.77
CA GLN B 393 21.74 -24.67 41.26
C GLN B 393 23.01 -24.79 40.43
N CYS B 394 24.09 -25.22 41.08
CA CYS B 394 25.40 -25.30 40.42
C CYS B 394 25.51 -26.66 39.75
N GLN B 395 25.82 -26.67 38.45
CA GLN B 395 25.86 -27.92 37.70
C GLN B 395 27.09 -28.74 38.05
N THR B 396 28.20 -28.08 38.39
CA THR B 396 29.44 -28.80 38.65
C THR B 396 29.33 -29.66 39.90
N THR B 397 28.88 -29.07 41.01
CA THR B 397 28.78 -29.77 42.28
C THR B 397 27.39 -30.32 42.56
N GLY B 398 26.42 -30.03 41.71
CA GLY B 398 25.06 -30.53 41.90
C GLY B 398 24.41 -30.05 43.17
N ARG B 399 24.59 -28.77 43.49
CA ARG B 399 24.02 -28.19 44.70
C ARG B 399 23.33 -26.88 44.37
N ALA B 400 22.29 -26.56 45.13
CA ALA B 400 21.51 -25.37 44.88
C ALA B 400 22.21 -24.12 45.41
N ILE B 401 21.83 -22.97 44.86
CA ILE B 401 22.33 -21.67 45.28
C ILE B 401 21.21 -20.94 45.99
N SER B 402 21.48 -20.44 47.20
CA SER B 402 20.46 -19.86 48.06
C SER B 402 20.72 -18.37 48.24
N GLN B 403 19.65 -17.60 48.28
CA GLN B 403 19.69 -16.16 48.51
C GLN B 403 18.99 -15.84 49.82
N SER B 404 19.64 -15.04 50.67
CA SER B 404 19.05 -14.64 51.93
C SER B 404 18.07 -13.48 51.72
N GLY B 405 17.38 -13.11 52.80
CA GLY B 405 16.40 -12.04 52.72
C GLY B 405 17.01 -10.66 52.74
N GLU B 406 18.30 -10.54 53.05
CA GLU B 406 18.96 -9.24 53.11
C GLU B 406 19.70 -8.89 51.83
N GLN B 407 19.62 -9.71 50.80
CA GLN B 407 20.33 -9.49 49.55
C GLN B 407 19.35 -9.20 48.43
N THR B 408 19.74 -8.29 47.52
CA THR B 408 18.89 -7.95 46.38
C THR B 408 19.24 -8.79 45.16
N LEU B 409 20.52 -9.05 44.92
CA LEU B 409 20.97 -9.82 43.77
C LEU B 409 22.21 -10.62 44.14
N LEU B 410 22.53 -11.59 43.30
CA LEU B 410 23.72 -12.40 43.45
C LEU B 410 24.61 -12.30 42.22
N MET B 411 25.91 -12.23 42.45
CA MET B 411 26.90 -12.26 41.39
C MET B 411 27.52 -13.65 41.35
N ILE B 412 27.47 -14.29 40.18
CA ILE B 412 27.93 -15.66 40.02
C ILE B 412 29.02 -15.67 38.95
N ASP B 413 30.20 -16.16 39.33
CA ASP B 413 31.32 -16.33 38.41
C ASP B 413 31.92 -17.70 38.62
N ASN B 414 33.00 -17.99 37.88
CA ASN B 414 33.60 -19.32 37.96
C ASN B 414 34.45 -19.51 39.22
N THR B 415 34.61 -18.48 40.04
CA THR B 415 35.28 -18.64 41.32
C THR B 415 34.53 -19.59 42.25
N THR B 416 33.19 -19.54 42.24
CA THR B 416 32.39 -20.41 43.09
C THR B 416 31.70 -21.49 42.28
N CYS B 417 31.04 -21.09 41.19
CA CYS B 417 30.29 -22.02 40.34
C CYS B 417 30.78 -21.88 38.90
N PRO B 418 31.70 -22.75 38.46
CA PRO B 418 32.20 -22.65 37.07
C PRO B 418 31.09 -22.80 36.03
N THR B 419 30.15 -23.71 36.25
CA THR B 419 29.04 -23.95 35.32
C THR B 419 27.73 -23.95 36.09
N ALA B 420 26.80 -23.11 35.67
CA ALA B 420 25.50 -22.97 36.31
C ALA B 420 24.39 -23.26 35.33
N VAL B 421 23.24 -23.69 35.85
CA VAL B 421 22.07 -24.01 35.05
C VAL B 421 20.89 -23.17 35.54
N LEU B 422 20.18 -22.56 34.60
CA LEU B 422 18.98 -21.78 34.89
C LEU B 422 17.82 -22.36 34.06
N GLY B 423 17.15 -23.36 34.62
CA GLY B 423 16.08 -24.03 33.90
C GLY B 423 16.59 -25.04 32.90
N ASN B 424 16.50 -24.72 31.61
CA ASN B 424 16.88 -25.63 30.54
C ASN B 424 18.12 -25.17 29.77
N VAL B 425 18.95 -24.31 30.36
CA VAL B 425 20.14 -23.78 29.70
C VAL B 425 21.36 -24.04 30.57
N ILE B 426 22.45 -24.47 29.93
CA ILE B 426 23.73 -24.68 30.57
C ILE B 426 24.67 -23.57 30.11
N ILE B 427 25.28 -22.87 31.06
CA ILE B 427 26.10 -21.69 30.76
C ILE B 427 27.43 -21.82 31.48
N SER B 428 28.49 -21.39 30.81
CA SER B 428 29.84 -21.35 31.39
C SER B 428 30.21 -19.89 31.66
N LEU B 429 30.83 -19.65 32.81
CA LEU B 429 31.03 -18.31 33.32
C LEU B 429 32.52 -17.98 33.39
N GLY B 430 32.80 -16.68 33.37
CA GLY B 430 34.15 -16.16 33.49
C GLY B 430 34.46 -15.70 34.89
N LYS B 431 35.37 -14.72 34.98
CA LYS B 431 35.83 -14.18 36.25
C LYS B 431 35.39 -12.73 36.37
N TYR B 432 34.99 -12.33 37.58
CA TYR B 432 34.54 -10.96 37.82
C TYR B 432 35.73 -10.06 38.14
N LEU B 433 35.73 -8.86 37.56
CA LEU B 433 36.75 -7.86 37.82
C LEU B 433 36.16 -6.79 38.72
N GLY B 434 36.63 -6.73 39.96
CA GLY B 434 36.11 -5.78 40.93
C GLY B 434 36.38 -6.27 42.34
N SER B 435 35.51 -5.86 43.25
CA SER B 435 35.65 -6.23 44.65
C SER B 435 35.44 -7.71 44.85
N VAL B 436 36.23 -8.31 45.73
CA VAL B 436 36.10 -9.74 46.01
C VAL B 436 35.01 -10.01 47.04
N ASN B 437 34.57 -8.98 47.76
CA ASN B 437 33.52 -9.10 48.77
C ASN B 437 32.19 -8.56 48.29
N TYR B 438 31.84 -8.81 47.03
CA TYR B 438 30.63 -8.23 46.44
C TYR B 438 29.37 -8.69 47.17
N ASN B 439 29.30 -9.97 47.51
CA ASN B 439 28.08 -10.53 48.08
C ASN B 439 27.96 -10.31 49.58
N SER B 440 28.95 -9.69 50.23
CA SER B 440 28.92 -9.50 51.68
C SER B 440 28.61 -8.07 52.10
N GLU B 441 28.35 -7.16 51.17
CA GLU B 441 28.10 -5.75 51.48
C GLU B 441 26.82 -5.30 50.79
N GLY B 442 26.00 -4.53 51.52
CA GLY B 442 24.74 -4.05 51.01
C GLY B 442 24.76 -2.55 50.71
N ILE B 443 23.59 -2.06 50.29
CA ILE B 443 23.42 -0.65 49.90
C ILE B 443 22.08 -0.15 50.41
N ALA B 444 21.78 1.11 50.08
CA ALA B 444 20.53 1.75 50.47
C ALA B 444 19.58 1.85 49.29
N ILE B 445 18.30 2.07 49.58
CA ILE B 445 17.25 2.09 48.57
C ILE B 445 16.46 3.38 48.69
N GLY B 446 15.76 3.73 47.61
CA GLY B 446 14.99 4.96 47.55
C GLY B 446 13.52 4.77 47.80
N PRO B 447 12.72 5.79 47.54
CA PRO B 447 11.29 5.73 47.82
C PRO B 447 10.51 5.15 46.64
N PRO B 448 9.36 4.52 46.90
CA PRO B 448 8.54 4.00 45.80
C PRO B 448 7.75 5.10 45.11
N VAL B 449 7.44 4.86 43.83
CA VAL B 449 6.71 5.82 43.01
C VAL B 449 5.67 5.08 42.16
N PHE B 450 4.74 5.85 41.61
CA PHE B 450 3.74 5.36 40.67
C PHE B 450 3.79 6.23 39.42
N THR B 451 3.67 5.61 38.24
CA THR B 451 3.89 6.29 36.98
C THR B 451 2.65 6.31 36.08
N ASP B 452 1.46 6.29 36.64
CA ASP B 452 0.24 6.40 35.83
C ASP B 452 -0.31 7.82 35.88
N LYS B 453 -0.96 8.22 34.78
CA LYS B 453 -1.42 9.60 34.65
C LYS B 453 -2.45 9.95 35.73
N VAL B 454 -3.46 9.10 35.91
CA VAL B 454 -4.44 9.34 36.96
C VAL B 454 -3.77 9.32 38.32
N ASP B 455 -2.78 8.44 38.50
CA ASP B 455 -2.01 8.42 39.74
C ASP B 455 -1.24 9.72 39.93
N ILE B 456 -0.69 10.28 38.85
CA ILE B 456 0.01 11.56 38.93
C ILE B 456 -0.95 12.65 39.40
N SER B 457 -2.14 12.68 38.81
CA SER B 457 -3.13 13.70 39.21
C SER B 457 -3.55 13.54 40.66
N SER B 458 -3.79 12.29 41.09
CA SER B 458 -4.17 12.05 42.48
C SER B 458 -3.07 12.46 43.45
N GLN B 459 -1.82 12.14 43.12
CA GLN B 459 -0.70 12.53 43.98
C GLN B 459 -0.57 14.04 44.05
N ILE B 460 -0.74 14.73 42.92
CA ILE B 460 -0.68 16.19 42.94
C ILE B 460 -1.77 16.77 43.83
N SER B 461 -2.99 16.24 43.70
CA SER B 461 -4.09 16.73 44.53
C SER B 461 -3.81 16.49 46.02
N SER B 462 -3.32 15.30 46.36
CA SER B 462 -3.04 14.99 47.76
C SER B 462 -1.94 15.90 48.32
N MET B 463 -0.88 16.11 47.54
CA MET B 463 0.20 16.98 48.01
C MET B 463 -0.29 18.42 48.19
N ASN B 464 -1.12 18.91 47.27
CA ASN B 464 -1.66 20.26 47.43
C ASN B 464 -2.54 20.37 48.67
N GLN B 465 -3.38 19.36 48.92
CA GLN B 465 -4.23 19.40 50.11
C GLN B 465 -3.39 19.40 51.38
N SER B 466 -2.36 18.55 51.43
CA SER B 466 -1.49 18.51 52.60
C SER B 466 -0.78 19.84 52.80
N LEU B 467 -0.28 20.43 51.71
CA LEU B 467 0.41 21.71 51.81
C LEU B 467 -0.54 22.80 52.29
N GLN B 468 -1.79 22.79 51.80
CA GLN B 468 -2.77 23.77 52.24
C GLN B 468 -3.09 23.62 53.72
N GLN B 469 -3.22 22.38 54.20
CA GLN B 469 -3.46 22.16 55.63
C GLN B 469 -2.28 22.65 56.46
N SER B 470 -1.06 22.37 56.00
CA SER B 470 0.13 22.85 56.70
C SER B 470 0.18 24.37 56.74
N LYS B 471 -0.17 25.02 55.62
CA LYS B 471 -0.19 26.48 55.59
C LYS B 471 -1.25 27.04 56.52
N ASP B 472 -2.41 26.39 56.60
CA ASP B 472 -3.44 26.83 57.52
C ASP B 472 -2.97 26.73 58.97
N TYR B 473 -2.30 25.62 59.31
CA TYR B 473 -1.75 25.50 60.66
C TYR B 473 -0.68 26.55 60.91
N ILE B 474 0.14 26.85 59.89
CA ILE B 474 1.17 27.87 60.03
C ILE B 474 0.54 29.23 60.31
N LYS B 475 -0.53 29.56 59.60
CA LYS B 475 -1.23 30.82 59.84
C LYS B 475 -1.83 30.84 61.25
N ILE C 27 -15.27 -5.69 44.95
CA ILE C 27 -16.04 -5.10 46.03
C ILE C 27 -16.34 -3.63 45.73
N LEU C 28 -16.54 -3.33 44.45
CA LEU C 28 -16.85 -1.97 44.04
C LEU C 28 -18.24 -1.55 44.52
N HIS C 29 -18.38 -0.27 44.84
CA HIS C 29 -19.64 0.29 45.30
C HIS C 29 -20.25 1.05 44.13
N TYR C 30 -21.12 0.36 43.38
CA TYR C 30 -21.68 0.94 42.16
C TYR C 30 -22.67 2.05 42.46
N GLU C 31 -23.42 1.94 43.57
CA GLU C 31 -24.45 2.94 43.87
C GLU C 31 -23.83 4.31 44.10
N LYS C 32 -22.74 4.37 44.87
CA LYS C 32 -22.09 5.64 45.14
C LYS C 32 -21.39 6.18 43.90
N LEU C 33 -20.79 5.28 43.11
CA LEU C 33 -20.10 5.71 41.90
C LEU C 33 -21.08 6.24 40.86
N SER C 34 -22.33 5.79 40.90
CA SER C 34 -23.32 6.26 39.93
C SER C 34 -23.62 7.74 40.12
N LYS C 35 -23.70 8.20 41.38
CA LYS C 35 -23.98 9.61 41.64
C LYS C 35 -22.83 10.51 41.24
N ILE C 36 -21.62 9.96 41.07
CA ILE C 36 -20.49 10.73 40.58
C ILE C 36 -20.49 10.84 39.06
N GLY C 37 -21.18 9.95 38.36
CA GLY C 37 -21.19 9.96 36.92
C GLY C 37 -20.56 8.76 36.27
N LEU C 38 -20.35 7.68 37.02
CA LEU C 38 -19.73 6.45 36.51
C LEU C 38 -20.78 5.36 36.50
N VAL C 39 -21.14 4.89 35.31
CA VAL C 39 -22.18 3.88 35.12
C VAL C 39 -21.51 2.59 34.64
N LYS C 40 -21.84 1.48 35.30
CA LYS C 40 -21.20 0.21 34.98
C LYS C 40 -21.66 -0.31 33.61
N GLY C 41 -20.76 -1.03 32.94
CA GLY C 41 -21.05 -1.55 31.62
C GLY C 41 -20.97 -3.06 31.52
N VAL C 42 -20.28 -3.56 30.49
CA VAL C 42 -20.21 -5.00 30.26
C VAL C 42 -19.00 -5.59 30.99
N THR C 43 -19.15 -6.83 31.43
CA THR C 43 -18.08 -7.57 32.09
C THR C 43 -17.50 -8.58 31.10
N ARG C 44 -16.17 -8.70 31.10
CA ARG C 44 -15.46 -9.53 30.13
C ARG C 44 -14.46 -10.44 30.83
N LYS C 45 -13.99 -11.44 30.10
CA LYS C 45 -13.01 -12.39 30.62
C LYS C 45 -11.60 -12.02 30.18
N TYR C 46 -10.62 -12.68 30.79
CA TYR C 46 -9.20 -12.43 30.53
C TYR C 46 -8.55 -13.74 30.10
N LYS C 47 -7.79 -13.70 29.00
CA LYS C 47 -7.14 -14.89 28.47
C LYS C 47 -5.84 -14.52 27.77
N ILE C 48 -4.88 -15.44 27.81
CA ILE C 48 -3.55 -15.24 27.24
C ILE C 48 -3.19 -16.47 26.41
N LYS C 49 -2.25 -16.29 25.48
CA LYS C 49 -1.82 -17.38 24.62
C LYS C 49 -0.82 -18.29 25.33
N SER C 50 -0.69 -19.52 24.80
CA SER C 50 0.24 -20.49 25.35
C SER C 50 0.33 -21.69 24.41
N ASN C 51 1.30 -22.57 24.70
CA ASN C 51 1.50 -23.86 24.04
C ASN C 51 1.56 -23.77 22.52
N PRO C 52 2.64 -23.24 21.95
CA PRO C 52 2.73 -23.12 20.49
C PRO C 52 3.17 -24.42 19.83
N LEU C 53 2.82 -24.55 18.55
CA LEU C 53 3.34 -25.60 17.69
C LEU C 53 4.30 -25.00 16.66
N THR C 54 4.92 -25.86 15.86
CA THR C 54 5.96 -25.41 14.94
C THR C 54 5.76 -26.00 13.55
N LYS C 55 6.05 -25.20 12.53
CA LYS C 55 6.10 -25.64 11.14
C LYS C 55 7.18 -24.83 10.43
N ASP C 56 7.67 -25.37 9.31
CA ASP C 56 8.76 -24.78 8.57
C ASP C 56 8.36 -24.53 7.11
N ILE C 57 8.76 -23.37 6.59
CA ILE C 57 8.51 -23.00 5.20
C ILE C 57 9.80 -22.44 4.61
N VAL C 58 9.83 -22.39 3.27
CA VAL C 58 10.97 -21.88 2.53
C VAL C 58 10.48 -20.78 1.58
N ILE C 59 11.17 -19.64 1.59
CA ILE C 59 10.83 -18.50 0.74
C ILE C 59 12.01 -18.26 -0.20
N LYS C 60 11.72 -18.27 -1.50
CA LYS C 60 12.72 -18.03 -2.54
C LYS C 60 12.56 -16.59 -3.03
N MET C 61 13.65 -15.83 -3.00
CA MET C 61 13.60 -14.39 -3.23
C MET C 61 14.11 -13.99 -4.61
N ILE C 62 14.26 -14.92 -5.53
CA ILE C 62 14.70 -14.60 -6.88
C ILE C 62 13.83 -15.35 -7.89
N PRO C 63 13.34 -14.68 -8.93
CA PRO C 63 12.49 -15.36 -9.91
C PRO C 63 13.29 -16.08 -10.98
N ASN C 64 12.56 -16.88 -11.76
CA ASN C 64 13.14 -17.67 -12.84
C ASN C 64 12.75 -17.04 -14.17
N VAL C 65 13.75 -16.73 -15.00
CA VAL C 65 13.55 -16.06 -16.27
C VAL C 65 14.00 -16.94 -17.44
N SER C 66 13.85 -18.25 -17.32
CA SER C 66 14.37 -19.17 -18.33
C SER C 66 13.67 -19.01 -19.67
N ASN C 67 12.38 -18.68 -19.67
CA ASN C 67 11.61 -18.59 -20.91
C ASN C 67 11.61 -17.19 -21.51
N MET C 68 12.37 -16.25 -20.94
CA MET C 68 12.51 -14.92 -21.53
C MET C 68 13.96 -14.44 -21.47
N SER C 69 14.93 -15.37 -21.54
CA SER C 69 16.32 -15.04 -21.25
C SER C 69 16.97 -14.24 -22.37
N GLN C 70 16.48 -14.36 -23.60
CA GLN C 70 17.15 -13.74 -24.75
C GLN C 70 17.20 -12.23 -24.69
N CYS C 71 16.31 -11.60 -23.93
CA CYS C 71 16.29 -10.14 -23.86
C CYS C 71 15.94 -9.64 -22.47
N THR C 72 16.67 -10.11 -21.45
CA THR C 72 16.54 -9.61 -20.08
C THR C 72 17.55 -8.49 -19.80
N GLY C 73 18.76 -8.63 -20.31
CA GLY C 73 19.79 -7.64 -20.11
C GLY C 73 20.62 -7.90 -18.87
N SER C 74 21.19 -6.81 -18.34
CA SER C 74 22.06 -6.87 -17.19
C SER C 74 21.37 -6.54 -15.88
N VAL C 75 20.04 -6.53 -15.85
CA VAL C 75 19.31 -6.14 -14.64
C VAL C 75 19.51 -7.17 -13.54
N MET C 76 19.61 -8.45 -13.91
CA MET C 76 19.69 -9.52 -12.90
C MET C 76 20.98 -9.44 -12.08
N GLU C 77 22.11 -9.13 -12.73
CA GLU C 77 23.36 -9.01 -11.98
C GLU C 77 23.30 -7.86 -10.99
N ASN C 78 22.75 -6.72 -11.41
CA ASN C 78 22.60 -5.59 -10.50
C ASN C 78 21.67 -5.93 -9.34
N TYR C 79 20.58 -6.66 -9.62
CA TYR C 79 19.67 -7.07 -8.57
C TYR C 79 20.38 -7.98 -7.56
N LYS C 80 21.18 -8.92 -8.06
CA LYS C 80 21.95 -9.79 -7.17
C LYS C 80 22.92 -8.99 -6.31
N THR C 81 23.62 -8.03 -6.92
CA THR C 81 24.57 -7.21 -6.17
C THR C 81 23.86 -6.41 -5.09
N ARG C 82 22.68 -5.86 -5.40
CA ARG C 82 21.92 -5.11 -4.41
C ARG C 82 21.42 -6.03 -3.29
N LEU C 83 20.97 -7.24 -3.62
CA LEU C 83 20.36 -8.10 -2.62
C LEU C 83 21.41 -8.73 -1.70
N ASN C 84 22.62 -8.97 -2.21
CA ASN C 84 23.65 -9.61 -1.40
C ASN C 84 24.04 -8.74 -0.21
N GLY C 85 24.18 -7.43 -0.43
CA GLY C 85 24.53 -6.52 0.65
C GLY C 85 23.45 -6.36 1.69
N ILE C 86 22.20 -6.65 1.34
CA ILE C 86 21.12 -6.65 2.31
C ILE C 86 21.09 -7.96 3.08
N LEU C 87 21.35 -9.07 2.39
CA LEU C 87 21.27 -10.38 3.03
C LEU C 87 22.46 -10.67 3.94
N THR C 88 23.62 -10.09 3.66
CA THR C 88 24.82 -10.42 4.43
C THR C 88 24.72 -10.10 5.93
N PRO C 89 24.27 -8.92 6.37
CA PRO C 89 24.28 -8.63 7.81
C PRO C 89 23.44 -9.59 8.65
N ILE C 90 22.33 -10.10 8.11
CA ILE C 90 21.51 -11.04 8.88
C ILE C 90 22.27 -12.33 9.16
N LYS C 91 22.96 -12.86 8.14
CA LYS C 91 23.78 -14.04 8.35
C LYS C 91 24.93 -13.76 9.30
N GLY C 92 25.55 -12.58 9.18
CA GLY C 92 26.61 -12.22 10.09
C GLY C 92 26.16 -12.17 11.54
N ALA C 93 24.95 -11.65 11.78
CA ALA C 93 24.41 -11.61 13.14
C ALA C 93 24.03 -13.00 13.63
N LEU C 94 23.50 -13.84 12.74
CA LEU C 94 23.09 -15.19 13.14
C LEU C 94 24.28 -16.08 13.46
N GLU C 95 25.43 -15.85 12.80
CA GLU C 95 26.57 -16.75 12.99
C GLU C 95 27.14 -16.68 14.40
N ILE C 96 26.77 -15.65 15.17
CA ILE C 96 27.33 -15.50 16.52
C ILE C 96 26.90 -16.65 17.42
N TYR C 97 25.61 -16.97 17.42
CA TYR C 97 25.10 -18.00 18.32
C TYR C 97 25.36 -19.41 17.79
N LYS C 98 25.53 -19.56 16.48
CA LYS C 98 25.81 -20.88 15.91
C LYS C 98 27.15 -21.42 16.42
N ASN C 99 28.17 -20.55 16.50
CA ASN C 99 29.51 -20.97 16.87
C ASN C 99 29.60 -21.47 18.30
N ASN C 100 28.96 -20.77 19.25
CA ASN C 100 29.20 -20.97 20.67
C ASN C 100 28.14 -21.85 21.33
N THR C 101 27.27 -22.49 20.56
CA THR C 101 26.24 -23.37 21.09
C THR C 101 26.52 -24.79 20.64
N HIS C 102 26.51 -25.73 21.59
CA HIS C 102 26.77 -27.13 21.29
C HIS C 102 26.10 -27.99 22.34
N ASP C 103 25.96 -29.28 22.02
CA ASP C 103 25.33 -30.24 22.91
C ASP C 103 26.28 -30.65 24.02
N CYS C 104 25.75 -30.73 25.23
CA CYS C 104 26.55 -31.12 26.39
C CYS C 104 26.95 -32.59 26.32
N GLY C 112 19.11 -29.22 27.95
CA GLY C 112 20.47 -29.72 28.10
C GLY C 112 21.39 -29.31 26.96
N VAL C 113 21.53 -28.00 26.77
CA VAL C 113 22.39 -27.46 25.71
C VAL C 113 23.45 -26.60 26.40
N CYS C 114 24.72 -26.89 26.10
CA CYS C 114 25.83 -26.13 26.67
C CYS C 114 26.07 -24.85 25.89
N MET C 115 26.29 -23.74 26.58
CA MET C 115 26.56 -22.45 25.98
C MET C 115 27.85 -21.86 26.55
N ALA C 116 28.49 -21.00 25.76
CA ALA C 116 29.76 -20.39 26.13
C ALA C 116 29.50 -18.92 26.46
N GLY C 117 29.35 -18.62 27.75
CA GLY C 117 29.04 -17.26 28.17
C GLY C 117 30.16 -16.29 27.90
N VAL C 118 31.41 -16.74 28.01
CA VAL C 118 32.55 -15.85 27.85
C VAL C 118 32.64 -15.28 26.45
N ALA C 119 32.38 -16.11 25.42
CA ALA C 119 32.47 -15.62 24.05
C ALA C 119 31.33 -14.68 23.69
N ILE C 120 30.13 -14.91 24.23
CA ILE C 120 29.00 -14.05 23.91
C ILE C 120 29.18 -12.66 24.54
N GLY C 121 29.57 -12.60 25.80
CA GLY C 121 29.83 -11.34 26.46
C GLY C 121 28.60 -10.67 27.05
N ILE C 122 27.77 -10.08 26.20
CA ILE C 122 26.58 -9.34 26.63
C ILE C 122 25.35 -9.98 26.01
N ALA C 123 24.38 -10.33 26.85
CA ALA C 123 23.14 -10.95 26.37
C ALA C 123 22.06 -10.77 27.41
N THR C 124 20.82 -10.97 26.99
CA THR C 124 19.66 -10.94 27.87
C THR C 124 18.99 -12.31 27.90
N ALA C 125 18.01 -12.45 28.80
CA ALA C 125 17.30 -13.72 28.95
C ALA C 125 16.55 -14.09 27.69
N ALA C 126 15.87 -13.13 27.06
CA ALA C 126 15.12 -13.41 25.85
C ALA C 126 16.04 -13.85 24.73
N GLN C 127 17.21 -13.23 24.60
CA GLN C 127 18.17 -13.63 23.58
C GLN C 127 18.66 -15.05 23.81
N ILE C 128 18.92 -15.42 25.07
CA ILE C 128 19.39 -16.76 25.37
C ILE C 128 18.31 -17.79 25.03
N THR C 129 17.06 -17.50 25.40
CA THR C 129 15.97 -18.41 25.08
C THR C 129 15.80 -18.55 23.58
N ALA C 130 15.88 -17.45 22.84
CA ALA C 130 15.78 -17.51 21.39
C ALA C 130 16.94 -18.28 20.78
N GLY C 131 18.14 -18.17 21.36
CA GLY C 131 19.26 -18.95 20.87
C GLY C 131 19.07 -20.44 21.09
N VAL C 132 18.53 -20.82 22.24
CA VAL C 132 18.21 -22.23 22.48
C VAL C 132 17.17 -22.73 21.48
N ALA C 133 16.13 -21.93 21.24
CA ALA C 133 15.11 -22.31 20.28
C ALA C 133 15.70 -22.44 18.88
N LEU C 134 16.61 -21.54 18.51
CA LEU C 134 17.28 -21.63 17.22
C LEU C 134 18.11 -22.90 17.11
N TYR C 135 18.85 -23.24 18.18
CA TYR C 135 19.65 -24.46 18.16
C TYR C 135 18.78 -25.71 18.04
N GLU C 136 17.55 -25.64 18.57
CA GLU C 136 16.67 -26.81 18.50
C GLU C 136 16.22 -27.16 17.09
N ALA C 137 16.43 -26.26 16.11
CA ALA C 137 15.95 -26.51 14.75
C ALA C 137 17.05 -26.91 13.77
N MET C 138 18.26 -27.20 14.26
CA MET C 138 19.36 -27.52 13.37
C MET C 138 19.12 -28.81 12.59
N LYS C 139 18.53 -29.82 13.24
CA LYS C 139 18.27 -31.07 12.54
C LYS C 139 17.31 -30.87 11.38
N ASN C 140 16.22 -30.13 11.61
CA ASN C 140 15.26 -29.87 10.54
C ASN C 140 15.89 -29.03 9.43
N ALA C 141 16.69 -28.02 9.80
CA ALA C 141 17.34 -27.21 8.79
C ALA C 141 18.29 -28.04 7.92
N ASP C 142 19.06 -28.92 8.56
CA ASP C 142 19.98 -29.78 7.80
C ASP C 142 19.22 -30.75 6.90
N ASN C 143 18.11 -31.31 7.38
CA ASN C 143 17.31 -32.19 6.54
C ASN C 143 16.74 -31.46 5.34
N ILE C 144 16.29 -30.21 5.55
CA ILE C 144 15.72 -29.44 4.45
C ILE C 144 16.80 -29.06 3.44
N ASN C 145 18.01 -28.76 3.92
CA ASN C 145 19.05 -28.23 3.06
C ASN C 145 19.55 -29.21 2.00
N LYS C 146 19.19 -30.49 2.09
CA LYS C 146 19.65 -31.46 1.10
C LYS C 146 18.92 -31.37 -0.23
N LEU C 147 17.88 -30.54 -0.33
CA LEU C 147 17.13 -30.37 -1.57
C LEU C 147 17.44 -29.05 -2.26
N LYS C 148 18.70 -28.62 -2.23
CA LYS C 148 19.06 -27.33 -2.83
C LYS C 148 18.83 -27.32 -4.35
N SER C 149 19.19 -28.42 -5.02
CA SER C 149 18.99 -28.50 -6.46
C SER C 149 17.52 -28.43 -6.82
N SER C 150 16.67 -29.13 -6.06
CA SER C 150 15.23 -29.07 -6.31
C SER C 150 14.68 -27.68 -6.03
N ILE C 151 15.18 -27.01 -4.99
CA ILE C 151 14.70 -25.67 -4.67
C ILE C 151 15.06 -24.68 -5.77
N GLU C 152 16.29 -24.79 -6.28
CA GLU C 152 16.78 -23.84 -7.29
C GLU C 152 16.09 -23.98 -8.64
N SER C 153 15.36 -25.07 -8.89
CA SER C 153 14.77 -25.29 -10.20
C SER C 153 13.27 -25.01 -10.24
N THR C 154 12.67 -24.58 -9.14
CA THR C 154 11.24 -24.33 -9.12
C THR C 154 10.89 -23.13 -10.01
N ASN C 155 9.75 -23.23 -10.70
CA ASN C 155 9.30 -22.16 -11.57
C ASN C 155 7.80 -21.88 -11.40
N GLU C 156 7.28 -22.00 -10.20
CA GLU C 156 5.88 -21.73 -9.91
C GLU C 156 5.77 -20.94 -8.61
N ALA C 157 4.65 -20.25 -8.45
CA ALA C 157 4.46 -19.43 -7.25
C ALA C 157 4.41 -20.28 -5.99
N VAL C 158 3.69 -21.41 -6.03
CA VAL C 158 3.60 -22.34 -4.92
C VAL C 158 3.95 -23.72 -5.42
N VAL C 159 4.95 -24.35 -4.79
CA VAL C 159 5.41 -25.68 -5.16
C VAL C 159 5.50 -26.53 -3.90
N LYS C 160 5.08 -27.79 -4.00
CA LYS C 160 5.13 -28.73 -2.90
C LYS C 160 6.31 -29.69 -3.10
N LEU C 161 7.18 -29.78 -2.11
CA LEU C 161 8.35 -30.66 -2.17
C LEU C 161 8.23 -31.74 -1.11
N GLN C 162 8.78 -32.91 -1.42
CA GLN C 162 8.74 -34.06 -0.52
C GLN C 162 10.11 -34.25 0.10
N GLU C 163 10.32 -33.67 1.29
CA GLU C 163 11.57 -33.84 2.02
C GLU C 163 11.78 -35.27 2.45
N THR C 164 10.78 -35.88 3.08
CA THR C 164 10.85 -37.27 3.51
C THR C 164 9.57 -37.96 3.09
N ALA C 165 9.52 -39.28 3.33
CA ALA C 165 8.33 -40.06 2.98
C ALA C 165 7.12 -39.67 3.80
N GLU C 166 7.31 -38.99 4.94
CA GLU C 166 6.22 -38.65 5.83
C GLU C 166 6.01 -37.15 6.01
N LYS C 167 6.94 -36.32 5.57
CA LYS C 167 6.85 -34.88 5.78
C LYS C 167 7.14 -34.15 4.47
N THR C 168 6.48 -33.02 4.28
CA THR C 168 6.60 -32.23 3.06
C THR C 168 6.95 -30.78 3.39
N VAL C 169 7.53 -30.09 2.41
CA VAL C 169 7.96 -28.70 2.55
C VAL C 169 7.38 -27.89 1.41
N TYR C 170 6.95 -26.67 1.72
CA TYR C 170 6.39 -25.76 0.73
C TYR C 170 7.38 -24.65 0.40
N VAL C 171 7.42 -24.26 -0.87
CA VAL C 171 8.33 -23.23 -1.36
C VAL C 171 7.51 -22.14 -2.04
N PHE C 172 7.83 -20.89 -1.73
CA PHE C 172 7.14 -19.72 -2.28
C PHE C 172 8.13 -18.84 -3.01
N THR C 173 7.74 -18.35 -4.19
CA THR C 173 8.59 -17.53 -5.03
C THR C 173 8.05 -16.11 -5.06
N ALA C 174 8.95 -15.12 -5.16
CA ALA C 174 8.55 -13.73 -4.98
C ALA C 174 7.69 -13.23 -6.13
N LEU C 175 8.24 -13.21 -7.34
CA LEU C 175 7.58 -12.57 -8.48
C LEU C 175 7.38 -13.51 -9.66
N GLN C 176 7.18 -14.81 -9.41
CA GLN C 176 7.01 -15.75 -10.51
C GLN C 176 5.68 -15.54 -11.23
N ASP C 177 4.62 -15.19 -10.50
CA ASP C 177 3.31 -15.06 -11.10
C ASP C 177 3.27 -13.94 -12.13
N TYR C 178 3.87 -12.79 -11.80
CA TYR C 178 3.87 -11.65 -12.72
C TYR C 178 4.57 -12.00 -14.03
N ILE C 179 5.75 -12.62 -13.94
CA ILE C 179 6.49 -12.99 -15.14
C ILE C 179 5.72 -14.03 -15.94
N ASN C 180 5.15 -15.02 -15.26
CA ASN C 180 4.44 -16.08 -15.96
C ASN C 180 3.17 -15.56 -16.64
N THR C 181 2.54 -14.53 -16.07
CA THR C 181 1.25 -14.05 -16.57
C THR C 181 1.36 -12.93 -17.59
N ASN C 182 2.15 -11.89 -17.32
CA ASN C 182 2.14 -10.68 -18.15
C ASN C 182 3.29 -10.64 -19.15
N LEU C 183 4.53 -10.83 -18.69
CA LEU C 183 5.68 -10.56 -19.53
C LEU C 183 5.81 -11.60 -20.64
N VAL C 184 5.69 -12.89 -20.30
CA VAL C 184 5.94 -13.94 -21.30
C VAL C 184 4.94 -13.92 -22.45
N PRO C 185 3.62 -13.86 -22.23
CA PRO C 185 2.70 -13.84 -23.39
C PRO C 185 2.85 -12.64 -24.30
N THR C 186 3.32 -11.50 -23.78
CA THR C 186 3.41 -10.28 -24.56
C THR C 186 4.78 -10.09 -25.21
N ILE C 187 5.68 -11.08 -25.08
CA ILE C 187 7.06 -10.92 -25.53
C ILE C 187 7.17 -10.72 -27.03
N ASP C 188 6.19 -11.20 -27.81
CA ASP C 188 6.27 -11.15 -29.26
C ASP C 188 5.53 -9.96 -29.87
N LYS C 189 4.96 -9.07 -29.05
CA LYS C 189 4.26 -7.90 -29.54
C LYS C 189 4.91 -6.59 -29.15
N ILE C 190 6.02 -6.64 -28.39
CA ILE C 190 6.67 -5.42 -27.89
C ILE C 190 8.17 -5.61 -27.92
N PRO C 191 8.89 -4.59 -28.39
CA PRO C 191 10.36 -4.66 -28.39
C PRO C 191 10.90 -4.85 -26.97
N CYS C 192 12.00 -5.60 -26.84
CA CYS C 192 12.48 -6.02 -25.53
C CYS C 192 13.03 -4.88 -24.69
N LYS C 193 13.27 -3.70 -25.27
CA LYS C 193 13.70 -2.59 -24.42
C LYS C 193 12.65 -2.22 -23.39
N GLN C 194 11.38 -2.16 -23.81
CA GLN C 194 10.29 -1.87 -22.89
C GLN C 194 10.10 -2.99 -21.88
N THR C 195 10.29 -4.24 -22.31
CA THR C 195 10.18 -5.36 -21.37
C THR C 195 11.27 -5.32 -20.33
N GLU C 196 12.51 -5.00 -20.72
CA GLU C 196 13.58 -4.85 -19.75
C GLU C 196 13.29 -3.71 -18.79
N LEU C 197 12.77 -2.59 -19.31
CA LEU C 197 12.39 -1.49 -18.42
C LEU C 197 11.32 -1.91 -17.43
N SER C 198 10.32 -2.66 -17.90
CA SER C 198 9.25 -3.13 -17.01
C SER C 198 9.78 -4.07 -15.95
N LEU C 199 10.66 -5.00 -16.33
CA LEU C 199 11.24 -5.92 -15.35
C LEU C 199 12.07 -5.18 -14.32
N ASP C 200 12.87 -4.21 -14.77
CA ASP C 200 13.66 -3.41 -13.84
C ASP C 200 12.76 -2.62 -12.89
N LEU C 201 11.68 -2.04 -13.41
CA LEU C 201 10.74 -1.31 -12.56
C LEU C 201 10.10 -2.23 -11.53
N ALA C 202 9.71 -3.43 -11.94
CA ALA C 202 9.10 -4.38 -11.01
C ALA C 202 10.08 -4.78 -9.91
N LEU C 203 11.32 -5.06 -10.29
CA LEU C 203 12.33 -5.43 -9.29
C LEU C 203 12.60 -4.27 -8.33
N SER C 204 12.68 -3.05 -8.86
CA SER C 204 12.91 -1.89 -8.00
C SER C 204 11.75 -1.65 -7.05
N LYS C 205 10.52 -1.83 -7.52
CA LYS C 205 9.36 -1.69 -6.64
C LYS C 205 9.36 -2.76 -5.56
N TYR C 206 9.72 -3.99 -5.91
CA TYR C 206 9.81 -5.05 -4.93
C TYR C 206 10.86 -4.71 -3.87
N LEU C 207 12.01 -4.22 -4.30
CA LEU C 207 13.06 -3.84 -3.34
C LEU C 207 12.61 -2.68 -2.46
N SER C 208 11.91 -1.70 -3.04
CA SER C 208 11.40 -0.58 -2.26
C SER C 208 10.41 -1.03 -1.20
N ASP C 209 9.52 -1.96 -1.53
CA ASP C 209 8.60 -2.51 -0.55
C ASP C 209 9.30 -3.38 0.48
N LEU C 210 10.39 -4.07 0.09
CA LEU C 210 11.07 -4.97 1.00
C LEU C 210 11.93 -4.23 2.02
N LEU C 211 12.52 -3.10 1.62
CA LEU C 211 13.54 -2.45 2.44
C LEU C 211 13.02 -1.97 3.78
N PHE C 212 11.70 -1.85 3.96
CA PHE C 212 11.17 -1.30 5.20
C PHE C 212 11.35 -2.24 6.38
N VAL C 213 11.28 -3.54 6.15
CA VAL C 213 11.27 -4.53 7.23
C VAL C 213 12.64 -5.14 7.47
N PHE C 214 13.30 -5.61 6.41
CA PHE C 214 14.55 -6.34 6.54
C PHE C 214 15.79 -5.47 6.46
N GLY C 215 15.62 -4.15 6.44
CA GLY C 215 16.75 -3.25 6.35
C GLY C 215 17.52 -3.14 7.65
N PRO C 216 18.18 -2.00 7.86
CA PRO C 216 18.96 -1.80 9.09
C PRO C 216 18.12 -1.81 10.36
N ASN C 217 16.80 -1.68 10.21
CA ASN C 217 15.91 -1.72 11.38
C ASN C 217 15.97 -3.09 12.07
N LEU C 218 16.29 -4.15 11.34
CA LEU C 218 16.39 -5.49 11.90
C LEU C 218 17.74 -5.65 12.60
N GLN C 219 17.84 -5.03 13.77
CA GLN C 219 19.07 -5.10 14.54
C GLN C 219 19.26 -6.46 15.21
N ASP C 220 18.18 -7.04 15.73
CA ASP C 220 18.25 -8.30 16.48
C ASP C 220 17.35 -9.33 15.83
N PRO C 221 17.88 -10.14 14.91
CA PRO C 221 17.08 -11.21 14.30
C PRO C 221 17.00 -12.49 15.11
N VAL C 222 17.68 -12.56 16.25
CA VAL C 222 17.68 -13.78 17.04
C VAL C 222 16.31 -14.00 17.69
N SER C 223 15.68 -12.94 18.18
CA SER C 223 14.41 -13.07 18.88
C SER C 223 13.32 -13.59 17.94
N ASN C 224 12.21 -14.02 18.55
CA ASN C 224 11.08 -14.58 17.81
C ASN C 224 9.80 -13.80 18.07
N SER C 225 9.91 -12.47 18.14
CA SER C 225 8.75 -11.62 18.39
C SER C 225 8.19 -10.99 17.12
N MET C 226 8.75 -11.30 15.96
CA MET C 226 8.27 -10.73 14.71
C MET C 226 7.00 -11.45 14.25
N THR C 227 5.97 -10.68 13.94
CA THR C 227 4.69 -11.24 13.53
C THR C 227 4.74 -11.73 12.08
N ILE C 228 3.79 -12.60 11.74
CA ILE C 228 3.75 -13.17 10.39
C ILE C 228 3.38 -12.11 9.36
N GLN C 229 2.65 -11.07 9.78
CA GLN C 229 2.29 -10.01 8.84
C GLN C 229 3.52 -9.28 8.33
N ALA C 230 4.47 -8.99 9.21
CA ALA C 230 5.71 -8.35 8.78
C ALA C 230 6.54 -9.28 7.91
N ILE C 231 6.56 -10.58 8.27
CA ILE C 231 7.34 -11.55 7.50
C ILE C 231 6.78 -11.70 6.09
N SER C 232 5.46 -11.59 5.94
CA SER C 232 4.83 -11.76 4.63
C SER C 232 5.21 -10.69 3.63
N GLN C 233 5.85 -9.60 4.07
CA GLN C 233 6.28 -8.56 3.16
C GLN C 233 7.27 -9.07 2.12
N ALA C 234 8.00 -10.15 2.42
CA ALA C 234 8.89 -10.75 1.44
C ALA C 234 8.13 -11.51 0.37
N PHE C 235 6.83 -11.72 0.56
CA PHE C 235 5.97 -12.40 -0.41
C PHE C 235 4.90 -11.46 -0.90
N GLY C 236 5.14 -10.15 -0.80
CA GLY C 236 4.19 -9.16 -1.23
C GLY C 236 3.06 -8.88 -0.27
N GLY C 237 3.17 -9.31 0.99
CA GLY C 237 2.13 -9.08 1.97
C GLY C 237 0.95 -10.02 1.90
N ASN C 238 1.08 -11.14 1.18
CA ASN C 238 0.00 -12.10 1.04
C ASN C 238 0.13 -13.23 2.06
N TYR C 239 -0.10 -12.87 3.32
CA TYR C 239 -0.04 -13.86 4.39
C TYR C 239 -1.26 -14.79 4.39
N GLU C 240 -2.36 -14.37 3.77
CA GLU C 240 -3.53 -15.22 3.69
C GLU C 240 -3.23 -16.50 2.91
N THR C 241 -2.49 -16.38 1.80
CA THR C 241 -2.11 -17.56 1.03
C THR C 241 -1.25 -18.50 1.86
N LEU C 242 -0.27 -17.96 2.59
CA LEU C 242 0.59 -18.80 3.42
C LEU C 242 -0.22 -19.53 4.48
N LEU C 243 -1.11 -18.80 5.16
CA LEU C 243 -1.91 -19.41 6.23
C LEU C 243 -2.85 -20.48 5.67
N ARG C 244 -3.47 -20.22 4.51
CA ARG C 244 -4.36 -21.20 3.90
C ARG C 244 -3.59 -22.44 3.47
N THR C 245 -2.38 -22.26 2.90
CA THR C 245 -1.59 -23.39 2.47
C THR C 245 -1.12 -24.23 3.65
N LEU C 246 -0.74 -23.58 4.75
CA LEU C 246 -0.31 -24.33 5.94
C LEU C 246 -1.43 -25.12 6.57
N GLY C 247 -2.70 -24.77 6.28
CA GLY C 247 -3.82 -25.53 6.79
C GLY C 247 -4.12 -25.32 8.26
N TYR C 248 -4.52 -24.10 8.62
CA TYR C 248 -4.92 -23.82 9.99
C TYR C 248 -6.21 -24.58 10.32
N ALA C 249 -6.28 -25.06 11.55
CA ALA C 249 -7.41 -25.88 11.99
C ALA C 249 -7.89 -25.40 13.37
N THR C 250 -8.07 -24.09 13.51
CA THR C 250 -8.51 -23.51 14.77
C THR C 250 -9.74 -22.65 14.55
N GLU C 251 -10.59 -22.58 15.57
CA GLU C 251 -11.77 -21.73 15.51
C GLU C 251 -11.47 -20.31 15.99
N ASP C 252 -10.46 -20.15 16.84
CA ASP C 252 -10.00 -18.84 17.30
C ASP C 252 -8.98 -18.22 16.37
N PHE C 253 -9.00 -18.60 15.08
CA PHE C 253 -7.98 -18.16 14.15
C PHE C 253 -7.98 -16.63 13.99
N ASP C 254 -9.17 -16.04 13.83
CA ASP C 254 -9.25 -14.59 13.66
C ASP C 254 -8.78 -13.85 14.90
N ASP C 255 -9.17 -14.31 16.09
CA ASP C 255 -8.75 -13.66 17.32
C ASP C 255 -7.24 -13.78 17.51
N LEU C 256 -6.66 -14.94 17.18
CA LEU C 256 -5.22 -15.09 17.27
C LEU C 256 -4.50 -14.18 16.27
N LEU C 257 -5.03 -14.08 15.06
CA LEU C 257 -4.39 -13.25 14.03
C LEU C 257 -4.44 -11.77 14.40
N GLU C 258 -5.58 -11.29 14.89
CA GLU C 258 -5.73 -9.88 15.18
C GLU C 258 -5.05 -9.47 16.48
N SER C 259 -4.69 -10.42 17.34
CA SER C 259 -4.00 -10.10 18.58
C SER C 259 -2.49 -10.19 18.46
N ASP C 260 -1.96 -10.42 17.26
CA ASP C 260 -0.52 -10.55 17.03
C ASP C 260 0.08 -11.68 17.86
N SER C 261 -0.62 -12.81 17.90
CA SER C 261 -0.16 -13.99 18.64
C SER C 261 0.57 -15.00 17.77
N ILE C 262 0.65 -14.78 16.46
CA ILE C 262 1.34 -15.67 15.54
C ILE C 262 2.64 -15.00 15.12
N THR C 263 3.76 -15.68 15.36
CA THR C 263 5.07 -15.12 15.13
C THR C 263 5.90 -16.07 14.27
N GLY C 264 7.12 -15.62 13.94
CA GLY C 264 8.03 -16.42 13.15
C GLY C 264 9.47 -16.11 13.50
N GLN C 265 10.36 -16.98 13.03
CA GLN C 265 11.79 -16.85 13.32
C GLN C 265 12.60 -17.32 12.11
N ILE C 266 13.67 -16.60 11.81
CA ILE C 266 14.58 -16.96 10.73
C ILE C 266 15.67 -17.86 11.28
N ILE C 267 15.90 -18.98 10.62
CA ILE C 267 16.86 -19.97 11.10
C ILE C 267 17.99 -20.27 10.12
N TYR C 268 17.88 -19.86 8.86
CA TYR C 268 18.93 -20.15 7.88
C TYR C 268 18.87 -19.14 6.75
N VAL C 269 20.05 -18.69 6.32
CA VAL C 269 20.19 -17.75 5.21
C VAL C 269 21.19 -18.32 4.22
N ASP C 270 20.84 -18.33 2.94
CA ASP C 270 21.70 -18.83 1.88
C ASP C 270 22.09 -17.67 0.98
N LEU C 271 23.40 -17.41 0.89
CA LEU C 271 23.91 -16.31 0.11
C LEU C 271 24.22 -16.69 -1.34
N SER C 272 24.14 -17.97 -1.69
CA SER C 272 24.42 -18.42 -3.05
C SER C 272 23.16 -18.73 -3.84
N SER C 273 22.12 -19.26 -3.19
CA SER C 273 20.85 -19.54 -3.85
C SER C 273 19.77 -18.54 -3.51
N TYR C 274 20.01 -17.65 -2.55
CA TYR C 274 19.09 -16.56 -2.20
C TYR C 274 17.73 -17.08 -1.75
N TYR C 275 17.76 -17.84 -0.66
CA TYR C 275 16.53 -18.29 0.00
C TYR C 275 16.76 -18.37 1.50
N ILE C 276 15.67 -18.32 2.25
CA ILE C 276 15.70 -18.36 3.70
C ILE C 276 14.70 -19.39 4.20
N ILE C 277 14.88 -19.83 5.44
CA ILE C 277 14.00 -20.79 6.09
C ILE C 277 13.39 -20.13 7.32
N VAL C 278 12.07 -20.25 7.46
CA VAL C 278 11.32 -19.59 8.52
C VAL C 278 10.50 -20.62 9.27
N ARG C 279 10.47 -20.51 10.59
CA ARG C 279 9.67 -21.37 11.46
C ARG C 279 8.51 -20.58 12.05
N VAL C 280 7.32 -21.14 11.98
CA VAL C 280 6.09 -20.45 12.39
C VAL C 280 5.56 -21.10 13.66
N TYR C 281 4.98 -20.29 14.54
CA TYR C 281 4.44 -20.75 15.82
C TYR C 281 2.94 -20.55 15.87
N PHE C 282 2.21 -21.57 16.30
CA PHE C 282 0.76 -21.52 16.43
C PHE C 282 0.37 -21.76 17.88
N PRO C 283 0.06 -20.72 18.66
CA PRO C 283 -0.24 -20.93 20.09
C PRO C 283 -1.69 -21.31 20.36
N ILE C 284 -2.02 -21.47 21.64
CA ILE C 284 -3.38 -21.81 22.08
C ILE C 284 -3.80 -20.83 23.16
N LEU C 285 -5.02 -20.33 23.08
CA LEU C 285 -5.53 -19.38 24.05
C LEU C 285 -6.05 -20.11 25.28
N THR C 286 -5.59 -19.67 26.46
CA THR C 286 -6.03 -20.20 27.74
C THR C 286 -6.61 -19.08 28.59
N GLU C 287 -7.67 -19.39 29.33
CA GLU C 287 -8.40 -18.39 30.11
C GLU C 287 -7.93 -18.42 31.55
N ILE C 288 -7.63 -17.23 32.09
CA ILE C 288 -7.20 -17.10 33.47
C ILE C 288 -8.40 -17.28 34.38
N GLN C 289 -8.24 -18.06 35.44
CA GLN C 289 -9.33 -18.35 36.37
C GLN C 289 -9.46 -17.25 37.41
N GLN C 290 -10.71 -16.98 37.80
CA GLN C 290 -11.02 -16.00 38.85
C GLN C 290 -10.52 -14.60 38.49
N ALA C 291 -10.81 -14.17 37.26
CA ALA C 291 -10.40 -12.86 36.80
C ALA C 291 -11.43 -12.31 35.82
N TYR C 292 -11.66 -11.01 35.87
CA TYR C 292 -12.58 -10.34 34.96
C TYR C 292 -12.23 -8.86 34.90
N ILE C 293 -12.77 -8.18 33.89
CA ILE C 293 -12.52 -6.77 33.64
C ILE C 293 -13.86 -6.05 33.60
N GLN C 294 -13.94 -4.93 34.33
CA GLN C 294 -15.16 -4.15 34.45
C GLN C 294 -15.00 -2.82 33.73
N GLU C 295 -16.06 -2.38 33.06
CA GLU C 295 -16.06 -1.14 32.29
C GLU C 295 -17.02 -0.13 32.91
N LEU C 296 -16.63 1.14 32.88
CA LEU C 296 -17.44 2.23 33.41
C LEU C 296 -17.71 3.26 32.34
N LEU C 297 -18.92 3.82 32.33
CA LEU C 297 -19.33 4.82 31.36
C LEU C 297 -19.39 6.18 32.02
N PRO C 298 -18.62 7.18 31.56
CA PRO C 298 -18.64 8.49 32.21
C PRO C 298 -19.76 9.39 31.71
N VAL C 299 -20.40 10.07 32.67
CA VAL C 299 -21.49 11.01 32.39
C VAL C 299 -21.23 12.29 33.17
N SER C 300 -21.39 13.43 32.50
CA SER C 300 -21.17 14.71 33.14
C SER C 300 -22.26 15.01 34.16
N PHE C 301 -21.91 15.81 35.17
CA PHE C 301 -22.83 16.16 36.23
C PHE C 301 -22.63 17.62 36.62
N ASN C 302 -23.66 18.18 37.24
CA ASN C 302 -23.70 19.59 37.62
C ASN C 302 -23.54 19.72 39.13
N ASN C 303 -22.61 20.58 39.57
CA ASN C 303 -22.40 20.73 41.00
C ASN C 303 -22.78 22.10 41.53
N ASP C 304 -22.14 23.17 41.04
CA ASP C 304 -22.51 24.51 41.50
C ASP C 304 -23.31 25.27 40.45
N ASN C 305 -22.67 25.60 39.32
CA ASN C 305 -23.36 26.20 38.19
C ASN C 305 -22.73 25.73 36.88
N SER C 306 -21.98 24.62 36.94
CA SER C 306 -21.15 24.21 35.82
C SER C 306 -21.14 22.70 35.71
N GLU C 307 -20.71 22.22 34.55
CA GLU C 307 -20.59 20.79 34.29
C GLU C 307 -19.22 20.30 34.73
N TRP C 308 -19.19 19.09 35.28
CA TRP C 308 -17.95 18.46 35.72
C TRP C 308 -17.91 17.02 35.26
N ILE C 309 -16.69 16.48 35.14
CA ILE C 309 -16.47 15.09 34.82
C ILE C 309 -15.46 14.52 35.81
N SER C 310 -15.52 13.21 36.03
CA SER C 310 -14.65 12.53 36.97
C SER C 310 -13.55 11.79 36.23
N ILE C 311 -12.32 11.93 36.72
CA ILE C 311 -11.15 11.35 36.08
C ILE C 311 -10.78 10.09 36.85
N VAL C 312 -11.24 8.95 36.36
CA VAL C 312 -10.88 7.64 36.92
C VAL C 312 -10.61 6.69 35.77
N PRO C 313 -9.85 5.62 36.01
CA PRO C 313 -9.64 4.63 34.96
C PRO C 313 -10.94 4.01 34.50
N ASN C 314 -11.03 3.77 33.18
CA ASN C 314 -12.26 3.23 32.62
C ASN C 314 -12.32 1.72 32.68
N PHE C 315 -11.17 1.05 32.65
CA PHE C 315 -11.10 -0.40 32.72
C PHE C 315 -10.39 -0.81 34.00
N ILE C 316 -10.99 -1.74 34.74
CA ILE C 316 -10.47 -2.19 36.02
C ILE C 316 -10.32 -3.70 35.97
N LEU C 317 -9.15 -4.20 36.36
CA LEU C 317 -8.85 -5.62 36.37
C LEU C 317 -8.92 -6.14 37.80
N VAL C 318 -9.78 -7.13 38.04
CA VAL C 318 -9.94 -7.74 39.36
C VAL C 318 -9.68 -9.23 39.21
N ARG C 319 -8.67 -9.72 39.93
CA ARG C 319 -8.39 -11.14 40.00
C ARG C 319 -8.23 -11.53 41.47
N ASN C 320 -8.81 -12.68 41.83
CA ASN C 320 -8.92 -13.10 43.22
C ASN C 320 -9.63 -12.02 44.05
N THR C 321 -8.86 -11.22 44.78
CA THR C 321 -9.42 -10.11 45.54
C THR C 321 -8.57 -8.85 45.41
N LEU C 322 -7.80 -8.71 44.34
CA LEU C 322 -6.89 -7.59 44.16
C LEU C 322 -7.34 -6.73 42.97
N ILE C 323 -7.23 -5.42 43.14
CA ILE C 323 -7.58 -4.44 42.12
C ILE C 323 -6.30 -3.80 41.59
N SER C 324 -6.19 -3.70 40.27
CA SER C 324 -4.99 -3.14 39.66
C SER C 324 -5.36 -2.56 38.30
N ASN C 325 -4.47 -1.73 37.76
CA ASN C 325 -4.67 -1.13 36.46
C ASN C 325 -4.26 -2.09 35.35
N ILE C 326 -4.51 -1.67 34.11
CA ILE C 326 -4.14 -2.44 32.93
C ILE C 326 -4.09 -1.51 31.73
N GLU C 327 -3.03 -1.64 30.92
CA GLU C 327 -2.91 -0.90 29.68
C GLU C 327 -3.58 -1.71 28.57
N ILE C 328 -4.87 -1.46 28.37
CA ILE C 328 -5.68 -2.25 27.46
C ILE C 328 -5.43 -1.86 26.00
N GLY C 329 -4.69 -0.76 25.77
CA GLY C 329 -4.39 -0.34 24.42
C GLY C 329 -3.50 -1.30 23.64
N PHE C 330 -2.88 -2.27 24.32
CA PHE C 330 -2.02 -3.26 23.69
C PHE C 330 -2.74 -4.59 23.48
N CYS C 331 -4.07 -4.59 23.66
CA CYS C 331 -4.84 -5.82 23.62
C CYS C 331 -6.07 -5.63 22.76
N LEU C 332 -6.62 -6.75 22.30
CA LEU C 332 -7.82 -6.75 21.46
C LEU C 332 -9.05 -6.80 22.35
N ILE C 333 -10.01 -5.90 22.10
CA ILE C 333 -11.25 -5.83 22.86
C ILE C 333 -12.36 -6.43 22.02
N THR C 334 -13.03 -7.44 22.55
CA THR C 334 -14.16 -8.07 21.89
C THR C 334 -15.41 -7.93 22.74
N LYS C 335 -16.52 -8.50 22.24
CA LYS C 335 -17.79 -8.39 22.93
C LYS C 335 -17.80 -9.18 24.24
N ARG C 336 -17.11 -10.32 24.28
CA ARG C 336 -17.22 -11.22 25.43
C ARG C 336 -15.95 -11.30 26.27
N SER C 337 -14.77 -11.15 25.68
CA SER C 337 -13.53 -11.30 26.43
C SER C 337 -12.45 -10.42 25.81
N VAL C 338 -11.38 -10.21 26.57
CA VAL C 338 -10.23 -9.40 26.13
C VAL C 338 -9.09 -10.38 25.87
N ILE C 339 -8.60 -10.40 24.63
CA ILE C 339 -7.53 -11.32 24.25
C ILE C 339 -6.21 -10.56 24.26
N CYS C 340 -5.23 -11.08 25.01
CA CYS C 340 -3.92 -10.48 25.13
C CYS C 340 -2.85 -11.51 24.81
N ASN C 341 -1.62 -11.02 24.61
CA ASN C 341 -0.45 -11.88 24.45
C ASN C 341 0.55 -11.76 25.58
N GLN C 342 0.30 -10.90 26.57
CA GLN C 342 1.19 -10.72 27.71
C GLN C 342 0.35 -10.28 28.90
N ASP C 343 0.93 -10.38 30.09
CA ASP C 343 0.28 -9.93 31.31
C ASP C 343 0.59 -8.45 31.50
N TYR C 344 -0.41 -7.61 31.27
CA TYR C 344 -0.24 -6.16 31.29
C TYR C 344 -0.73 -5.52 32.59
N ALA C 345 -0.60 -6.21 33.72
CA ALA C 345 -1.03 -5.64 34.99
C ALA C 345 -0.15 -4.46 35.39
N THR C 346 -0.77 -3.47 36.02
CA THR C 346 -0.10 -2.25 36.44
C THR C 346 -0.55 -1.92 37.86
N PRO C 347 0.38 -1.48 38.72
CA PRO C 347 0.01 -1.13 40.10
C PRO C 347 -0.88 0.12 40.14
N MET C 348 -1.59 0.25 41.25
CA MET C 348 -2.52 1.36 41.46
C MET C 348 -2.31 1.93 42.86
N THR C 349 -2.47 3.24 42.99
CA THR C 349 -2.26 3.90 44.27
C THR C 349 -3.38 3.56 45.25
N ASN C 350 -3.11 3.83 46.53
CA ASN C 350 -4.07 3.52 47.58
C ASN C 350 -5.28 4.44 47.52
N ASN C 351 -5.07 5.70 47.16
CA ASN C 351 -6.18 6.66 47.10
C ASN C 351 -7.20 6.27 46.04
N MET C 352 -6.74 5.81 44.87
CA MET C 352 -7.68 5.33 43.85
C MET C 352 -8.46 4.12 44.34
N ARG C 353 -7.78 3.21 45.06
CA ARG C 353 -8.47 2.05 45.61
C ARG C 353 -9.54 2.47 46.61
N GLU C 354 -9.24 3.45 47.46
CA GLU C 354 -10.23 3.94 48.41
C GLU C 354 -11.39 4.62 47.69
N CYS C 355 -11.09 5.39 46.64
CA CYS C 355 -12.14 6.04 45.86
C CYS C 355 -13.06 5.02 45.20
N LEU C 356 -12.50 3.92 44.69
CA LEU C 356 -13.31 2.94 43.98
C LEU C 356 -14.18 2.12 44.94
N THR C 357 -13.84 2.10 46.23
CA THR C 357 -14.58 1.29 47.20
C THR C 357 -15.71 2.05 47.88
N GLY C 358 -15.92 3.32 47.56
CA GLY C 358 -17.04 4.05 48.12
C GLY C 358 -16.66 5.34 48.82
N SER C 359 -15.38 5.70 48.82
CA SER C 359 -14.92 6.95 49.42
C SER C 359 -14.85 8.00 48.32
N THR C 360 -16.00 8.61 48.04
CA THR C 360 -16.13 9.57 46.95
C THR C 360 -15.61 10.96 47.30
N GLU C 361 -15.24 11.20 48.56
CA GLU C 361 -14.73 12.50 48.95
C GLU C 361 -13.32 12.78 48.45
N LYS C 362 -12.66 11.79 47.84
CA LYS C 362 -11.31 11.95 47.34
C LYS C 362 -11.15 11.56 45.88
N CYS C 363 -12.22 11.63 45.08
CA CYS C 363 -12.11 11.31 43.67
C CYS C 363 -12.03 12.62 42.87
N PRO C 364 -10.95 12.84 42.13
CA PRO C 364 -10.78 14.14 41.45
C PRO C 364 -11.76 14.34 40.31
N ARG C 365 -11.98 15.60 39.96
CA ARG C 365 -12.91 15.98 38.91
C ARG C 365 -12.33 17.12 38.09
N GLU C 366 -12.87 17.32 36.89
CA GLU C 366 -12.39 18.34 35.97
C GLU C 366 -13.56 19.12 35.39
N LEU C 367 -13.33 20.39 35.09
CA LEU C 367 -14.35 21.25 34.51
C LEU C 367 -14.55 20.93 33.03
N VAL C 368 -15.75 21.20 32.54
CA VAL C 368 -16.12 20.96 31.14
C VAL C 368 -16.31 22.31 30.45
N VAL C 369 -15.63 22.49 29.32
CA VAL C 369 -15.70 23.75 28.57
C VAL C 369 -16.27 23.46 27.19
N SER C 370 -16.05 22.26 26.68
CA SER C 370 -16.54 21.89 25.36
C SER C 370 -18.04 21.63 25.39
N SER C 371 -18.64 21.56 24.20
CA SER C 371 -20.08 21.35 24.11
C SER C 371 -20.44 19.92 23.72
N HIS C 372 -19.47 19.14 23.24
CA HIS C 372 -19.73 17.77 22.80
C HIS C 372 -19.31 16.78 23.90
N VAL C 373 -20.18 16.62 24.89
CA VAL C 373 -19.96 15.67 25.97
C VAL C 373 -21.23 14.84 26.18
N PRO C 374 -21.12 13.59 26.61
CA PRO C 374 -22.32 12.80 26.90
C PRO C 374 -23.02 13.32 28.14
N ARG C 375 -24.35 13.16 28.17
CA ARG C 375 -25.16 13.67 29.26
C ARG C 375 -26.17 12.66 29.80
N PHE C 376 -26.29 11.48 29.19
CA PHE C 376 -27.18 10.45 29.72
C PHE C 376 -26.68 9.08 29.28
N ALA C 377 -27.10 8.06 30.01
CA ALA C 377 -26.70 6.68 29.72
C ALA C 377 -27.80 5.74 30.19
N LEU C 378 -27.79 4.53 29.64
CA LEU C 378 -28.77 3.50 29.95
C LEU C 378 -28.06 2.28 30.54
N SER C 379 -28.60 1.76 31.64
CA SER C 379 -28.01 0.61 32.32
C SER C 379 -29.12 -0.25 32.90
N ASN C 380 -29.30 -1.46 32.36
CA ASN C 380 -30.28 -2.42 32.85
C ASN C 380 -31.69 -1.84 32.83
N GLY C 381 -32.00 -1.09 31.78
CA GLY C 381 -33.31 -0.49 31.65
C GLY C 381 -33.54 0.72 32.53
N VAL C 382 -32.51 1.25 33.16
CA VAL C 382 -32.61 2.41 34.03
C VAL C 382 -31.83 3.55 33.39
N LEU C 383 -32.38 4.76 33.51
CA LEU C 383 -31.86 5.93 32.84
C LEU C 383 -31.24 6.89 33.85
N PHE C 384 -29.99 7.27 33.61
CA PHE C 384 -29.30 8.30 34.40
C PHE C 384 -29.03 9.48 33.49
N ALA C 385 -29.51 10.66 33.88
CA ALA C 385 -29.41 11.82 33.00
C ALA C 385 -29.23 13.08 33.83
N ASN C 386 -28.58 14.08 33.23
CA ASN C 386 -28.41 15.40 33.81
C ASN C 386 -29.42 16.31 33.13
N CYS C 387 -30.56 16.52 33.80
CA CYS C 387 -31.67 17.24 33.18
C CYS C 387 -31.53 18.75 33.27
N ILE C 388 -30.47 19.27 33.88
CA ILE C 388 -30.23 20.71 33.86
C ILE C 388 -29.90 21.17 32.44
N SER C 389 -29.07 20.39 31.73
CA SER C 389 -28.59 20.77 30.41
C SER C 389 -29.27 19.99 29.29
N VAL C 390 -30.42 19.36 29.56
CA VAL C 390 -31.17 18.63 28.56
C VAL C 390 -32.64 18.59 28.97
N THR C 391 -33.51 18.47 27.99
CA THR C 391 -34.94 18.43 28.25
C THR C 391 -35.35 17.08 28.82
N CYS C 392 -36.24 17.10 29.80
CA CYS C 392 -36.72 15.87 30.45
C CYS C 392 -38.21 16.04 30.75
N GLN C 393 -39.04 15.35 29.99
CA GLN C 393 -40.48 15.33 30.22
C GLN C 393 -41.01 13.91 30.05
N CYS C 394 -42.08 13.61 30.78
CA CYS C 394 -42.65 12.27 30.80
C CYS C 394 -43.72 12.16 29.72
N GLN C 395 -43.56 11.19 28.82
CA GLN C 395 -44.49 11.05 27.70
C GLN C 395 -45.87 10.61 28.17
N THR C 396 -45.91 9.71 29.16
CA THR C 396 -47.20 9.19 29.63
C THR C 396 -48.08 10.29 30.22
N THR C 397 -47.49 11.16 31.04
CA THR C 397 -48.23 12.22 31.70
C THR C 397 -48.18 13.55 30.92
N GLY C 398 -47.20 13.73 30.05
CA GLY C 398 -47.04 15.00 29.37
C GLY C 398 -46.63 16.14 30.27
N ARG C 399 -45.73 15.87 31.23
CA ARG C 399 -45.27 16.86 32.17
C ARG C 399 -43.76 16.79 32.27
N ALA C 400 -43.14 17.94 32.51
CA ALA C 400 -41.69 18.03 32.53
C ALA C 400 -41.12 17.47 33.83
N ILE C 401 -39.85 17.07 33.77
CA ILE C 401 -39.11 16.57 34.93
C ILE C 401 -38.08 17.64 35.31
N SER C 402 -38.07 18.01 36.59
CA SER C 402 -37.24 19.12 37.06
C SER C 402 -36.15 18.61 37.98
N GLN C 403 -34.97 19.22 37.88
CA GLN C 403 -33.82 18.91 38.72
C GLN C 403 -33.48 20.12 39.58
N SER C 404 -33.31 19.89 40.88
CA SER C 404 -32.98 20.97 41.80
C SER C 404 -31.48 21.28 41.71
N GLY C 405 -31.09 22.35 42.40
CA GLY C 405 -29.69 22.75 42.41
C GLY C 405 -28.81 21.92 43.32
N GLU C 406 -29.40 21.11 44.20
CA GLU C 406 -28.63 20.29 45.12
C GLU C 406 -28.43 18.87 44.63
N GLN C 407 -28.88 18.54 43.43
CA GLN C 407 -28.77 17.20 42.89
C GLN C 407 -27.79 17.18 41.71
N THR C 408 -27.03 16.10 41.61
CA THR C 408 -26.07 15.97 40.51
C THR C 408 -26.68 15.20 39.34
N LEU C 409 -27.46 14.16 39.61
CA LEU C 409 -28.06 13.35 38.57
C LEU C 409 -29.43 12.86 39.05
N LEU C 410 -30.23 12.41 38.09
CA LEU C 410 -31.54 11.84 38.37
C LEU C 410 -31.62 10.40 37.86
N MET C 411 -32.24 9.53 38.65
CA MET C 411 -32.52 8.17 38.25
C MET C 411 -33.98 8.06 37.87
N ILE C 412 -34.26 7.57 36.67
CA ILE C 412 -35.61 7.50 36.13
C ILE C 412 -35.94 6.04 35.83
N ASP C 413 -36.99 5.53 36.46
CA ASP C 413 -37.48 4.18 36.21
C ASP C 413 -38.99 4.25 35.99
N ASN C 414 -39.59 3.08 35.78
CA ASN C 414 -41.02 3.05 35.47
C ASN C 414 -41.91 3.21 36.70
N THR C 415 -41.35 3.22 37.90
CA THR C 415 -42.16 3.48 39.08
C THR C 415 -42.66 4.92 39.14
N THR C 416 -42.02 5.82 38.40
CA THR C 416 -42.44 7.22 38.32
C THR C 416 -42.83 7.63 36.91
N CYS C 417 -42.00 7.31 35.92
CA CYS C 417 -42.26 7.66 34.52
C CYS C 417 -42.03 6.44 33.65
N PRO C 418 -43.08 5.68 33.32
CA PRO C 418 -42.91 4.47 32.51
C PRO C 418 -42.28 4.72 31.15
N THR C 419 -42.63 5.82 30.51
CA THR C 419 -42.12 6.17 29.19
C THR C 419 -41.64 7.62 29.19
N ALA C 420 -40.38 7.82 28.80
CA ALA C 420 -39.76 9.14 28.79
C ALA C 420 -39.25 9.47 27.40
N VAL C 421 -39.16 10.76 27.12
CA VAL C 421 -38.70 11.27 25.83
C VAL C 421 -37.51 12.21 26.06
N LEU C 422 -36.45 12.01 25.28
CA LEU C 422 -35.26 12.86 25.33
C LEU C 422 -34.99 13.37 23.90
N GLY C 423 -35.62 14.49 23.55
CA GLY C 423 -35.48 15.03 22.21
C GLY C 423 -36.38 14.33 21.22
N ASN C 424 -35.79 13.51 20.35
CA ASN C 424 -36.52 12.84 19.29
C ASN C 424 -36.58 11.32 19.48
N VAL C 425 -36.41 10.83 20.70
CA VAL C 425 -36.41 9.39 20.97
C VAL C 425 -37.43 9.08 22.06
N ILE C 426 -38.16 7.98 21.88
CA ILE C 426 -39.11 7.48 22.86
C ILE C 426 -38.55 6.19 23.42
N ILE C 427 -38.46 6.11 24.75
CA ILE C 427 -37.83 4.98 25.43
C ILE C 427 -38.75 4.47 26.53
N SER C 428 -38.78 3.15 26.70
CA SER C 428 -39.50 2.49 27.77
C SER C 428 -38.50 1.97 28.79
N LEU C 429 -38.84 2.10 30.07
CA LEU C 429 -37.89 1.89 31.15
C LEU C 429 -38.31 0.71 32.03
N GLY C 430 -37.32 0.14 32.70
CA GLY C 430 -37.53 -0.95 33.64
C GLY C 430 -37.63 -0.47 35.07
N LYS C 431 -37.28 -1.36 35.99
CA LYS C 431 -37.34 -1.08 37.42
C LYS C 431 -35.93 -1.09 38.01
N TYR C 432 -35.68 -0.17 38.94
CA TYR C 432 -34.37 -0.08 39.57
C TYR C 432 -34.25 -1.05 40.74
N LEU C 433 -33.13 -1.76 40.82
CA LEU C 433 -32.84 -2.66 41.92
C LEU C 433 -31.84 -1.99 42.85
N GLY C 434 -32.30 -1.56 44.01
CA GLY C 434 -31.46 -0.86 44.96
C GLY C 434 -32.30 -0.07 45.93
N SER C 435 -31.71 1.01 46.44
CA SER C 435 -32.38 1.85 47.42
C SER C 435 -33.58 2.55 46.79
N VAL C 436 -34.66 2.66 47.56
CA VAL C 436 -35.87 3.34 47.07
C VAL C 436 -35.77 4.84 47.23
N ASN C 437 -34.84 5.33 48.05
CA ASN C 437 -34.64 6.75 48.30
C ASN C 437 -33.42 7.30 47.57
N TYR C 438 -33.19 6.86 46.33
CA TYR C 438 -31.99 7.25 45.60
C TYR C 438 -31.93 8.76 45.38
N ASN C 439 -33.06 9.37 45.03
CA ASN C 439 -33.08 10.77 44.65
C ASN C 439 -33.14 11.72 45.84
N SER C 440 -33.20 11.21 47.07
CA SER C 440 -33.26 12.05 48.25
C SER C 440 -32.00 12.04 49.09
N GLU C 441 -30.92 11.43 48.60
CA GLU C 441 -29.68 11.30 49.35
C GLU C 441 -28.52 11.90 48.57
N GLY C 442 -27.71 12.72 49.25
CA GLY C 442 -26.57 13.36 48.63
C GLY C 442 -25.25 12.69 48.99
N ILE C 443 -24.18 13.21 48.39
CA ILE C 443 -22.83 12.68 48.56
C ILE C 443 -21.84 13.83 48.65
N ALA C 444 -20.56 13.46 48.80
CA ALA C 444 -19.48 14.43 48.86
C ALA C 444 -18.66 14.38 47.57
N ILE C 445 -17.97 15.48 47.28
CA ILE C 445 -17.21 15.63 46.05
C ILE C 445 -15.76 15.99 46.37
N GLY C 446 -14.88 15.76 45.41
CA GLY C 446 -13.46 15.98 45.59
C GLY C 446 -12.97 17.28 45.02
N PRO C 447 -11.65 17.44 44.93
CA PRO C 447 -11.08 18.70 44.45
C PRO C 447 -10.93 18.71 42.93
N PRO C 448 -10.94 19.89 42.31
CA PRO C 448 -10.73 19.96 40.86
C PRO C 448 -9.27 19.81 40.49
N VAL C 449 -9.03 19.34 39.26
CA VAL C 449 -7.68 19.14 38.75
C VAL C 449 -7.61 19.62 37.30
N PHE C 450 -6.39 19.74 36.80
CA PHE C 450 -6.10 20.05 35.41
C PHE C 450 -5.14 19.01 34.86
N THR C 451 -5.39 18.56 33.63
CA THR C 451 -4.65 17.43 33.06
C THR C 451 -3.83 17.79 31.84
N ASP C 452 -3.36 19.04 31.73
CA ASP C 452 -2.51 19.42 30.62
C ASP C 452 -1.05 19.47 31.05
N LYS C 453 -0.15 19.12 30.12
CA LYS C 453 1.26 18.99 30.45
C LYS C 453 1.85 20.29 30.96
N VAL C 454 1.65 21.38 30.22
CA VAL C 454 2.13 22.68 30.67
C VAL C 454 1.45 23.08 31.98
N ASP C 455 0.18 22.72 32.14
CA ASP C 455 -0.50 22.96 33.41
C ASP C 455 0.12 22.14 34.53
N ILE C 456 0.53 20.90 34.23
CA ILE C 456 1.23 20.09 35.23
C ILE C 456 2.51 20.78 35.67
N SER C 457 3.28 21.29 34.71
CA SER C 457 4.53 21.98 35.05
C SER C 457 4.26 23.23 35.88
N SER C 458 3.24 24.00 35.51
CA SER C 458 2.92 25.22 36.26
C SER C 458 2.50 24.88 37.68
N GLN C 459 1.68 23.84 37.85
CA GLN C 459 1.24 23.43 39.18
C GLN C 459 2.43 22.98 40.03
N ILE C 460 3.35 22.23 39.43
CA ILE C 460 4.53 21.78 40.15
C ILE C 460 5.36 22.97 40.60
N SER C 461 5.56 23.95 39.71
CA SER C 461 6.33 25.14 40.07
C SER C 461 5.67 25.88 41.22
N SER C 462 4.35 26.06 41.16
CA SER C 462 3.64 26.79 42.20
C SER C 462 3.75 26.07 43.54
N MET C 463 3.55 24.75 43.54
CA MET C 463 3.62 24.00 44.79
C MET C 463 5.03 24.04 45.37
N ASN C 464 6.05 23.96 44.52
CA ASN C 464 7.42 24.06 45.02
C ASN C 464 7.70 25.42 45.62
N GLN C 465 7.25 26.49 44.98
CA GLN C 465 7.47 27.82 45.54
C GLN C 465 6.76 27.97 46.88
N SER C 466 5.53 27.47 46.98
CA SER C 466 4.80 27.52 48.25
C SER C 466 5.52 26.73 49.34
N LEU C 467 5.98 25.53 49.00
CA LEU C 467 6.71 24.70 49.98
C LEU C 467 8.00 25.40 50.41
N GLN C 468 8.68 26.06 49.47
CA GLN C 468 9.92 26.76 49.80
C GLN C 468 9.65 27.92 50.75
N GLN C 469 8.58 28.67 50.51
CA GLN C 469 8.22 29.75 51.42
C GLN C 469 7.87 29.21 52.80
N SER C 470 7.15 28.09 52.86
CA SER C 470 6.83 27.47 54.13
C SER C 470 8.09 27.02 54.87
N LYS C 471 9.04 26.44 54.14
CA LYS C 471 10.29 26.01 54.76
C LYS C 471 11.10 27.21 55.27
N ASP C 472 11.10 28.30 54.51
CA ASP C 472 11.79 29.51 54.95
C ASP C 472 11.17 30.04 56.24
N TYR C 473 9.84 30.05 56.32
CA TYR C 473 9.19 30.48 57.55
C TYR C 473 9.49 29.53 58.69
N ILE C 474 9.56 28.23 58.42
CA ILE C 474 9.87 27.26 59.45
C ILE C 474 11.27 27.50 60.00
N LYS C 475 12.23 27.77 59.11
CA LYS C 475 13.59 28.08 59.56
C LYS C 475 13.61 29.36 60.38
N GLN D 20 -30.70 -19.51 -32.70
CA GLN D 20 -30.90 -19.83 -31.30
C GLN D 20 -30.06 -21.03 -30.88
N ILE D 21 -30.00 -21.28 -29.57
CA ILE D 21 -29.21 -22.39 -29.05
C ILE D 21 -29.91 -23.70 -29.37
N GLN D 22 -29.17 -24.64 -29.96
CA GLN D 22 -29.75 -25.91 -30.39
C GLN D 22 -28.67 -26.98 -30.40
N LEU D 23 -29.03 -28.18 -29.95
CA LEU D 23 -28.15 -29.34 -29.98
C LEU D 23 -28.85 -30.48 -30.70
N VAL D 24 -28.16 -31.09 -31.66
CA VAL D 24 -28.72 -32.15 -32.49
C VAL D 24 -27.83 -33.38 -32.39
N GLN D 25 -28.45 -34.53 -32.15
CA GLN D 25 -27.74 -35.79 -32.01
C GLN D 25 -28.05 -36.70 -33.19
N SER D 26 -27.40 -37.87 -33.20
CA SER D 26 -27.61 -38.84 -34.26
C SER D 26 -28.87 -39.66 -34.01
N GLY D 27 -29.16 -40.56 -34.94
CA GLY D 27 -30.36 -41.37 -34.85
C GLY D 27 -30.12 -42.66 -34.10
N PRO D 28 -31.18 -43.48 -34.02
CA PRO D 28 -31.06 -44.77 -33.34
C PRO D 28 -30.13 -45.72 -34.09
N GLU D 29 -29.48 -46.58 -33.32
CA GLU D 29 -28.52 -47.53 -33.85
C GLU D 29 -28.68 -48.88 -33.15
N LEU D 30 -28.47 -49.96 -33.90
CA LEU D 30 -28.55 -51.32 -33.30
C LEU D 30 -27.23 -52.06 -33.58
N LYS D 31 -26.69 -52.76 -32.58
CA LYS D 31 -25.38 -53.45 -32.73
C LYS D 31 -25.40 -54.79 -32.00
N LYS D 32 -24.58 -55.74 -32.44
CA LYS D 32 -24.49 -57.06 -31.76
C LYS D 32 -23.33 -57.02 -30.76
N PRO D 33 -23.32 -57.86 -29.70
CA PRO D 33 -22.28 -57.78 -28.66
C PRO D 33 -20.89 -57.91 -29.26
N GLY D 34 -19.95 -57.16 -28.69
CA GLY D 34 -18.55 -57.22 -29.09
C GLY D 34 -18.08 -56.13 -30.01
N GLU D 35 -18.97 -55.37 -30.63
CA GLU D 35 -18.56 -54.31 -31.55
C GLU D 35 -18.38 -53.00 -30.79
N THR D 36 -18.18 -51.92 -31.53
CA THR D 36 -18.01 -50.59 -30.96
C THR D 36 -19.04 -49.65 -31.58
N VAL D 37 -19.29 -48.54 -30.90
CA VAL D 37 -20.31 -47.59 -31.31
C VAL D 37 -19.78 -46.18 -31.08
N LYS D 38 -20.18 -45.25 -31.96
CA LYS D 38 -19.76 -43.83 -31.84
C LYS D 38 -20.98 -42.93 -31.97
N ILE D 39 -21.25 -42.11 -30.94
CA ILE D 39 -22.41 -41.16 -30.96
C ILE D 39 -21.86 -39.77 -31.33
N SER D 40 -22.70 -38.90 -31.89
CA SER D 40 -22.26 -37.53 -32.27
C SER D 40 -23.18 -36.49 -31.62
N CYS D 41 -22.72 -35.23 -31.52
CA CYS D 41 -23.54 -34.14 -30.95
C CYS D 41 -23.16 -32.81 -31.60
N LYS D 42 -24.08 -32.22 -32.37
CA LYS D 42 -23.79 -30.95 -33.10
C LYS D 42 -24.33 -29.75 -32.31
N ALA D 43 -23.50 -28.74 -32.08
CA ALA D 43 -23.91 -27.54 -31.37
C ALA D 43 -23.86 -26.31 -32.28
N SER D 44 -24.76 -25.38 -32.03
CA SER D 44 -24.83 -24.15 -32.81
C SER D 44 -25.57 -23.09 -32.02
N GLY D 45 -25.44 -21.84 -32.46
CA GLY D 45 -26.14 -20.72 -31.86
C GLY D 45 -25.41 -20.00 -30.75
N TYR D 46 -24.19 -20.42 -30.42
CA TYR D 46 -23.44 -19.80 -29.34
C TYR D 46 -21.96 -20.09 -29.53
N THR D 47 -21.14 -19.49 -28.65
CA THR D 47 -19.69 -19.68 -28.71
C THR D 47 -19.35 -21.04 -28.13
N PHE D 48 -18.83 -21.94 -28.99
CA PHE D 48 -18.58 -23.31 -28.57
C PHE D 48 -17.50 -23.38 -27.49
N ARG D 49 -16.46 -22.57 -27.61
CA ARG D 49 -15.31 -22.67 -26.72
C ARG D 49 -15.60 -22.19 -25.29
N ASN D 50 -16.75 -21.56 -25.05
CA ASN D 50 -17.01 -20.96 -23.75
C ASN D 50 -17.73 -21.88 -22.77
N TYR D 51 -18.17 -23.07 -23.19
CA TYR D 51 -18.97 -23.93 -22.35
C TYR D 51 -18.53 -25.39 -22.49
N GLY D 52 -18.76 -26.16 -21.42
CA GLY D 52 -18.45 -27.57 -21.42
C GLY D 52 -19.66 -28.43 -21.77
N VAL D 53 -19.39 -29.72 -21.99
CA VAL D 53 -20.42 -30.69 -22.39
C VAL D 53 -20.39 -31.86 -21.43
N ASN D 54 -21.57 -32.28 -20.98
CA ASN D 54 -21.74 -33.43 -20.10
C ASN D 54 -22.48 -34.54 -20.83
N TRP D 55 -22.36 -35.76 -20.32
CA TRP D 55 -23.06 -36.92 -20.86
C TRP D 55 -23.85 -37.59 -19.74
N VAL D 56 -25.11 -37.91 -20.03
CA VAL D 56 -26.04 -38.48 -19.06
C VAL D 56 -26.67 -39.72 -19.65
N LYS D 57 -26.76 -40.77 -18.83
CA LYS D 57 -27.33 -42.05 -19.25
C LYS D 57 -28.67 -42.27 -18.56
N GLN D 58 -29.68 -42.65 -19.34
CA GLN D 58 -30.99 -43.00 -18.82
C GLN D 58 -31.30 -44.45 -19.21
N GLY D 59 -31.07 -45.37 -18.29
CA GLY D 59 -31.31 -46.76 -18.53
C GLY D 59 -32.76 -47.14 -18.32
N PRO D 60 -33.03 -48.44 -18.42
CA PRO D 60 -34.39 -48.93 -18.13
C PRO D 60 -34.76 -48.64 -16.68
N GLY D 61 -36.04 -48.35 -16.47
CA GLY D 61 -36.50 -47.89 -15.17
C GLY D 61 -36.44 -46.39 -14.99
N LYS D 62 -36.02 -45.64 -16.00
CA LYS D 62 -35.98 -44.19 -16.03
C LYS D 62 -34.99 -43.59 -15.05
N ASP D 63 -34.05 -44.38 -14.54
CA ASP D 63 -33.00 -43.84 -13.68
C ASP D 63 -32.03 -43.01 -14.50
N LEU D 64 -31.45 -41.99 -13.87
CA LEU D 64 -30.50 -41.09 -14.51
C LEU D 64 -29.12 -41.24 -13.88
N LYS D 65 -28.11 -41.42 -14.72
CA LYS D 65 -26.72 -41.54 -14.27
C LYS D 65 -25.85 -40.54 -15.00
N TRP D 66 -24.80 -40.08 -14.34
CA TRP D 66 -23.87 -39.11 -14.89
C TRP D 66 -22.53 -39.78 -15.16
N MET D 67 -21.99 -39.57 -16.37
CA MET D 67 -20.72 -40.18 -16.74
C MET D 67 -19.54 -39.24 -16.52
N GLY D 68 -19.55 -38.07 -17.14
CA GLY D 68 -18.44 -37.16 -17.04
C GLY D 68 -18.61 -35.99 -17.99
N TRP D 69 -17.56 -35.19 -18.08
CA TRP D 69 -17.57 -33.99 -18.91
C TRP D 69 -16.21 -33.85 -19.59
N ILE D 70 -16.21 -33.10 -20.70
CA ILE D 70 -15.00 -32.85 -21.48
C ILE D 70 -14.82 -31.35 -21.60
N ASN D 71 -13.59 -30.89 -21.36
CA ASN D 71 -13.26 -29.48 -21.49
C ASN D 71 -13.10 -29.13 -22.97
N THR D 72 -13.75 -28.05 -23.40
CA THR D 72 -13.72 -27.65 -24.80
C THR D 72 -12.53 -26.77 -25.15
N LEU D 73 -11.71 -26.37 -24.17
CA LEU D 73 -10.51 -25.60 -24.47
C LEU D 73 -9.32 -26.53 -24.70
N ASN D 74 -9.05 -27.43 -23.75
CA ASN D 74 -7.93 -28.34 -23.87
C ASN D 74 -8.31 -29.69 -24.47
N GLY D 75 -9.51 -30.17 -24.20
CA GLY D 75 -9.90 -31.50 -24.65
C GLY D 75 -9.68 -32.60 -23.63
N GLU D 76 -9.45 -32.25 -22.37
CA GLU D 76 -9.18 -33.25 -21.34
C GLU D 76 -10.49 -33.80 -20.79
N PRO D 77 -10.72 -35.10 -20.88
CA PRO D 77 -11.97 -35.68 -20.37
C PRO D 77 -11.86 -36.09 -18.91
N THR D 78 -13.03 -36.33 -18.31
CA THR D 78 -13.12 -36.79 -16.93
C THR D 78 -14.22 -37.83 -16.85
N TYR D 79 -13.96 -38.93 -16.15
CA TYR D 79 -14.89 -40.06 -16.10
C TYR D 79 -15.30 -40.34 -14.66
N ALA D 80 -16.50 -40.90 -14.52
CA ALA D 80 -16.97 -41.33 -13.21
C ALA D 80 -16.37 -42.69 -12.85
N ASP D 81 -16.55 -43.07 -11.58
CA ASP D 81 -15.96 -44.31 -11.08
C ASP D 81 -16.49 -45.53 -11.81
N ASP D 82 -17.75 -45.49 -12.25
CA ASP D 82 -18.36 -46.63 -12.92
C ASP D 82 -18.09 -46.66 -14.41
N PHE D 83 -17.36 -45.67 -14.95
CA PHE D 83 -17.12 -45.59 -16.39
C PHE D 83 -15.66 -45.32 -16.72
N LYS D 84 -14.73 -45.96 -16.01
CA LYS D 84 -13.30 -45.72 -16.18
C LYS D 84 -12.67 -46.50 -17.32
N ARG D 85 -13.34 -47.52 -17.87
CA ARG D 85 -12.65 -48.49 -18.70
C ARG D 85 -13.07 -48.43 -20.17
N ARG D 86 -14.35 -48.56 -20.48
CA ARG D 86 -14.78 -48.80 -21.85
C ARG D 86 -15.32 -47.57 -22.56
N PHE D 87 -15.09 -46.37 -22.03
CA PHE D 87 -15.65 -45.15 -22.60
C PHE D 87 -14.55 -44.13 -22.86
N ALA D 88 -14.76 -43.33 -23.91
CA ALA D 88 -13.80 -42.31 -24.32
C ALA D 88 -14.52 -41.15 -24.99
N PHE D 89 -13.98 -39.95 -24.79
CA PHE D 89 -14.53 -38.73 -25.37
C PHE D 89 -13.54 -38.13 -26.35
N SER D 90 -14.06 -37.35 -27.31
CA SER D 90 -13.24 -36.67 -28.29
C SER D 90 -13.98 -35.44 -28.78
N LEU D 91 -13.24 -34.55 -29.43
CA LEU D 91 -13.77 -33.28 -29.92
C LEU D 91 -13.36 -33.05 -31.37
N GLU D 92 -14.17 -32.25 -32.06
CA GLU D 92 -13.87 -31.76 -33.41
C GLU D 92 -14.20 -30.27 -33.41
N THR D 93 -13.19 -29.45 -33.08
CA THR D 93 -13.44 -28.02 -32.90
C THR D 93 -13.82 -27.32 -34.19
N SER D 94 -13.33 -27.83 -35.33
CA SER D 94 -13.63 -27.19 -36.61
C SER D 94 -15.12 -27.20 -36.93
N ALA D 95 -15.80 -28.31 -36.69
CA ALA D 95 -17.23 -28.43 -36.94
C ALA D 95 -18.07 -28.26 -35.67
N THR D 96 -17.44 -27.99 -34.54
CA THR D 96 -18.10 -27.86 -33.24
C THR D 96 -18.97 -29.09 -32.95
N THR D 97 -18.30 -30.24 -32.89
CA THR D 97 -18.95 -31.52 -32.69
C THR D 97 -18.21 -32.32 -31.63
N ALA D 98 -18.97 -32.98 -30.76
CA ALA D 98 -18.42 -33.83 -29.72
C ALA D 98 -18.85 -35.26 -29.96
N PHE D 99 -17.98 -36.21 -29.61
CA PHE D 99 -18.20 -37.61 -29.89
C PHE D 99 -18.11 -38.44 -28.61
N LEU D 100 -18.85 -39.54 -28.58
CA LEU D 100 -18.81 -40.51 -27.50
C LEU D 100 -18.65 -41.91 -28.11
N GLN D 101 -17.70 -42.67 -27.60
CA GLN D 101 -17.39 -43.99 -28.14
C GLN D 101 -17.41 -45.03 -27.02
N ILE D 102 -18.03 -46.17 -27.31
CA ILE D 102 -18.13 -47.29 -26.38
C ILE D 102 -17.53 -48.51 -27.04
N ASN D 103 -16.67 -49.23 -26.31
CA ASN D 103 -16.01 -50.42 -26.81
C ASN D 103 -16.46 -51.64 -26.02
N ASN D 104 -16.47 -52.79 -26.69
CA ASN D 104 -16.83 -54.07 -26.09
C ASN D 104 -18.26 -54.03 -25.53
N LEU D 105 -19.20 -53.83 -26.45
CA LEU D 105 -20.61 -53.71 -26.08
C LEU D 105 -21.12 -55.01 -25.45
N LYS D 106 -22.13 -54.85 -24.59
CA LYS D 106 -22.77 -55.98 -23.93
C LYS D 106 -24.25 -55.66 -23.72
N ASN D 107 -24.94 -56.57 -23.05
CA ASN D 107 -26.40 -56.46 -22.93
C ASN D 107 -26.82 -55.28 -22.07
N GLU D 108 -26.05 -54.97 -21.03
CA GLU D 108 -26.46 -53.93 -20.09
C GLU D 108 -26.30 -52.52 -20.67
N ASP D 109 -25.70 -52.38 -21.85
CA ASP D 109 -25.49 -51.06 -22.44
C ASP D 109 -26.73 -50.49 -23.11
N THR D 110 -27.81 -51.27 -23.21
CA THR D 110 -29.04 -50.80 -23.84
C THR D 110 -29.67 -49.71 -22.98
N ALA D 111 -29.61 -48.47 -23.46
CA ALA D 111 -30.13 -47.33 -22.71
C ALA D 111 -30.25 -46.15 -23.67
N THR D 112 -30.59 -45.00 -23.12
CA THR D 112 -30.69 -43.75 -23.87
C THR D 112 -29.65 -42.78 -23.33
N TYR D 113 -28.91 -42.13 -24.25
CA TYR D 113 -27.82 -41.19 -23.83
C TYR D 113 -28.25 -39.74 -24.16
N PHE D 114 -27.63 -38.74 -23.51
CA PHE D 114 -28.09 -37.34 -23.70
C PHE D 114 -26.92 -36.36 -23.73
N CYS D 115 -27.06 -35.24 -24.45
CA CYS D 115 -26.02 -34.18 -24.45
C CYS D 115 -26.47 -33.14 -23.40
N ALA D 116 -25.52 -32.46 -22.75
CA ALA D 116 -25.88 -31.44 -21.73
C ALA D 116 -24.93 -30.24 -21.82
N ARG D 117 -25.45 -29.03 -21.63
CA ARG D 117 -24.62 -27.80 -21.72
C ARG D 117 -24.42 -27.26 -20.30
N THR D 118 -23.17 -27.12 -19.84
CA THR D 118 -22.95 -26.69 -18.46
C THR D 118 -22.97 -25.18 -18.37
N PHE D 119 -23.75 -24.65 -17.43
CA PHE D 119 -23.80 -23.23 -17.15
C PHE D 119 -23.30 -22.98 -15.73
N TYR D 120 -22.38 -22.03 -15.59
CA TYR D 120 -21.85 -21.65 -14.29
C TYR D 120 -21.47 -20.18 -14.32
N ASP D 121 -21.86 -19.46 -13.28
CA ASP D 121 -21.61 -18.03 -13.20
C ASP D 121 -20.99 -17.60 -11.88
N GLY D 122 -20.69 -18.53 -10.98
CA GLY D 122 -20.15 -18.22 -9.68
C GLY D 122 -21.10 -18.47 -8.53
N TYR D 123 -22.39 -18.67 -8.82
CA TYR D 123 -23.37 -18.90 -7.77
C TYR D 123 -23.83 -20.35 -7.71
N TYR D 124 -24.17 -20.94 -8.86
CA TYR D 124 -24.70 -22.30 -8.89
C TYR D 124 -24.41 -22.93 -10.24
N TYR D 125 -24.54 -24.25 -10.30
CA TYR D 125 -24.37 -25.02 -11.52
C TYR D 125 -25.73 -25.40 -12.10
N ALA D 126 -25.77 -25.62 -13.40
CA ALA D 126 -27.00 -25.98 -14.06
C ALA D 126 -26.71 -26.65 -15.40
N MET D 127 -27.69 -27.40 -15.90
CA MET D 127 -27.66 -27.98 -17.24
C MET D 127 -28.82 -27.35 -18.00
N ASP D 128 -28.53 -26.21 -18.64
CA ASP D 128 -29.58 -25.33 -19.17
C ASP D 128 -30.21 -25.82 -20.46
N TYR D 129 -29.46 -26.49 -21.34
CA TYR D 129 -30.03 -27.06 -22.56
C TYR D 129 -29.57 -28.51 -22.73
N TRP D 130 -30.44 -29.32 -23.32
CA TRP D 130 -30.21 -30.75 -23.49
C TRP D 130 -30.44 -31.14 -24.94
N GLY D 131 -29.91 -32.30 -25.31
CA GLY D 131 -30.17 -32.89 -26.61
C GLY D 131 -31.47 -33.66 -26.63
N GLN D 132 -31.78 -34.22 -27.80
CA GLN D 132 -33.00 -34.99 -27.97
C GLN D 132 -32.84 -36.46 -27.64
N GLY D 133 -31.62 -36.94 -27.40
CA GLY D 133 -31.40 -38.30 -26.98
C GLY D 133 -31.16 -39.28 -28.12
N THR D 134 -30.34 -40.30 -27.87
CA THR D 134 -30.04 -41.34 -28.83
C THR D 134 -30.22 -42.70 -28.17
N SER D 135 -30.87 -43.61 -28.87
CA SER D 135 -31.17 -44.95 -28.36
C SER D 135 -30.22 -45.97 -28.96
N VAL D 136 -29.66 -46.83 -28.10
CA VAL D 136 -28.74 -47.88 -28.51
C VAL D 136 -29.31 -49.21 -28.02
N THR D 137 -29.37 -50.19 -28.93
CA THR D 137 -29.90 -51.51 -28.62
C THR D 137 -28.83 -52.55 -28.94
N VAL D 138 -28.58 -53.46 -27.98
CA VAL D 138 -27.60 -54.52 -28.13
C VAL D 138 -28.33 -55.86 -28.10
N SER D 139 -28.09 -56.68 -29.12
CA SER D 139 -28.74 -57.99 -29.23
C SER D 139 -27.80 -59.00 -29.88
N ASN E 21 -24.09 -40.46 -1.44
CA ASN E 21 -25.21 -39.69 -0.93
C ASN E 21 -26.44 -39.87 -1.81
N VAL E 22 -27.15 -40.98 -1.61
CA VAL E 22 -28.32 -41.28 -2.41
C VAL E 22 -29.50 -40.44 -1.95
N LEU E 23 -30.42 -40.16 -2.88
CA LEU E 23 -31.62 -39.38 -2.60
C LEU E 23 -32.84 -40.27 -2.83
N THR E 24 -33.74 -40.31 -1.85
CA THR E 24 -34.92 -41.15 -1.90
C THR E 24 -36.16 -40.27 -1.91
N GLN E 25 -37.04 -40.50 -2.89
CA GLN E 25 -38.32 -39.81 -2.98
C GLN E 25 -39.43 -40.76 -2.58
N SER E 26 -40.21 -40.38 -1.58
CA SER E 26 -41.21 -41.28 -1.00
C SER E 26 -42.37 -41.54 -1.95
N PRO E 27 -43.03 -40.52 -2.52
CA PRO E 27 -44.16 -40.81 -3.42
C PRO E 27 -43.66 -41.39 -4.74
N THR E 28 -43.89 -42.70 -4.94
CA THR E 28 -43.52 -43.31 -6.21
C THR E 28 -44.53 -42.99 -7.31
N ILE E 29 -45.78 -42.75 -6.93
CA ILE E 29 -46.83 -42.38 -7.87
C ILE E 29 -47.93 -41.65 -7.09
N MET E 30 -48.55 -40.66 -7.73
CA MET E 30 -49.53 -39.81 -7.07
C MET E 30 -50.55 -39.31 -8.07
N ALA E 31 -51.82 -39.33 -7.68
CA ALA E 31 -52.93 -38.87 -8.51
C ALA E 31 -53.61 -37.70 -7.83
N ALA E 32 -54.06 -36.74 -8.63
CA ALA E 32 -54.69 -35.54 -8.11
C ALA E 32 -55.83 -35.11 -9.02
N SER E 33 -56.76 -34.34 -8.45
CA SER E 33 -57.88 -33.78 -9.19
C SER E 33 -57.60 -32.30 -9.48
N LEU E 34 -58.23 -31.78 -10.53
CA LEU E 34 -58.02 -30.40 -10.93
C LEU E 34 -58.39 -29.44 -9.80
N GLY E 35 -57.48 -28.50 -9.53
CA GLY E 35 -57.66 -27.55 -8.45
C GLY E 35 -57.10 -27.97 -7.11
N GLN E 36 -56.81 -29.26 -6.92
CA GLN E 36 -56.26 -29.74 -5.66
C GLN E 36 -54.77 -29.41 -5.58
N LYS E 37 -54.30 -29.21 -4.34
CA LYS E 37 -52.90 -28.95 -4.07
C LYS E 37 -52.23 -30.24 -3.59
N VAL E 38 -50.98 -30.43 -4.01
CA VAL E 38 -50.23 -31.65 -3.72
C VAL E 38 -48.85 -31.29 -3.22
N THR E 39 -48.20 -32.25 -2.56
CA THR E 39 -46.88 -32.05 -2.00
C THR E 39 -46.05 -33.32 -2.18
N MET E 40 -44.81 -33.17 -2.68
CA MET E 40 -43.90 -34.33 -2.88
C MET E 40 -42.77 -34.22 -1.85
N THR E 41 -41.98 -35.28 -1.68
CA THR E 41 -40.92 -35.25 -0.63
C THR E 41 -39.56 -35.65 -1.23
N CYS E 42 -38.46 -35.24 -0.59
CA CYS E 42 -37.10 -35.57 -1.07
C CYS E 42 -36.18 -35.77 0.15
N SER E 43 -35.84 -37.02 0.46
CA SER E 43 -34.99 -37.32 1.64
C SER E 43 -33.52 -37.36 1.23
N ALA E 44 -32.61 -37.09 2.18
CA ALA E 44 -31.15 -37.12 1.89
C ALA E 44 -30.46 -37.98 2.94
N ASN E 45 -29.56 -38.87 2.51
CA ASN E 45 -28.80 -39.73 3.45
C ASN E 45 -27.90 -38.87 4.33
N SER E 46 -27.26 -37.84 3.74
CA SER E 46 -26.32 -36.99 4.51
C SER E 46 -26.83 -35.54 4.56
N SER E 47 -26.21 -34.70 5.38
CA SER E 47 -26.60 -33.27 5.47
C SER E 47 -26.19 -32.55 4.18
N VAL E 48 -27.14 -31.93 3.49
CA VAL E 48 -26.85 -31.24 2.23
C VAL E 48 -27.16 -29.76 2.41
N SER E 49 -26.25 -28.91 1.94
CA SER E 49 -26.47 -27.47 2.02
C SER E 49 -27.63 -27.06 1.13
N SER E 50 -28.33 -26.00 1.54
CA SER E 50 -29.52 -25.56 0.81
C SER E 50 -29.16 -24.96 -0.55
N SER E 51 -27.90 -24.61 -0.77
CA SER E 51 -27.49 -24.00 -2.04
C SER E 51 -27.15 -25.04 -3.11
N TYR E 52 -27.22 -26.33 -2.79
CA TYR E 52 -26.81 -27.38 -3.72
C TYR E 52 -27.96 -28.26 -4.19
N LEU E 53 -29.20 -27.87 -3.94
CA LEU E 53 -30.37 -28.68 -4.29
C LEU E 53 -31.11 -28.04 -5.45
N HIS E 54 -31.50 -28.86 -6.44
CA HIS E 54 -32.23 -28.40 -7.60
C HIS E 54 -33.35 -29.39 -7.91
N TRP E 55 -34.29 -28.94 -8.74
CA TRP E 55 -35.41 -29.78 -9.17
C TRP E 55 -35.50 -29.75 -10.69
N TYR E 56 -35.86 -30.90 -11.27
CA TYR E 56 -36.03 -31.03 -12.71
C TYR E 56 -37.34 -31.76 -12.99
N HIS E 57 -37.88 -31.53 -14.19
CA HIS E 57 -39.10 -32.21 -14.62
C HIS E 57 -38.94 -32.63 -16.07
N GLN E 58 -39.60 -33.74 -16.42
CA GLN E 58 -39.51 -34.31 -17.75
C GLN E 58 -40.86 -34.83 -18.18
N LYS E 59 -41.25 -34.53 -19.42
CA LYS E 59 -42.47 -35.07 -20.00
C LYS E 59 -42.13 -36.28 -20.88
N SER E 60 -43.18 -37.01 -21.26
CA SER E 60 -42.98 -38.22 -22.06
C SER E 60 -42.38 -37.89 -23.42
N GLY E 61 -41.34 -38.62 -23.79
CA GLY E 61 -40.70 -38.41 -25.08
C GLY E 61 -39.92 -37.14 -25.21
N ALA E 62 -39.48 -36.55 -24.09
CA ALA E 62 -38.75 -35.29 -24.13
C ALA E 62 -37.60 -35.34 -23.14
N SER E 63 -36.66 -34.42 -23.31
CA SER E 63 -35.50 -34.31 -22.43
C SER E 63 -35.86 -33.52 -21.18
N PRO E 64 -35.17 -33.76 -20.07
CA PRO E 64 -35.44 -33.01 -18.84
C PRO E 64 -35.12 -31.53 -19.01
N LYS E 65 -35.83 -30.70 -18.25
CA LYS E 65 -35.64 -29.27 -18.22
C LYS E 65 -35.59 -28.80 -16.78
N PRO E 66 -34.84 -27.73 -16.50
CA PRO E 66 -34.77 -27.23 -15.12
C PRO E 66 -36.10 -26.63 -14.68
N LEU E 67 -36.38 -26.80 -13.39
CA LEU E 67 -37.60 -26.24 -12.80
C LEU E 67 -37.27 -25.26 -11.69
N ILE E 68 -36.43 -25.68 -10.75
CA ILE E 68 -36.02 -24.86 -9.61
C ILE E 68 -34.51 -25.01 -9.43
N HIS E 69 -33.82 -23.89 -9.26
CA HIS E 69 -32.35 -23.88 -9.27
C HIS E 69 -31.75 -23.80 -7.88
N ARG E 70 -32.55 -23.56 -6.85
CA ARG E 70 -32.07 -23.57 -5.47
C ARG E 70 -33.15 -24.21 -4.62
N THR E 71 -33.06 -24.04 -3.30
CA THR E 71 -34.13 -24.52 -2.43
C THR E 71 -35.44 -23.81 -2.71
N SER E 72 -35.38 -22.53 -3.10
CA SER E 72 -36.60 -21.75 -3.32
C SER E 72 -36.63 -20.95 -4.62
N ASN E 73 -35.50 -20.66 -5.25
CA ASN E 73 -35.48 -19.77 -6.40
C ASN E 73 -36.00 -20.47 -7.64
N LEU E 74 -37.02 -19.89 -8.26
CA LEU E 74 -37.61 -20.46 -9.47
C LEU E 74 -36.72 -20.19 -10.69
N ALA E 75 -36.85 -21.04 -11.69
CA ALA E 75 -36.13 -20.84 -12.95
C ALA E 75 -36.90 -19.89 -13.85
N SER E 76 -36.28 -19.53 -14.97
CA SER E 76 -36.89 -18.60 -15.92
C SER E 76 -38.04 -19.27 -16.64
N GLY E 77 -39.18 -18.59 -16.71
CA GLY E 77 -40.35 -19.09 -17.40
C GLY E 77 -41.21 -20.04 -16.62
N VAL E 78 -40.86 -20.33 -15.37
CA VAL E 78 -41.64 -21.25 -14.56
C VAL E 78 -42.79 -20.49 -13.90
N PRO E 79 -44.02 -21.00 -13.96
CA PRO E 79 -45.14 -20.31 -13.29
C PRO E 79 -44.92 -20.25 -11.78
N ALA E 80 -45.48 -19.20 -11.17
CA ALA E 80 -45.28 -18.95 -9.75
C ALA E 80 -46.08 -19.88 -8.86
N ARG E 81 -46.79 -20.87 -9.42
CA ARG E 81 -47.58 -21.78 -8.60
C ARG E 81 -46.75 -22.92 -8.01
N PHE E 82 -45.46 -22.98 -8.31
CA PHE E 82 -44.57 -24.00 -7.74
C PHE E 82 -43.84 -23.40 -6.54
N ILE E 83 -43.86 -24.12 -5.42
CA ILE E 83 -43.20 -23.67 -4.19
C ILE E 83 -42.28 -24.77 -3.70
N GLY E 84 -41.04 -24.40 -3.41
CA GLY E 84 -40.07 -25.34 -2.89
C GLY E 84 -39.51 -24.88 -1.56
N SER E 85 -39.33 -25.83 -0.65
CA SER E 85 -38.85 -25.51 0.69
C SER E 85 -38.20 -26.75 1.30
N GLY E 86 -37.41 -26.52 2.34
CA GLY E 86 -36.77 -27.61 3.05
C GLY E 86 -35.46 -27.16 3.65
N SER E 87 -34.93 -28.03 4.51
CA SER E 87 -33.65 -27.77 5.16
C SER E 87 -33.10 -29.08 5.71
N GLY E 88 -31.80 -29.06 6.00
CA GLY E 88 -31.14 -30.23 6.56
C GLY E 88 -31.12 -31.42 5.63
N THR E 89 -31.86 -32.47 5.98
CA THR E 89 -31.94 -33.68 5.17
C THR E 89 -33.34 -33.93 4.61
N SER E 90 -34.28 -33.03 4.85
CA SER E 90 -35.65 -33.17 4.38
C SER E 90 -36.03 -31.96 3.53
N PHE E 91 -36.51 -32.22 2.33
CA PHE E 91 -36.92 -31.18 1.41
C PHE E 91 -38.25 -31.57 0.79
N SER E 92 -38.98 -30.57 0.29
CA SER E 92 -40.32 -30.81 -0.23
C SER E 92 -40.60 -29.86 -1.39
N LEU E 93 -41.55 -30.26 -2.23
CA LEU E 93 -42.03 -29.45 -3.34
C LEU E 93 -43.55 -29.39 -3.27
N THR E 94 -44.11 -28.19 -3.49
CA THR E 94 -45.53 -27.95 -3.32
C THR E 94 -46.10 -27.30 -4.56
N ILE E 95 -47.26 -27.78 -5.00
CA ILE E 95 -48.02 -27.18 -6.10
C ILE E 95 -49.34 -26.66 -5.53
N SER E 96 -49.60 -25.37 -5.71
CA SER E 96 -50.79 -24.75 -5.15
C SER E 96 -52.08 -25.16 -5.86
N SER E 97 -52.03 -25.33 -7.17
CA SER E 97 -53.23 -25.70 -7.93
C SER E 97 -52.78 -26.38 -9.22
N VAL E 98 -53.10 -27.67 -9.35
CA VAL E 98 -52.64 -28.44 -10.50
C VAL E 98 -53.51 -28.13 -11.71
N GLU E 99 -52.98 -28.42 -12.90
CA GLU E 99 -53.70 -28.23 -14.15
C GLU E 99 -53.54 -29.48 -15.01
N ALA E 100 -54.05 -29.38 -16.24
CA ALA E 100 -54.04 -30.54 -17.14
C ALA E 100 -52.65 -30.87 -17.65
N GLU E 101 -51.77 -29.89 -17.80
CA GLU E 101 -50.45 -30.10 -18.40
C GLU E 101 -49.38 -30.45 -17.37
N ASP E 102 -49.73 -30.57 -16.09
CA ASP E 102 -48.76 -30.89 -15.05
C ASP E 102 -48.45 -32.37 -14.92
N ASP E 103 -48.81 -33.17 -15.92
CA ASP E 103 -48.57 -34.61 -15.85
C ASP E 103 -47.17 -34.99 -16.33
N ALA E 104 -46.17 -34.69 -15.51
CA ALA E 104 -44.77 -34.99 -15.83
C ALA E 104 -44.13 -35.78 -14.69
N THR E 105 -42.85 -36.07 -14.85
CA THR E 105 -42.06 -36.76 -13.83
C THR E 105 -41.03 -35.80 -13.25
N TYR E 106 -40.97 -35.72 -11.93
CA TYR E 106 -40.14 -34.74 -11.24
C TYR E 106 -38.94 -35.43 -10.60
N TYR E 107 -37.77 -34.77 -10.58
CA TYR E 107 -36.57 -35.35 -9.91
C TYR E 107 -35.86 -34.34 -8.99
N CYS E 108 -35.48 -34.74 -7.76
CA CYS E 108 -34.65 -33.84 -6.90
C CYS E 108 -33.17 -34.18 -7.14
N GLN E 109 -32.32 -33.17 -7.36
CA GLN E 109 -30.90 -33.44 -7.73
C GLN E 109 -29.94 -32.60 -6.88
N GLN E 110 -28.79 -33.16 -6.48
CA GLN E 110 -27.77 -32.38 -5.73
C GLN E 110 -26.53 -32.19 -6.61
N TRP E 111 -25.76 -31.11 -6.39
CA TRP E 111 -24.56 -30.86 -7.19
C TRP E 111 -23.67 -29.92 -6.39
N SER E 112 -22.66 -30.48 -5.71
CA SER E 112 -21.69 -29.72 -4.93
C SER E 112 -20.29 -29.84 -5.51
N GLY E 113 -20.17 -29.78 -6.83
CA GLY E 113 -18.90 -29.97 -7.50
C GLY E 113 -18.99 -30.98 -8.63
N TYR E 114 -17.95 -30.96 -9.48
CA TYR E 114 -17.95 -31.84 -10.65
C TYR E 114 -18.02 -33.33 -10.30
N PRO E 115 -17.22 -33.88 -9.37
CA PRO E 115 -17.34 -35.31 -9.07
C PRO E 115 -18.60 -35.70 -8.32
N PHE E 116 -19.20 -34.79 -7.56
CA PHE E 116 -20.32 -35.11 -6.67
C PHE E 116 -21.63 -34.67 -7.32
N ILE E 117 -22.18 -35.54 -8.17
CA ILE E 117 -23.46 -35.32 -8.81
C ILE E 117 -24.33 -36.56 -8.58
N THR E 118 -25.55 -36.35 -8.10
CA THR E 118 -26.46 -37.44 -7.79
C THR E 118 -27.88 -37.04 -8.14
N PHE E 119 -28.64 -37.98 -8.72
CA PHE E 119 -30.03 -37.76 -9.09
C PHE E 119 -30.95 -38.57 -8.19
N GLY E 120 -32.21 -38.14 -8.12
CA GLY E 120 -33.20 -38.87 -7.36
C GLY E 120 -33.84 -39.99 -8.15
N SER E 121 -34.86 -40.60 -7.54
CA SER E 121 -35.55 -41.72 -8.16
C SER E 121 -36.73 -41.30 -9.03
N GLY E 122 -37.32 -40.13 -8.79
CA GLY E 122 -38.40 -39.65 -9.63
C GLY E 122 -39.77 -39.94 -9.05
N THR E 123 -40.72 -39.08 -9.39
CA THR E 123 -42.10 -39.20 -8.95
C THR E 123 -43.04 -38.93 -10.12
N LYS E 124 -44.02 -39.79 -10.30
CA LYS E 124 -44.97 -39.69 -11.41
C LYS E 124 -46.28 -39.08 -10.90
N LEU E 125 -46.80 -38.11 -11.66
CA LEU E 125 -48.03 -37.42 -11.31
C LEU E 125 -49.13 -37.78 -12.30
N GLU E 126 -50.30 -38.14 -11.78
CA GLU E 126 -51.46 -38.49 -12.58
C GLU E 126 -52.61 -37.53 -12.28
N ILE E 127 -53.52 -37.41 -13.25
CA ILE E 127 -54.68 -36.53 -13.13
C ILE E 127 -55.94 -37.39 -13.16
N LYS E 128 -56.81 -37.19 -12.18
CA LYS E 128 -58.06 -37.92 -12.12
C LYS E 128 -59.07 -37.37 -13.12
N GLN F 20 15.14 -35.40 -30.19
CA GLN F 20 16.06 -34.81 -29.22
C GLN F 20 16.73 -33.56 -29.80
N ILE F 21 17.49 -32.86 -28.96
CA ILE F 21 18.16 -31.65 -29.40
C ILE F 21 19.34 -32.01 -30.29
N GLN F 22 19.40 -31.40 -31.47
CA GLN F 22 20.43 -31.73 -32.45
C GLN F 22 20.68 -30.52 -33.35
N LEU F 23 21.95 -30.27 -33.64
CA LEU F 23 22.36 -29.22 -34.56
C LEU F 23 23.24 -29.82 -35.64
N VAL F 24 22.93 -29.52 -36.90
CA VAL F 24 23.63 -30.08 -38.05
C VAL F 24 24.17 -28.94 -38.90
N GLN F 25 25.44 -29.03 -39.28
CA GLN F 25 26.10 -28.02 -40.09
C GLN F 25 26.41 -28.57 -41.48
N SER F 26 26.92 -27.70 -42.34
CA SER F 26 27.27 -28.09 -43.69
C SER F 26 28.64 -28.77 -43.72
N GLY F 27 29.03 -29.22 -44.91
CA GLY F 27 30.28 -29.93 -45.08
C GLY F 27 31.44 -29.00 -45.34
N PRO F 28 32.61 -29.59 -45.53
CA PRO F 28 33.81 -28.79 -45.81
C PRO F 28 33.74 -28.11 -47.17
N GLU F 29 34.42 -26.97 -47.27
CA GLU F 29 34.45 -26.17 -48.49
C GLU F 29 35.85 -25.61 -48.70
N LEU F 30 36.26 -25.53 -49.96
CA LEU F 30 37.57 -25.01 -50.34
C LEU F 30 37.37 -23.81 -51.26
N LYS F 31 38.15 -22.75 -51.03
CA LYS F 31 38.01 -21.51 -51.77
C LYS F 31 39.39 -20.94 -52.08
N LYS F 32 39.40 -19.98 -53.01
CA LYS F 32 40.52 -19.14 -53.43
C LYS F 32 40.39 -17.76 -52.81
N PRO F 33 41.50 -17.04 -52.60
CA PRO F 33 41.42 -15.71 -52.00
C PRO F 33 40.59 -14.75 -52.85
N GLY F 34 39.81 -13.91 -52.17
CA GLY F 34 38.98 -12.92 -52.84
C GLY F 34 37.52 -13.28 -52.96
N GLU F 35 37.14 -14.53 -52.75
CA GLU F 35 35.76 -14.96 -52.89
C GLU F 35 35.03 -14.83 -51.56
N THR F 36 33.80 -15.33 -51.51
CA THR F 36 32.99 -15.28 -50.29
C THR F 36 32.51 -16.69 -49.96
N VAL F 37 32.16 -16.88 -48.69
CA VAL F 37 31.74 -18.19 -48.20
C VAL F 37 30.46 -17.99 -47.37
N LYS F 38 29.63 -19.03 -47.32
CA LYS F 38 28.38 -19.00 -46.58
C LYS F 38 28.17 -20.36 -45.92
N ILE F 39 28.02 -20.36 -44.59
CA ILE F 39 27.87 -21.63 -43.81
C ILE F 39 26.43 -21.73 -43.30
N SER F 40 26.09 -22.84 -42.63
CA SER F 40 24.70 -23.05 -42.12
C SER F 40 24.73 -23.60 -40.69
N CYS F 41 23.63 -23.42 -39.95
CA CYS F 41 23.53 -23.95 -38.56
C CYS F 41 22.06 -24.30 -38.32
N LYS F 42 21.63 -25.49 -38.77
CA LYS F 42 20.21 -25.90 -38.64
C LYS F 42 19.96 -26.49 -37.25
N ALA F 43 18.83 -26.17 -36.62
CA ALA F 43 18.54 -26.66 -35.25
C ALA F 43 17.17 -27.36 -35.23
N SER F 44 17.01 -28.37 -34.37
CA SER F 44 15.73 -29.14 -34.30
C SER F 44 15.54 -29.74 -32.90
N GLY F 45 14.32 -30.21 -32.59
CA GLY F 45 14.10 -30.84 -31.30
C GLY F 45 13.72 -29.92 -30.17
N TYR F 46 13.61 -28.61 -30.42
CA TYR F 46 13.28 -27.66 -29.37
C TYR F 46 12.69 -26.41 -30.01
N THR F 47 12.18 -25.52 -29.16
CA THR F 47 11.60 -24.26 -29.63
C THR F 47 12.72 -23.33 -30.08
N PHE F 48 12.76 -23.03 -31.38
CA PHE F 48 13.87 -22.27 -31.95
C PHE F 48 13.91 -20.84 -31.40
N ARG F 49 12.75 -20.21 -31.24
CA ARG F 49 12.71 -18.79 -30.89
C ARG F 49 13.06 -18.52 -29.43
N ASN F 50 13.21 -19.55 -28.60
CA ASN F 50 13.44 -19.34 -27.17
C ASN F 50 14.92 -19.25 -26.80
N TYR F 51 15.83 -19.51 -27.74
CA TYR F 51 17.26 -19.55 -27.43
C TYR F 51 18.06 -18.82 -28.50
N GLY F 52 19.23 -18.32 -28.10
CA GLY F 52 20.14 -17.67 -29.02
C GLY F 52 21.21 -18.61 -29.56
N VAL F 53 21.96 -18.11 -30.54
CA VAL F 53 22.99 -18.88 -31.22
C VAL F 53 24.29 -18.10 -31.18
N ASN F 54 25.38 -18.78 -30.83
CA ASN F 54 26.72 -18.20 -30.80
C ASN F 54 27.59 -18.84 -31.88
N TRP F 55 28.65 -18.14 -32.25
CA TRP F 55 29.62 -18.62 -33.23
C TRP F 55 31.02 -18.58 -32.61
N VAL F 56 31.76 -19.67 -32.77
CA VAL F 56 33.08 -19.83 -32.17
C VAL F 56 34.06 -20.28 -33.24
N LYS F 57 35.24 -19.67 -33.26
CA LYS F 57 36.30 -19.99 -34.22
C LYS F 57 37.42 -20.73 -33.53
N GLN F 58 37.85 -21.84 -34.13
CA GLN F 58 38.99 -22.61 -33.65
C GLN F 58 40.04 -22.64 -34.74
N GLY F 59 41.05 -21.78 -34.62
CA GLY F 59 42.10 -21.71 -35.60
C GLY F 59 43.18 -22.75 -35.36
N PRO F 60 44.25 -22.65 -36.14
CA PRO F 60 45.40 -23.54 -35.92
C PRO F 60 46.01 -23.31 -34.55
N GLY F 61 46.52 -24.39 -33.96
CA GLY F 61 46.98 -24.36 -32.59
C GLY F 61 45.94 -24.65 -31.55
N LYS F 62 44.71 -24.98 -31.96
CA LYS F 62 43.59 -25.37 -31.10
C LYS F 62 43.12 -24.23 -30.20
N ASP F 63 43.42 -22.98 -30.54
CA ASP F 63 42.90 -21.85 -29.78
C ASP F 63 41.41 -21.69 -30.04
N LEU F 64 40.70 -21.17 -29.04
CA LEU F 64 39.27 -20.93 -29.14
C LEU F 64 38.99 -19.44 -28.98
N LYS F 65 38.20 -18.89 -29.91
CA LYS F 65 37.84 -17.48 -29.91
C LYS F 65 36.36 -17.33 -30.17
N TRP F 66 35.75 -16.34 -29.51
CA TRP F 66 34.32 -16.07 -29.63
C TRP F 66 34.10 -14.90 -30.58
N MET F 67 33.20 -15.09 -31.54
CA MET F 67 32.96 -14.08 -32.57
C MET F 67 31.73 -13.23 -32.29
N GLY F 68 30.62 -13.83 -31.90
CA GLY F 68 29.42 -13.06 -31.61
C GLY F 68 28.21 -13.97 -31.50
N TRP F 69 27.05 -13.32 -31.41
CA TRP F 69 25.79 -14.03 -31.27
C TRP F 69 24.69 -13.23 -31.95
N ILE F 70 23.60 -13.91 -32.29
CA ILE F 70 22.46 -13.31 -32.99
C ILE F 70 21.18 -13.64 -32.21
N ASN F 71 20.31 -12.64 -32.07
CA ASN F 71 19.04 -12.81 -31.40
C ASN F 71 18.03 -13.41 -32.36
N THR F 72 17.32 -14.46 -31.91
CA THR F 72 16.38 -15.17 -32.76
C THR F 72 14.99 -14.57 -32.74
N LEU F 73 14.73 -13.57 -31.91
CA LEU F 73 13.42 -12.91 -31.92
C LEU F 73 13.40 -11.74 -32.89
N ASN F 74 14.33 -10.80 -32.72
CA ASN F 74 14.40 -9.62 -33.59
C ASN F 74 15.31 -9.81 -34.79
N GLY F 75 16.38 -10.59 -34.65
CA GLY F 75 17.34 -10.74 -35.71
C GLY F 75 18.53 -9.81 -35.60
N GLU F 76 18.72 -9.15 -34.47
CA GLU F 76 19.81 -8.19 -34.30
C GLU F 76 21.10 -8.92 -34.00
N PRO F 77 22.15 -8.75 -34.79
CA PRO F 77 23.43 -9.39 -34.52
C PRO F 77 24.31 -8.55 -33.62
N THR F 78 25.39 -9.18 -33.14
CA THR F 78 26.37 -8.52 -32.29
C THR F 78 27.74 -9.12 -32.59
N TYR F 79 28.74 -8.28 -32.79
CA TYR F 79 30.05 -8.71 -33.23
C TYR F 79 31.10 -8.37 -32.18
N ALA F 80 32.16 -9.19 -32.14
CA ALA F 80 33.29 -8.91 -31.28
C ALA F 80 34.19 -7.84 -31.91
N ASP F 81 35.17 -7.38 -31.13
CA ASP F 81 36.04 -6.31 -31.59
C ASP F 81 36.87 -6.72 -32.80
N ASP F 82 37.30 -7.98 -32.86
CA ASP F 82 38.17 -8.44 -33.94
C ASP F 82 37.42 -8.91 -35.17
N PHE F 83 36.08 -8.89 -35.16
CA PHE F 83 35.28 -9.38 -36.27
C PHE F 83 34.20 -8.39 -36.68
N LYS F 84 34.53 -7.10 -36.75
CA LYS F 84 33.53 -6.06 -36.96
C LYS F 84 33.36 -5.64 -38.42
N ARG F 85 34.16 -6.18 -39.34
CA ARG F 85 34.19 -5.66 -40.71
C ARG F 85 33.73 -6.67 -41.75
N ARG F 86 34.32 -7.86 -41.79
CA ARG F 86 34.11 -8.78 -42.91
C ARG F 86 33.13 -9.91 -42.60
N PHE F 87 32.37 -9.82 -41.51
CA PHE F 87 31.48 -10.89 -41.10
C PHE F 87 30.06 -10.37 -40.93
N ALA F 88 29.09 -11.25 -41.22
CA ALA F 88 27.68 -10.89 -41.13
C ALA F 88 26.86 -12.13 -40.76
N PHE F 89 25.83 -11.92 -39.94
CA PHE F 89 24.93 -12.98 -39.52
C PHE F 89 23.54 -12.74 -40.09
N SER F 90 22.79 -13.82 -40.27
CA SER F 90 21.43 -13.73 -40.78
C SER F 90 20.65 -14.94 -40.31
N LEU F 91 19.32 -14.84 -40.40
CA LEU F 91 18.42 -15.90 -39.98
C LEU F 91 17.43 -16.22 -41.08
N GLU F 92 16.91 -17.44 -41.04
CA GLU F 92 15.84 -17.90 -41.92
C GLU F 92 14.91 -18.72 -41.03
N THR F 93 13.89 -18.05 -40.48
CA THR F 93 13.14 -18.62 -39.36
C THR F 93 12.11 -19.65 -39.79
N SER F 94 11.74 -19.68 -41.07
CA SER F 94 10.74 -20.64 -41.52
C SER F 94 11.24 -22.08 -41.39
N ALA F 95 12.49 -22.34 -41.73
CA ALA F 95 13.08 -23.66 -41.57
C ALA F 95 14.03 -23.76 -40.38
N THR F 96 14.08 -22.72 -39.54
CA THR F 96 14.93 -22.67 -38.36
C THR F 96 16.39 -22.91 -38.71
N THR F 97 16.94 -22.00 -39.51
CA THR F 97 18.30 -22.09 -40.00
C THR F 97 19.01 -20.76 -39.80
N ALA F 98 20.26 -20.82 -39.35
CA ALA F 98 21.09 -19.63 -39.17
C ALA F 98 22.28 -19.70 -40.11
N PHE F 99 22.77 -18.53 -40.55
CA PHE F 99 23.88 -18.51 -41.54
C PHE F 99 24.94 -17.48 -41.15
N LEU F 100 26.20 -17.73 -41.53
CA LEU F 100 27.29 -16.76 -41.28
C LEU F 100 28.07 -16.58 -42.58
N GLN F 101 28.17 -15.33 -43.07
CA GLN F 101 28.86 -15.09 -44.38
C GLN F 101 30.17 -14.34 -44.13
N ILE F 102 31.20 -14.64 -44.93
CA ILE F 102 32.51 -13.95 -44.79
C ILE F 102 33.03 -13.64 -46.20
N ASN F 103 33.73 -12.51 -46.36
CA ASN F 103 34.32 -12.15 -47.67
C ASN F 103 35.83 -12.05 -47.51
N ASN F 104 36.53 -11.55 -48.53
CA ASN F 104 38.01 -11.42 -48.49
C ASN F 104 38.62 -12.69 -47.89
N LEU F 105 38.17 -13.86 -48.35
CA LEU F 105 38.67 -15.15 -47.79
C LEU F 105 40.19 -15.20 -47.94
N LYS F 106 40.90 -15.46 -46.85
CA LYS F 106 42.39 -15.47 -46.89
C LYS F 106 42.88 -16.73 -46.17
N ASN F 107 44.14 -17.12 -46.43
CA ASN F 107 44.72 -18.32 -45.78
C ASN F 107 44.56 -18.18 -44.26
N GLU F 108 44.69 -16.96 -43.75
CA GLU F 108 44.48 -16.72 -42.29
C GLU F 108 43.11 -17.26 -41.89
N ASP F 109 42.09 -17.02 -42.74
CA ASP F 109 40.75 -17.48 -42.43
C ASP F 109 40.63 -19.00 -42.34
N THR F 110 41.69 -19.74 -42.65
CA THR F 110 41.66 -21.19 -42.58
C THR F 110 41.52 -21.62 -41.12
N ALA F 111 40.35 -22.13 -40.75
CA ALA F 111 40.07 -22.54 -39.38
C ALA F 111 38.82 -23.40 -39.38
N THR F 112 38.37 -23.76 -38.18
CA THR F 112 37.15 -24.53 -37.98
C THR F 112 36.16 -23.68 -37.19
N TYR F 113 34.91 -23.61 -37.68
CA TYR F 113 33.87 -22.76 -37.03
C TYR F 113 32.80 -23.65 -36.41
N PHE F 114 32.25 -23.24 -35.26
CA PHE F 114 31.22 -24.03 -34.56
C PHE F 114 30.05 -23.12 -34.19
N CYS F 115 28.83 -23.65 -34.14
CA CYS F 115 27.69 -22.83 -33.66
C CYS F 115 27.12 -23.48 -32.39
N ALA F 116 26.93 -22.69 -31.33
CA ALA F 116 26.48 -23.29 -30.05
C ALA F 116 25.14 -22.71 -29.60
N ARG F 117 24.51 -23.34 -28.59
CA ARG F 117 23.19 -22.88 -28.08
C ARG F 117 23.43 -22.15 -26.76
N THR F 118 22.80 -20.98 -26.55
CA THR F 118 22.98 -20.27 -25.29
C THR F 118 21.92 -20.70 -24.28
N PHE F 119 22.35 -21.02 -23.06
CA PHE F 119 21.46 -21.36 -21.97
C PHE F 119 21.63 -20.34 -20.86
N TYR F 120 20.51 -19.80 -20.36
CA TYR F 120 20.54 -18.87 -19.25
C TYR F 120 19.24 -19.00 -18.47
N ASP F 121 19.36 -19.09 -17.14
CA ASP F 121 18.21 -19.23 -16.27
C ASP F 121 18.19 -18.24 -15.11
N GLY F 122 19.14 -17.32 -15.05
CA GLY F 122 19.24 -16.36 -13.98
C GLY F 122 20.41 -16.57 -13.05
N TYR F 123 21.02 -17.75 -13.08
CA TYR F 123 22.15 -18.04 -12.20
C TYR F 123 23.50 -17.99 -12.94
N TYR F 124 23.57 -18.61 -14.11
CA TYR F 124 24.83 -18.67 -14.84
C TYR F 124 24.55 -18.88 -16.32
N TYR F 125 25.56 -18.58 -17.14
CA TYR F 125 25.51 -18.78 -18.57
C TYR F 125 26.20 -20.09 -18.94
N ALA F 126 25.74 -20.70 -20.03
CA ALA F 126 26.32 -21.95 -20.49
C ALA F 126 26.05 -22.14 -21.98
N MET F 127 26.93 -22.89 -22.63
CA MET F 127 26.75 -23.30 -24.02
C MET F 127 26.64 -24.83 -24.01
N ASP F 128 25.40 -25.31 -23.85
CA ASP F 128 25.16 -26.72 -23.55
C ASP F 128 25.26 -27.63 -24.77
N TYR F 129 24.93 -27.14 -25.96
CA TYR F 129 24.93 -27.98 -27.16
C TYR F 129 25.75 -27.33 -28.25
N TRP F 130 26.49 -28.14 -28.99
CA TRP F 130 27.41 -27.67 -30.03
C TRP F 130 27.15 -28.42 -31.33
N GLY F 131 27.59 -27.82 -32.43
CA GLY F 131 27.55 -28.48 -33.72
C GLY F 131 28.76 -29.36 -33.93
N GLN F 132 28.81 -29.98 -35.11
CA GLN F 132 29.92 -30.88 -35.45
C GLN F 132 31.09 -30.16 -36.10
N GLY F 133 30.94 -28.88 -36.46
CA GLY F 133 32.05 -28.12 -37.00
C GLY F 133 32.14 -28.15 -38.51
N THR F 134 32.63 -27.04 -39.09
CA THR F 134 32.83 -26.93 -40.53
C THR F 134 34.24 -26.40 -40.78
N SER F 135 34.93 -27.01 -41.75
CA SER F 135 36.30 -26.66 -42.07
C SER F 135 36.34 -25.83 -43.35
N VAL F 136 37.11 -24.75 -43.32
CA VAL F 136 37.28 -23.85 -44.46
C VAL F 136 38.76 -23.74 -44.78
N THR F 137 39.11 -23.93 -46.05
CA THR F 137 40.49 -23.87 -46.50
C THR F 137 40.61 -22.82 -47.60
N VAL F 138 41.59 -21.93 -47.47
CA VAL F 138 41.84 -20.87 -48.44
C VAL F 138 43.21 -21.11 -49.07
N SER F 139 43.25 -21.14 -50.40
CA SER F 139 44.50 -21.37 -51.12
C SER F 139 44.49 -20.64 -52.47
N ASN G 21 41.36 -9.72 -20.20
CA ASN G 21 41.66 -10.62 -19.10
C ASN G 21 42.05 -12.00 -19.63
N VAL G 22 43.33 -12.17 -19.96
CA VAL G 22 43.80 -13.43 -20.51
C VAL G 22 43.92 -14.45 -19.38
N LEU G 23 43.69 -15.72 -19.73
CA LEU G 23 43.79 -16.83 -18.80
C LEU G 23 44.94 -17.75 -19.24
N THR G 24 45.85 -18.03 -18.31
CA THR G 24 47.03 -18.83 -18.61
C THR G 24 46.99 -20.13 -17.81
N GLN G 25 47.16 -21.24 -18.50
CA GLN G 25 47.23 -22.56 -17.87
C GLN G 25 48.68 -23.04 -17.88
N SER G 26 49.18 -23.40 -16.71
CA SER G 26 50.60 -23.71 -16.55
C SER G 26 51.00 -25.00 -17.26
N PRO G 27 50.39 -26.15 -16.99
CA PRO G 27 50.86 -27.40 -17.62
C PRO G 27 50.36 -27.48 -19.06
N THR G 28 51.29 -27.37 -20.02
CA THR G 28 50.91 -27.49 -21.41
C THR G 28 50.67 -28.94 -21.82
N ILE G 29 51.32 -29.87 -21.12
CA ILE G 29 51.14 -31.31 -21.37
C ILE G 29 51.48 -32.05 -20.08
N MET G 30 50.79 -33.14 -19.83
CA MET G 30 50.93 -33.90 -18.60
C MET G 30 50.61 -35.37 -18.83
N ALA G 31 51.42 -36.24 -18.25
CA ALA G 31 51.25 -37.69 -18.36
C ALA G 31 50.99 -38.28 -16.99
N ALA G 32 50.14 -39.30 -16.94
CA ALA G 32 49.77 -39.93 -15.69
C ALA G 32 49.58 -41.43 -15.89
N SER G 33 49.70 -42.17 -14.79
CA SER G 33 49.48 -43.61 -14.78
C SER G 33 48.11 -43.92 -14.19
N LEU G 34 47.57 -45.09 -14.54
CA LEU G 34 46.25 -45.47 -14.08
C LEU G 34 46.19 -45.51 -12.55
N GLY G 35 45.17 -44.87 -11.99
CA GLY G 35 45.00 -44.78 -10.55
C GLY G 35 45.67 -43.59 -9.90
N GLN G 36 46.59 -42.92 -10.59
CA GLN G 36 47.26 -41.76 -10.04
C GLN G 36 46.34 -40.55 -10.08
N LYS G 37 46.50 -39.66 -9.10
CA LYS G 37 45.75 -38.42 -9.03
C LYS G 37 46.61 -37.27 -9.56
N VAL G 38 45.97 -36.35 -10.29
CA VAL G 38 46.66 -35.25 -10.94
C VAL G 38 45.93 -33.95 -10.65
N THR G 39 46.63 -32.84 -10.85
CA THR G 39 46.09 -31.52 -10.59
C THR G 39 46.57 -30.54 -11.65
N MET G 40 45.62 -29.82 -12.27
CA MET G 40 45.97 -28.80 -13.31
C MET G 40 45.72 -27.40 -12.73
N THR G 41 46.19 -26.35 -13.41
CA THR G 41 46.04 -24.98 -12.85
C THR G 41 45.29 -24.05 -13.82
N CYS G 42 44.91 -22.86 -13.34
CA CYS G 42 44.21 -21.86 -14.19
C CYS G 42 44.45 -20.48 -13.58
N SER G 43 45.37 -19.69 -14.14
CA SER G 43 45.70 -18.36 -13.57
C SER G 43 44.86 -17.26 -14.24
N ALA G 44 44.83 -16.07 -13.63
CA ALA G 44 44.02 -14.96 -14.18
C ALA G 44 44.79 -13.63 -14.06
N ASN G 45 44.80 -12.82 -15.12
CA ASN G 45 45.49 -11.54 -15.12
C ASN G 45 44.88 -10.58 -14.11
N SER G 46 43.61 -10.76 -13.76
CA SER G 46 42.92 -9.88 -12.82
C SER G 46 41.95 -10.69 -12.00
N SER G 47 41.41 -10.07 -10.95
CA SER G 47 40.49 -10.75 -10.06
C SER G 47 39.20 -11.13 -10.80
N VAL G 48 38.76 -12.36 -10.59
CA VAL G 48 37.55 -12.89 -11.21
C VAL G 48 36.67 -13.49 -10.12
N SER G 49 35.38 -13.17 -10.16
CA SER G 49 34.45 -13.72 -9.18
C SER G 49 34.30 -15.22 -9.37
N SER G 50 34.04 -15.92 -8.27
CA SER G 50 33.95 -17.37 -8.31
C SER G 50 32.72 -17.87 -9.07
N SER G 51 31.76 -17.00 -9.35
CA SER G 51 30.54 -17.38 -10.04
C SER G 51 30.66 -17.29 -11.56
N TYR G 52 31.82 -16.89 -12.08
CA TYR G 52 31.99 -16.67 -13.51
C TYR G 52 32.99 -17.63 -14.16
N LEU G 53 33.44 -18.66 -13.45
CA LEU G 53 34.45 -19.57 -13.95
C LEU G 53 33.81 -20.90 -14.31
N HIS G 54 34.17 -21.45 -15.47
CA HIS G 54 33.65 -22.73 -15.94
C HIS G 54 34.79 -23.55 -16.53
N TRP G 55 34.55 -24.84 -16.66
CA TRP G 55 35.52 -25.76 -17.24
C TRP G 55 34.88 -26.55 -18.38
N TYR G 56 35.63 -26.76 -19.45
CA TYR G 56 35.19 -27.53 -20.60
C TYR G 56 36.26 -28.54 -20.97
N HIS G 57 35.83 -29.62 -21.62
CA HIS G 57 36.76 -30.65 -22.09
C HIS G 57 36.35 -31.08 -23.50
N GLN G 58 37.34 -31.43 -24.31
CA GLN G 58 37.12 -31.82 -25.69
C GLN G 58 37.99 -33.01 -26.05
N LYS G 59 37.41 -33.99 -26.72
CA LYS G 59 38.15 -35.13 -27.22
C LYS G 59 38.51 -34.92 -28.69
N SER G 60 39.40 -35.77 -29.20
CA SER G 60 39.87 -35.65 -30.57
C SER G 60 38.73 -35.86 -31.55
N GLY G 61 38.60 -34.93 -32.51
CA GLY G 61 37.57 -35.05 -33.53
C GLY G 61 36.17 -34.83 -33.04
N ALA G 62 35.99 -34.10 -31.94
CA ALA G 62 34.66 -33.86 -31.38
C ALA G 62 34.58 -32.43 -30.90
N SER G 63 33.34 -31.97 -30.68
CA SER G 63 33.07 -30.65 -30.18
C SER G 63 33.23 -30.59 -28.66
N PRO G 64 33.55 -29.43 -28.10
CA PRO G 64 33.68 -29.32 -26.65
C PRO G 64 32.35 -29.53 -25.94
N LYS G 65 32.44 -30.01 -24.71
CA LYS G 65 31.28 -30.23 -23.86
C LYS G 65 31.56 -29.65 -22.49
N PRO G 66 30.52 -29.16 -21.80
CA PRO G 66 30.72 -28.62 -20.45
C PRO G 66 31.12 -29.69 -19.46
N LEU G 67 31.95 -29.30 -18.49
CA LEU G 67 32.38 -30.20 -17.44
C LEU G 67 31.97 -29.70 -16.07
N ILE G 68 32.26 -28.43 -15.79
CA ILE G 68 31.96 -27.79 -14.50
C ILE G 68 31.42 -26.40 -14.78
N HIS G 69 30.34 -26.02 -14.11
CA HIS G 69 29.62 -24.80 -14.44
C HIS G 69 29.90 -23.65 -13.48
N ARG G 70 30.44 -23.92 -12.30
CA ARG G 70 30.88 -22.87 -11.38
C ARG G 70 32.22 -23.31 -10.82
N THR G 71 32.65 -22.67 -9.72
CA THR G 71 33.92 -23.04 -9.11
C THR G 71 33.92 -24.50 -8.65
N SER G 72 32.77 -24.99 -8.20
CA SER G 72 32.70 -26.36 -7.67
C SER G 72 31.53 -27.18 -8.18
N ASN G 73 30.47 -26.59 -8.72
CA ASN G 73 29.27 -27.34 -9.08
C ASN G 73 29.49 -28.16 -10.34
N LEU G 74 29.25 -29.47 -10.23
CA LEU G 74 29.44 -30.38 -11.36
C LEU G 74 28.31 -30.23 -12.37
N ALA G 75 28.60 -30.56 -13.63
CA ALA G 75 27.59 -30.55 -14.66
C ALA G 75 26.80 -31.86 -14.66
N SER G 76 25.80 -31.93 -15.53
CA SER G 76 24.94 -33.10 -15.62
C SER G 76 25.68 -34.26 -16.26
N GLY G 77 25.64 -35.43 -15.62
CA GLY G 77 26.27 -36.62 -16.15
C GLY G 77 27.75 -36.75 -15.91
N VAL G 78 28.35 -35.80 -15.19
CA VAL G 78 29.80 -35.85 -14.94
C VAL G 78 30.07 -36.72 -13.73
N PRO G 79 31.04 -37.64 -13.80
CA PRO G 79 31.37 -38.45 -12.63
C PRO G 79 31.87 -37.60 -11.48
N ALA G 80 31.66 -38.10 -10.26
CA ALA G 80 32.00 -37.35 -9.05
C ALA G 80 33.51 -37.30 -8.79
N ARG G 81 34.32 -37.99 -9.59
CA ARG G 81 35.76 -38.01 -9.37
C ARG G 81 36.46 -36.74 -9.82
N PHE G 82 35.73 -35.74 -10.33
CA PHE G 82 36.29 -34.45 -10.70
C PHE G 82 36.03 -33.44 -9.58
N ILE G 83 37.07 -32.76 -9.15
CA ILE G 83 36.98 -31.78 -8.07
C ILE G 83 37.55 -30.46 -8.55
N GLY G 84 36.79 -29.39 -8.37
CA GLY G 84 37.24 -28.05 -8.74
C GLY G 84 37.26 -27.13 -7.54
N SER G 85 38.29 -26.29 -7.47
CA SER G 85 38.44 -25.38 -6.35
C SER G 85 39.30 -24.20 -6.79
N GLY G 86 39.24 -23.13 -6.01
CA GLY G 86 40.05 -21.96 -6.28
C GLY G 86 39.33 -20.69 -5.84
N SER G 87 40.11 -19.62 -5.79
CA SER G 87 39.58 -18.32 -5.42
C SER G 87 40.54 -17.23 -5.89
N GLY G 88 40.03 -16.00 -5.94
CA GLY G 88 40.84 -14.87 -6.35
C GLY G 88 41.30 -14.93 -7.80
N THR G 89 42.61 -15.11 -7.99
CA THR G 89 43.18 -15.20 -9.33
C THR G 89 43.81 -16.56 -9.60
N SER G 90 43.72 -17.49 -8.66
CA SER G 90 44.30 -18.82 -8.82
C SER G 90 43.20 -19.87 -8.66
N PHE G 91 43.07 -20.75 -9.65
CA PHE G 91 42.08 -21.81 -9.63
C PHE G 91 42.75 -23.12 -10.05
N SER G 92 42.14 -24.23 -9.65
CA SER G 92 42.73 -25.53 -9.92
C SER G 92 41.65 -26.56 -10.18
N LEU G 93 42.03 -27.62 -10.88
CA LEU G 93 41.17 -28.76 -11.15
C LEU G 93 41.89 -30.04 -10.76
N THR G 94 41.19 -30.93 -10.05
CA THR G 94 41.79 -32.12 -9.49
C THR G 94 41.00 -33.36 -9.90
N ILE G 95 41.72 -34.40 -10.32
CA ILE G 95 41.14 -35.71 -10.62
C ILE G 95 41.66 -36.70 -9.58
N SER G 96 40.75 -37.35 -8.87
CA SER G 96 41.14 -38.25 -7.80
C SER G 96 41.69 -39.58 -8.30
N SER G 97 41.17 -40.09 -9.42
CA SER G 97 41.65 -41.37 -9.95
C SER G 97 41.38 -41.39 -11.44
N VAL G 98 42.45 -41.35 -12.24
CA VAL G 98 42.30 -41.28 -13.69
C VAL G 98 41.97 -42.65 -14.25
N GLU G 99 41.34 -42.66 -15.43
CA GLU G 99 41.00 -43.90 -16.12
C GLU G 99 41.47 -43.80 -17.58
N ALA G 100 41.13 -44.83 -18.36
CA ALA G 100 41.60 -44.91 -19.74
C ALA G 100 40.94 -43.89 -20.65
N GLU G 101 39.72 -43.46 -20.34
CA GLU G 101 38.98 -42.56 -21.23
C GLU G 101 39.17 -41.09 -20.89
N ASP G 102 40.04 -40.76 -19.94
CA ASP G 102 40.26 -39.37 -19.55
C ASP G 102 41.30 -38.66 -20.40
N ASP G 103 41.59 -39.16 -21.60
CA ASP G 103 42.61 -38.56 -22.46
C ASP G 103 42.02 -37.46 -23.35
N ALA G 104 41.62 -36.35 -22.76
CA ALA G 104 41.03 -35.23 -23.48
C ALA G 104 41.83 -33.96 -23.21
N THR G 105 41.34 -32.85 -23.76
CA THR G 105 41.95 -31.54 -23.57
C THR G 105 40.98 -30.66 -22.77
N TYR G 106 41.47 -30.06 -21.69
CA TYR G 106 40.59 -29.28 -20.77
C TYR G 106 40.92 -27.78 -20.84
N TYR G 107 39.93 -26.91 -20.60
CA TYR G 107 40.12 -25.44 -20.69
C TYR G 107 39.30 -24.72 -19.62
N CYS G 108 39.85 -23.64 -19.02
CA CYS G 108 39.03 -22.83 -18.06
C CYS G 108 38.46 -21.61 -18.80
N GLN G 109 37.19 -21.26 -18.56
CA GLN G 109 36.54 -20.16 -19.32
C GLN G 109 35.88 -19.17 -18.35
N GLN G 110 35.92 -17.86 -18.65
CA GLN G 110 35.29 -16.86 -17.79
C GLN G 110 34.25 -16.12 -18.60
N TRP G 111 33.06 -15.94 -18.01
CA TRP G 111 31.93 -15.37 -18.74
C TRP G 111 31.15 -14.49 -17.75
N SER G 112 31.41 -13.19 -17.79
CA SER G 112 30.71 -12.22 -16.95
C SER G 112 29.86 -11.26 -17.77
N GLY G 113 29.17 -11.78 -18.79
CA GLY G 113 28.38 -10.96 -19.68
C GLY G 113 28.67 -11.26 -21.14
N TYR G 114 27.78 -10.77 -22.00
CA TYR G 114 27.91 -11.05 -23.43
C TYR G 114 29.22 -10.55 -24.03
N PRO G 115 29.67 -9.30 -23.82
CA PRO G 115 30.94 -8.88 -24.44
C PRO G 115 32.18 -9.50 -23.81
N PHE G 116 32.13 -9.90 -22.54
CA PHE G 116 33.30 -10.36 -21.81
C PHE G 116 33.32 -11.88 -21.76
N ILE G 117 33.83 -12.50 -22.82
CA ILE G 117 34.01 -13.95 -22.90
C ILE G 117 35.46 -14.22 -23.28
N THR G 118 36.13 -15.09 -22.52
CA THR G 118 37.53 -15.41 -22.75
C THR G 118 37.77 -16.88 -22.45
N PHE G 119 38.59 -17.52 -23.28
CA PHE G 119 38.95 -18.92 -23.13
C PHE G 119 40.40 -19.06 -22.71
N GLY G 120 40.75 -20.22 -22.17
CA GLY G 120 42.12 -20.50 -21.79
C GLY G 120 42.92 -21.09 -22.94
N SER G 121 44.14 -21.51 -22.61
CA SER G 121 45.04 -22.09 -23.60
C SER G 121 44.89 -23.59 -23.76
N GLY G 122 44.44 -24.30 -22.73
CA GLY G 122 44.23 -25.74 -22.86
C GLY G 122 45.37 -26.56 -22.30
N THR G 123 45.04 -27.75 -21.83
CA THR G 123 46.01 -28.69 -21.28
C THR G 123 45.74 -30.08 -21.83
N LYS G 124 46.80 -30.75 -22.27
CA LYS G 124 46.70 -32.08 -22.86
C LYS G 124 47.11 -33.12 -21.83
N LEU G 125 46.31 -34.18 -21.72
CA LEU G 125 46.53 -35.25 -20.77
C LEU G 125 46.90 -36.53 -21.51
N GLU G 126 47.99 -37.17 -21.08
CA GLU G 126 48.45 -38.43 -21.65
C GLU G 126 48.45 -39.51 -20.59
N ILE G 127 48.39 -40.76 -21.04
CA ILE G 127 48.35 -41.93 -20.17
C ILE G 127 49.59 -42.77 -20.44
N LYS G 128 50.32 -43.11 -19.38
CA LYS G 128 51.51 -43.93 -19.50
C LYS G 128 51.14 -45.40 -19.72
N GLN H 20 5.68 9.01 -47.73
CA GLN H 20 5.20 10.05 -46.83
C GLN H 20 3.68 10.00 -46.70
N ILE H 21 3.15 10.78 -45.76
CA ILE H 21 1.71 10.82 -45.53
C ILE H 21 1.03 11.52 -46.69
N GLN H 22 0.00 10.88 -47.26
CA GLN H 22 -0.68 11.40 -48.43
C GLN H 22 -2.11 10.89 -48.45
N LEU H 23 -3.05 11.77 -48.81
CA LEU H 23 -4.45 11.42 -48.96
C LEU H 23 -4.90 11.81 -50.37
N VAL H 24 -5.55 10.87 -51.06
CA VAL H 24 -6.00 11.06 -52.43
C VAL H 24 -7.49 10.79 -52.50
N GLN H 25 -8.23 11.71 -53.13
CA GLN H 25 -9.67 11.58 -53.30
C GLN H 25 -10.03 11.35 -54.77
N SER H 26 -11.32 11.16 -55.02
CA SER H 26 -11.79 10.95 -56.37
C SER H 26 -11.95 12.28 -57.10
N GLY H 27 -12.33 12.20 -58.38
CA GLY H 27 -12.48 13.38 -59.20
C GLY H 27 -13.86 13.98 -59.11
N PRO H 28 -14.07 15.04 -59.88
CA PRO H 28 -15.38 15.70 -59.89
C PRO H 28 -16.44 14.82 -60.52
N GLU H 29 -17.69 15.03 -60.09
CA GLU H 29 -18.83 14.27 -60.57
C GLU H 29 -20.02 15.19 -60.77
N LEU H 30 -20.90 14.84 -61.71
CA LEU H 30 -22.14 15.63 -61.93
C LEU H 30 -23.35 14.70 -61.79
N LYS H 31 -24.43 15.17 -61.16
CA LYS H 31 -25.60 14.29 -60.91
C LYS H 31 -26.90 15.08 -61.04
N LYS H 32 -28.01 14.40 -61.34
CA LYS H 32 -29.33 15.07 -61.44
C LYS H 32 -30.11 14.85 -60.13
N PRO H 33 -31.00 15.77 -59.71
CA PRO H 33 -31.70 15.63 -58.43
C PRO H 33 -32.41 14.29 -58.31
N GLY H 34 -32.39 13.74 -57.09
CA GLY H 34 -32.97 12.44 -56.82
C GLY H 34 -32.02 11.27 -56.95
N GLU H 35 -30.80 11.48 -57.41
CA GLU H 35 -29.84 10.39 -57.57
C GLU H 35 -29.03 10.23 -56.28
N THR H 36 -28.01 9.37 -56.34
CA THR H 36 -27.12 9.14 -55.22
C THR H 36 -25.68 9.33 -55.68
N VAL H 37 -24.79 9.59 -54.70
CA VAL H 37 -23.40 9.86 -54.98
C VAL H 37 -22.55 9.14 -53.94
N LYS H 38 -21.36 8.70 -54.35
CA LYS H 38 -20.43 8.00 -53.46
C LYS H 38 -19.03 8.51 -53.72
N ILE H 39 -18.36 8.96 -52.66
CA ILE H 39 -17.02 9.53 -52.74
C ILE H 39 -16.08 8.70 -51.89
N SER H 40 -14.85 8.48 -52.40
CA SER H 40 -13.85 7.65 -51.67
C SER H 40 -12.65 8.49 -51.24
N CYS H 41 -11.88 8.00 -50.27
CA CYS H 41 -10.65 8.71 -49.81
C CYS H 41 -9.57 7.67 -49.52
N LYS H 42 -8.48 7.68 -50.29
CA LYS H 42 -7.40 6.66 -50.13
C LYS H 42 -6.33 7.17 -49.16
N ALA H 43 -5.82 6.30 -48.28
CA ALA H 43 -4.78 6.67 -47.34
C ALA H 43 -3.55 5.77 -47.51
N SER H 44 -2.38 6.36 -47.26
CA SER H 44 -1.13 5.63 -47.37
C SER H 44 -0.04 6.35 -46.59
N GLY H 45 1.05 5.64 -46.32
CA GLY H 45 2.20 6.20 -45.66
C GLY H 45 2.20 6.13 -44.15
N TYR H 46 1.17 5.56 -43.54
CA TYR H 46 1.10 5.47 -42.08
C TYR H 46 0.17 4.32 -41.70
N THR H 47 0.10 4.06 -40.40
CA THR H 47 -0.77 3.01 -39.87
C THR H 47 -2.22 3.49 -39.91
N PHE H 48 -3.02 2.84 -40.75
CA PHE H 48 -4.40 3.31 -40.96
C PHE H 48 -5.25 3.20 -39.71
N ARG H 49 -5.08 2.11 -38.95
CA ARG H 49 -5.97 1.84 -37.82
C ARG H 49 -5.70 2.75 -36.62
N ASN H 50 -4.63 3.54 -36.64
CA ASN H 50 -4.27 4.34 -35.48
C ASN H 50 -4.90 5.73 -35.47
N TYR H 51 -5.56 6.15 -36.54
CA TYR H 51 -6.06 7.51 -36.65
C TYR H 51 -7.48 7.51 -37.20
N GLY H 52 -8.25 8.55 -36.85
CA GLY H 52 -9.58 8.72 -37.35
C GLY H 52 -9.66 9.63 -38.57
N VAL H 53 -10.84 9.67 -39.18
CA VAL H 53 -11.09 10.44 -40.39
C VAL H 53 -12.27 11.38 -40.16
N ASN H 54 -12.11 12.63 -40.55
CA ASN H 54 -13.16 13.63 -40.45
C ASN H 54 -13.58 14.10 -41.84
N TRP H 55 -14.82 14.56 -41.95
CA TRP H 55 -15.36 15.09 -43.20
C TRP H 55 -15.79 16.53 -43.00
N VAL H 56 -15.40 17.39 -43.94
CA VAL H 56 -15.66 18.83 -43.86
C VAL H 56 -16.28 19.29 -45.17
N LYS H 57 -17.31 20.12 -45.07
CA LYS H 57 -18.02 20.65 -46.23
C LYS H 57 -17.70 22.13 -46.40
N GLN H 58 -17.34 22.52 -47.62
CA GLN H 58 -17.11 23.92 -47.96
C GLN H 58 -18.10 24.33 -49.04
N GLY H 59 -19.19 24.96 -48.63
CA GLY H 59 -20.22 25.38 -49.55
C GLY H 59 -19.88 26.70 -50.21
N PRO H 60 -20.82 27.21 -51.00
CA PRO H 60 -20.64 28.52 -51.62
C PRO H 60 -20.51 29.60 -50.55
N GLY H 61 -19.70 30.61 -50.85
CA GLY H 61 -19.36 31.63 -49.86
C GLY H 61 -18.16 31.30 -49.01
N LYS H 62 -17.47 30.18 -49.28
CA LYS H 62 -16.24 29.75 -48.63
C LYS H 62 -16.44 29.42 -47.15
N ASP H 63 -17.67 29.19 -46.71
CA ASP H 63 -17.91 28.78 -45.33
C ASP H 63 -17.45 27.34 -45.11
N LEU H 64 -17.00 27.06 -43.89
CA LEU H 64 -16.53 25.73 -43.53
C LEU H 64 -17.45 25.14 -42.46
N LYS H 65 -17.90 23.91 -42.68
CA LYS H 65 -18.79 23.22 -41.77
C LYS H 65 -18.30 21.80 -41.54
N TRP H 66 -18.52 21.29 -40.33
CA TRP H 66 -18.04 19.96 -39.94
C TRP H 66 -19.21 18.98 -39.96
N MET H 67 -19.01 17.83 -40.61
CA MET H 67 -20.06 16.83 -40.75
C MET H 67 -19.99 15.75 -39.68
N GLY H 68 -18.84 15.12 -39.50
CA GLY H 68 -18.72 14.05 -38.54
C GLY H 68 -17.41 13.31 -38.73
N TRP H 69 -17.27 12.21 -37.99
CA TRP H 69 -16.07 11.40 -38.05
C TRP H 69 -16.44 9.93 -37.87
N ILE H 70 -15.55 9.06 -38.34
CA ILE H 70 -15.74 7.61 -38.27
C ILE H 70 -14.54 6.98 -37.57
N ASN H 71 -14.81 6.04 -36.68
CA ASN H 71 -13.76 5.32 -35.97
C ASN H 71 -13.24 4.20 -36.86
N THR H 72 -11.91 4.11 -37.00
CA THR H 72 -11.28 3.13 -37.87
C THR H 72 -11.05 1.79 -37.20
N LEU H 73 -11.33 1.67 -35.89
CA LEU H 73 -11.20 0.38 -35.23
C LEU H 73 -12.51 -0.39 -35.27
N ASN H 74 -13.59 0.22 -34.78
CA ASN H 74 -14.89 -0.44 -34.75
C ASN H 74 -15.72 -0.18 -36.00
N GLY H 75 -15.55 0.98 -36.63
CA GLY H 75 -16.39 1.35 -37.75
C GLY H 75 -17.64 2.13 -37.37
N GLU H 76 -17.74 2.58 -36.13
CA GLU H 76 -18.92 3.30 -35.68
C GLU H 76 -18.86 4.75 -36.13
N PRO H 77 -19.85 5.24 -36.87
CA PRO H 77 -19.85 6.63 -37.32
C PRO H 77 -20.53 7.55 -36.31
N THR H 78 -20.31 8.85 -36.52
CA THR H 78 -20.93 9.88 -35.69
C THR H 78 -21.27 11.07 -36.59
N TYR H 79 -22.50 11.58 -36.45
CA TYR H 79 -23.01 12.61 -37.34
C TYR H 79 -23.33 13.88 -36.54
N ALA H 80 -23.22 15.01 -37.22
CA ALA H 80 -23.60 16.29 -36.62
C ALA H 80 -25.11 16.47 -36.67
N ASP H 81 -25.59 17.50 -35.98
CA ASP H 81 -27.03 17.72 -35.86
C ASP H 81 -27.68 17.99 -37.22
N ASP H 82 -26.97 18.68 -38.12
CA ASP H 82 -27.53 19.06 -39.41
C ASP H 82 -27.38 17.98 -40.47
N PHE H 83 -26.79 16.82 -40.13
CA PHE H 83 -26.55 15.77 -41.12
C PHE H 83 -26.97 14.40 -40.60
N LYS H 84 -28.15 14.30 -39.98
CA LYS H 84 -28.58 13.06 -39.35
C LYS H 84 -29.39 12.16 -40.27
N ARG H 85 -29.77 12.60 -41.46
CA ARG H 85 -30.76 11.87 -42.26
C ARG H 85 -30.19 11.30 -43.54
N ARG H 86 -29.59 12.11 -44.41
CA ARG H 86 -29.28 11.69 -45.77
C ARG H 86 -27.81 11.30 -45.97
N PHE H 87 -27.04 11.14 -44.90
CA PHE H 87 -25.61 10.87 -45.02
C PHE H 87 -25.24 9.60 -44.26
N ALA H 88 -24.26 8.88 -44.79
CA ALA H 88 -23.79 7.64 -44.20
C ALA H 88 -22.34 7.42 -44.54
N PHE H 89 -21.57 6.89 -43.58
CA PHE H 89 -20.17 6.59 -43.76
C PHE H 89 -19.96 5.08 -43.79
N SER H 90 -18.90 4.67 -44.49
CA SER H 90 -18.54 3.26 -44.56
C SER H 90 -17.02 3.15 -44.69
N LEU H 91 -16.50 1.98 -44.38
CA LEU H 91 -15.07 1.75 -44.30
C LEU H 91 -14.69 0.47 -45.05
N GLU H 92 -13.49 0.47 -45.62
CA GLU H 92 -12.90 -0.70 -46.26
C GLU H 92 -11.49 -0.85 -45.72
N THR H 93 -11.33 -1.70 -44.71
CA THR H 93 -10.05 -1.82 -44.01
C THR H 93 -8.98 -2.44 -44.89
N SER H 94 -9.35 -3.40 -45.74
CA SER H 94 -8.36 -4.11 -46.54
C SER H 94 -7.60 -3.20 -47.50
N ALA H 95 -8.29 -2.27 -48.15
CA ALA H 95 -7.65 -1.33 -49.06
C ALA H 95 -7.35 0.02 -48.41
N THR H 96 -7.63 0.16 -47.12
CA THR H 96 -7.45 1.40 -46.38
C THR H 96 -8.13 2.56 -47.11
N THR H 97 -9.44 2.43 -47.27
CA THR H 97 -10.24 3.39 -48.01
C THR H 97 -11.51 3.71 -47.21
N ALA H 98 -11.88 4.99 -47.19
CA ALA H 98 -13.10 5.45 -46.53
C ALA H 98 -14.04 6.02 -47.58
N PHE H 99 -15.34 5.86 -47.33
CA PHE H 99 -16.36 6.24 -48.30
C PHE H 99 -17.37 7.17 -47.66
N LEU H 100 -17.98 8.02 -48.50
CA LEU H 100 -19.06 8.91 -48.11
C LEU H 100 -20.17 8.81 -49.15
N GLN H 101 -21.40 8.60 -48.68
CA GLN H 101 -22.54 8.42 -49.57
C GLN H 101 -23.67 9.37 -49.18
N ILE H 102 -24.28 10.00 -50.18
CA ILE H 102 -25.38 10.92 -49.99
C ILE H 102 -26.57 10.43 -50.82
N ASN H 103 -27.75 10.43 -50.21
CA ASN H 103 -28.97 9.99 -50.86
C ASN H 103 -29.95 11.16 -50.99
N ASN H 104 -30.78 11.10 -52.02
CA ASN H 104 -31.81 12.12 -52.28
C ASN H 104 -31.17 13.50 -52.45
N LEU H 105 -30.36 13.60 -53.50
CA LEU H 105 -29.64 14.84 -53.79
C LEU H 105 -30.61 15.96 -54.14
N LYS H 106 -30.18 17.19 -53.87
CA LYS H 106 -30.96 18.38 -54.17
C LYS H 106 -30.02 19.51 -54.54
N ASN H 107 -30.59 20.70 -54.77
CA ASN H 107 -29.82 21.82 -55.29
C ASN H 107 -28.78 22.31 -54.28
N GLU H 108 -29.13 22.32 -52.99
CA GLU H 108 -28.24 22.88 -51.98
C GLU H 108 -27.01 22.02 -51.71
N ASP H 109 -26.95 20.81 -52.27
CA ASP H 109 -25.83 19.91 -52.04
C ASP H 109 -24.59 20.28 -52.83
N THR H 110 -24.67 21.25 -53.73
CA THR H 110 -23.53 21.67 -54.54
C THR H 110 -22.49 22.34 -53.65
N ALA H 111 -21.37 21.66 -53.42
CA ALA H 111 -20.32 22.17 -52.55
C ALA H 111 -19.06 21.34 -52.78
N THR H 112 -18.02 21.63 -52.01
CA THR H 112 -16.77 20.89 -52.03
C THR H 112 -16.57 20.18 -50.71
N TYR H 113 -16.23 18.89 -50.76
CA TYR H 113 -16.08 18.07 -49.52
C TYR H 113 -14.62 17.72 -49.31
N PHE H 114 -14.22 17.45 -48.06
CA PHE H 114 -12.79 17.17 -47.74
C PHE H 114 -12.68 16.02 -46.74
N CYS H 115 -11.72 15.11 -46.94
CA CYS H 115 -11.48 14.03 -45.95
C CYS H 115 -10.17 14.35 -45.23
N ALA H 116 -10.21 14.53 -43.91
CA ALA H 116 -9.00 14.97 -43.18
C ALA H 116 -8.52 13.89 -42.21
N ARG H 117 -7.54 14.21 -41.37
CA ARG H 117 -6.98 13.23 -40.39
C ARG H 117 -7.12 13.82 -38.98
N THR H 118 -7.24 12.99 -37.95
CA THR H 118 -7.29 13.51 -36.60
C THR H 118 -6.01 13.19 -35.84
N PHE H 119 -5.43 14.20 -35.21
CA PHE H 119 -4.25 14.06 -34.37
C PHE H 119 -4.61 14.44 -32.94
N TYR H 120 -4.25 13.58 -31.99
CA TYR H 120 -4.48 13.86 -30.58
C TYR H 120 -3.41 13.15 -29.76
N ASP H 121 -2.78 13.89 -28.87
CA ASP H 121 -1.72 13.35 -28.03
C ASP H 121 -1.94 13.57 -26.55
N GLY H 122 -3.08 14.13 -26.15
CA GLY H 122 -3.38 14.41 -24.76
C GLY H 122 -3.38 15.88 -24.42
N TYR H 123 -2.84 16.73 -25.28
CA TYR H 123 -2.80 18.17 -25.01
C TYR H 123 -3.81 18.95 -25.83
N TYR H 124 -3.91 18.66 -27.13
CA TYR H 124 -4.81 19.41 -28.01
C TYR H 124 -5.17 18.56 -29.22
N TYR H 125 -6.21 18.99 -29.91
CA TYR H 125 -6.66 18.35 -31.15
C TYR H 125 -6.16 19.14 -32.35
N ALA H 126 -6.00 18.44 -33.47
CA ALA H 126 -5.52 19.07 -34.69
C ALA H 126 -5.94 18.26 -35.90
N MET H 127 -6.03 18.94 -37.05
CA MET H 127 -6.26 18.31 -38.34
C MET H 127 -5.00 18.54 -39.17
N ASP H 128 -4.03 17.64 -39.03
CA ASP H 128 -2.69 17.84 -39.59
C ASP H 128 -2.63 17.67 -41.10
N TYR H 129 -3.41 16.76 -41.67
CA TYR H 129 -3.34 16.48 -43.09
C TYR H 129 -4.73 16.49 -43.71
N TRP H 130 -4.82 17.03 -44.93
CA TRP H 130 -6.09 17.17 -45.63
C TRP H 130 -5.99 16.57 -47.02
N GLY H 131 -7.15 16.24 -47.60
CA GLY H 131 -7.21 15.82 -48.97
C GLY H 131 -7.28 16.99 -49.93
N GLN H 132 -7.33 16.67 -51.21
CA GLN H 132 -7.37 17.70 -52.25
C GLN H 132 -8.78 18.18 -52.57
N GLY H 133 -9.81 17.51 -52.07
CA GLY H 133 -11.17 17.97 -52.26
C GLY H 133 -11.86 17.38 -53.47
N THR H 134 -13.18 17.22 -53.38
CA THR H 134 -14.00 16.73 -54.47
C THR H 134 -15.18 17.66 -54.68
N SER H 135 -15.47 17.99 -55.93
CA SER H 135 -16.55 18.91 -56.27
C SER H 135 -17.76 18.15 -56.79
N VAL H 136 -18.93 18.49 -56.26
CA VAL H 136 -20.19 17.86 -56.65
C VAL H 136 -21.14 18.95 -57.12
N THR H 137 -21.74 18.75 -58.29
CA THR H 137 -22.67 19.70 -58.88
C THR H 137 -24.00 18.99 -59.16
N VAL H 138 -25.08 19.61 -58.73
CA VAL H 138 -26.43 19.06 -58.91
C VAL H 138 -27.21 19.99 -59.82
N SER H 139 -27.79 19.42 -60.88
CA SER H 139 -28.56 20.20 -61.84
C SER H 139 -29.70 19.36 -62.42
N ASN I 21 -21.77 28.18 -30.48
CA ASN I 21 -20.87 29.30 -30.19
C ASN I 21 -20.38 29.93 -31.48
N VAL I 22 -21.07 30.98 -31.93
CA VAL I 22 -20.73 31.63 -33.18
C VAL I 22 -19.49 32.49 -33.01
N LEU I 23 -18.55 32.35 -33.93
CA LEU I 23 -17.31 33.14 -33.95
C LEU I 23 -17.37 34.12 -35.12
N THR I 24 -17.15 35.40 -34.81
CA THR I 24 -17.25 36.46 -35.80
C THR I 24 -15.90 37.15 -35.95
N GLN I 25 -15.47 37.31 -37.20
CA GLN I 25 -14.24 38.03 -37.54
C GLN I 25 -14.61 39.38 -38.14
N SER I 26 -14.06 40.46 -37.56
CA SER I 26 -14.47 41.81 -37.95
C SER I 26 -13.93 42.20 -39.32
N PRO I 27 -12.63 42.07 -39.60
CA PRO I 27 -12.13 42.47 -40.93
C PRO I 27 -12.60 41.49 -42.01
N THR I 28 -13.51 41.93 -42.86
CA THR I 28 -13.96 41.10 -43.97
C THR I 28 -12.93 41.07 -45.09
N ILE I 29 -12.17 42.14 -45.26
CA ILE I 29 -11.13 42.24 -46.28
C ILE I 29 -10.13 43.30 -45.83
N MET I 30 -8.86 43.11 -46.17
CA MET I 30 -7.80 44.01 -45.75
C MET I 30 -6.71 44.07 -46.82
N ALA I 31 -6.21 45.28 -47.05
CA ALA I 31 -5.10 45.51 -47.97
C ALA I 31 -3.93 46.09 -47.20
N ALA I 32 -2.72 45.70 -47.60
CA ALA I 32 -1.51 46.13 -46.91
C ALA I 32 -0.37 46.30 -47.91
N SER I 33 0.63 47.07 -47.50
CA SER I 33 1.83 47.29 -48.30
C SER I 33 2.99 46.48 -47.72
N LEU I 34 3.96 46.16 -48.57
CA LEU I 34 5.09 45.35 -48.15
C LEU I 34 5.84 46.00 -46.99
N GLY I 35 6.12 45.21 -45.96
CA GLY I 35 6.78 45.70 -44.78
C GLY I 35 5.86 46.22 -43.70
N GLN I 36 4.60 46.51 -44.02
CA GLN I 36 3.65 47.00 -43.03
C GLN I 36 3.17 45.86 -42.14
N LYS I 37 2.84 46.20 -40.90
CA LYS I 37 2.30 45.24 -39.94
C LYS I 37 0.78 45.39 -39.87
N VAL I 38 0.08 44.26 -39.73
CA VAL I 38 -1.37 44.24 -39.73
C VAL I 38 -1.86 43.42 -38.55
N THR I 39 -3.13 43.62 -38.18
CA THR I 39 -3.74 42.94 -37.06
C THR I 39 -5.17 42.55 -37.41
N MET I 40 -5.54 41.32 -37.09
CA MET I 40 -6.90 40.83 -37.28
C MET I 40 -7.49 40.47 -35.92
N THR I 41 -8.83 40.47 -35.85
CA THR I 41 -9.53 40.15 -34.57
C THR I 41 -10.41 38.90 -34.75
N CYS I 42 -10.74 38.23 -33.63
CA CYS I 42 -11.62 37.03 -33.66
C CYS I 42 -12.46 37.04 -32.38
N SER I 43 -13.76 37.36 -32.51
CA SER I 43 -14.62 37.49 -31.31
C SER I 43 -15.35 36.18 -31.00
N ALA I 44 -15.96 36.08 -29.82
CA ALA I 44 -16.67 34.84 -29.41
C ALA I 44 -17.98 35.18 -28.71
N ASN I 45 -19.08 34.49 -29.06
CA ASN I 45 -20.37 34.72 -28.43
C ASN I 45 -20.35 34.41 -26.94
N SER I 46 -19.43 33.54 -26.52
CA SER I 46 -19.34 33.15 -25.11
C SER I 46 -17.88 32.92 -24.75
N SER I 47 -17.62 32.78 -23.46
CA SER I 47 -16.26 32.59 -22.98
C SER I 47 -15.68 31.28 -23.50
N VAL I 48 -14.44 31.34 -23.97
CA VAL I 48 -13.72 30.18 -24.50
C VAL I 48 -12.36 30.11 -23.82
N SER I 49 -11.99 28.91 -23.39
CA SER I 49 -10.68 28.71 -22.77
C SER I 49 -9.57 28.94 -23.79
N SER I 50 -8.42 29.43 -23.31
CA SER I 50 -7.32 29.75 -24.20
C SER I 50 -6.70 28.51 -24.82
N SER I 51 -6.96 27.32 -24.27
CA SER I 51 -6.37 26.10 -24.79
C SER I 51 -7.18 25.47 -25.92
N TYR I 52 -8.30 26.08 -26.31
CA TYR I 52 -9.19 25.50 -27.32
C TYR I 52 -9.26 26.33 -28.60
N LEU I 53 -8.37 27.30 -28.79
CA LEU I 53 -8.40 28.18 -29.94
C LEU I 53 -7.24 27.87 -30.87
N HIS I 54 -7.53 27.78 -32.17
CA HIS I 54 -6.52 27.51 -33.18
C HIS I 54 -6.75 28.43 -34.38
N TRP I 55 -5.74 28.54 -35.22
CA TRP I 55 -5.80 29.34 -36.44
C TRP I 55 -5.41 28.49 -37.64
N TYR I 56 -6.07 28.74 -38.77
CA TYR I 56 -5.80 28.04 -40.02
C TYR I 56 -5.70 29.06 -41.14
N HIS I 57 -4.99 28.68 -42.20
CA HIS I 57 -4.87 29.53 -43.39
C HIS I 57 -4.99 28.66 -44.63
N GLN I 58 -5.53 29.26 -45.69
CA GLN I 58 -5.77 28.54 -46.95
C GLN I 58 -5.47 29.45 -48.12
N LYS I 59 -4.73 28.94 -49.10
CA LYS I 59 -4.48 29.65 -50.34
C LYS I 59 -5.47 29.19 -51.41
N SER I 60 -5.50 29.95 -52.51
CA SER I 60 -6.44 29.66 -53.58
C SER I 60 -6.15 28.31 -54.21
N GLY I 61 -7.20 27.49 -54.35
CA GLY I 61 -7.06 26.19 -54.96
C GLY I 61 -6.33 25.15 -54.13
N ALA I 62 -6.30 25.33 -52.81
CA ALA I 62 -5.58 24.41 -51.93
C ALA I 62 -6.41 24.16 -50.68
N SER I 63 -6.07 23.09 -49.98
CA SER I 63 -6.73 22.72 -48.73
C SER I 63 -6.14 23.52 -47.58
N PRO I 64 -6.92 23.73 -46.52
CA PRO I 64 -6.41 24.47 -45.36
C PRO I 64 -5.27 23.74 -44.67
N LYS I 65 -4.39 24.52 -44.06
CA LYS I 65 -3.26 24.01 -43.30
C LYS I 65 -3.20 24.72 -41.96
N PRO I 66 -2.74 24.03 -40.91
CA PRO I 66 -2.64 24.68 -39.60
C PRO I 66 -1.57 25.77 -39.59
N LEU I 67 -1.82 26.80 -38.80
CA LEU I 67 -0.87 27.88 -38.64
C LEU I 67 -0.47 28.06 -37.18
N ILE I 68 -1.44 28.04 -36.28
CA ILE I 68 -1.22 28.20 -34.85
C ILE I 68 -2.14 27.23 -34.12
N HIS I 69 -1.59 26.50 -33.14
CA HIS I 69 -2.32 25.42 -32.48
C HIS I 69 -2.86 25.79 -31.11
N ARG I 70 -2.49 26.94 -30.57
CA ARG I 70 -3.03 27.42 -29.30
C ARG I 70 -3.23 28.93 -29.43
N THR I 71 -3.40 29.60 -28.30
CA THR I 71 -3.48 31.05 -28.33
C THR I 71 -2.17 31.67 -28.82
N SER I 72 -1.04 31.04 -28.50
CA SER I 72 0.27 31.58 -28.89
C SER I 72 1.23 30.58 -29.50
N ASN I 73 1.05 29.28 -29.31
CA ASN I 73 2.03 28.30 -29.76
C ASN I 73 1.97 28.12 -31.28
N LEU I 74 3.11 28.34 -31.94
CA LEU I 74 3.17 28.23 -33.39
C LEU I 74 3.22 26.77 -33.83
N ALA I 75 2.76 26.51 -35.05
CA ALA I 75 2.83 25.18 -35.62
C ALA I 75 4.22 24.92 -36.20
N SER I 76 4.43 23.69 -36.64
CA SER I 76 5.72 23.30 -37.20
C SER I 76 5.92 23.91 -38.59
N GLY I 77 7.08 24.52 -38.81
CA GLY I 77 7.42 25.13 -40.08
C GLY I 77 6.88 26.52 -40.30
N VAL I 78 6.15 27.07 -39.35
CA VAL I 78 5.59 28.42 -39.50
C VAL I 78 6.65 29.44 -39.15
N PRO I 79 6.87 30.47 -39.98
CA PRO I 79 7.85 31.50 -39.64
C PRO I 79 7.47 32.23 -38.35
N ALA I 80 8.50 32.72 -37.65
CA ALA I 80 8.30 33.36 -36.36
C ALA I 80 7.72 34.77 -36.47
N ARG I 81 7.35 35.21 -37.67
CA ARG I 81 6.79 36.55 -37.83
C ARG I 81 5.30 36.60 -37.52
N PHE I 82 4.67 35.48 -37.19
CA PHE I 82 3.26 35.44 -36.82
C PHE I 82 3.14 35.44 -35.30
N ILE I 83 2.30 36.33 -34.77
CA ILE I 83 2.09 36.47 -33.34
C ILE I 83 0.60 36.40 -33.05
N GLY I 84 0.22 35.55 -32.11
CA GLY I 84 -1.17 35.44 -31.70
C GLY I 84 -1.33 35.68 -30.22
N SER I 85 -2.43 36.34 -29.85
CA SER I 85 -2.69 36.67 -28.47
C SER I 85 -4.18 36.89 -28.27
N GLY I 86 -4.60 36.85 -27.01
CA GLY I 86 -5.99 37.10 -26.68
C GLY I 86 -6.37 36.34 -25.42
N SER I 87 -7.55 36.70 -24.91
CA SER I 87 -8.10 36.06 -23.72
C SER I 87 -9.59 36.35 -23.65
N GLY I 88 -10.28 35.54 -22.85
CA GLY I 88 -11.71 35.70 -22.65
C GLY I 88 -12.52 35.46 -23.90
N THR I 89 -13.12 36.52 -24.44
CA THR I 89 -13.92 36.43 -25.66
C THR I 89 -13.31 37.21 -26.82
N SER I 90 -12.15 37.82 -26.63
CA SER I 90 -11.50 38.61 -27.66
C SER I 90 -10.12 38.04 -27.93
N PHE I 91 -9.84 37.75 -29.20
CA PHE I 91 -8.55 37.21 -29.61
C PHE I 91 -8.09 37.94 -30.87
N SER I 92 -6.78 37.91 -31.12
CA SER I 92 -6.23 38.65 -32.24
C SER I 92 -5.03 37.92 -32.81
N LEU I 93 -4.72 38.24 -34.06
CA LEU I 93 -3.55 37.72 -34.77
C LEU I 93 -2.78 38.89 -35.36
N THR I 94 -1.46 38.86 -35.23
CA THR I 94 -0.61 39.97 -35.66
C THR I 94 0.51 39.45 -36.54
N ILE I 95 0.77 40.16 -37.65
CA ILE I 95 1.89 39.88 -38.54
C ILE I 95 2.85 41.07 -38.45
N SER I 96 4.10 40.79 -38.10
CA SER I 96 5.08 41.85 -37.91
C SER I 96 5.54 42.47 -39.22
N SER I 97 5.68 41.68 -40.29
CA SER I 97 6.15 42.21 -41.56
C SER I 97 5.62 41.31 -42.67
N VAL I 98 4.73 41.85 -43.51
CA VAL I 98 4.10 41.05 -44.56
C VAL I 98 5.06 40.87 -45.72
N GLU I 99 4.83 39.83 -46.52
CA GLU I 99 5.61 39.55 -47.71
C GLU I 99 4.67 39.26 -48.87
N ALA I 100 5.26 38.86 -50.00
CA ALA I 100 4.49 38.63 -51.21
C ALA I 100 3.62 37.38 -51.14
N GLU I 101 4.03 36.38 -50.37
CA GLU I 101 3.31 35.10 -50.34
C GLU I 101 2.24 35.05 -49.25
N ASP I 102 2.00 36.14 -48.53
CA ASP I 102 1.02 36.16 -47.45
C ASP I 102 -0.40 36.46 -47.93
N ASP I 103 -0.69 36.23 -49.22
CA ASP I 103 -2.01 36.54 -49.77
C ASP I 103 -3.00 35.40 -49.65
N ALA I 104 -3.20 34.88 -48.44
CA ALA I 104 -4.10 33.76 -48.18
C ALA I 104 -5.30 34.22 -47.36
N THR I 105 -6.15 33.26 -47.01
CA THR I 105 -7.34 33.51 -46.20
C THR I 105 -7.18 32.81 -44.86
N TYR I 106 -7.46 33.53 -43.77
CA TYR I 106 -7.20 33.04 -42.42
C TYR I 106 -8.52 32.73 -41.73
N TYR I 107 -8.55 31.69 -40.88
CA TYR I 107 -9.78 31.36 -40.10
C TYR I 107 -9.48 31.11 -38.61
N CYS I 108 -10.35 31.58 -37.68
CA CYS I 108 -10.17 31.25 -36.22
C CYS I 108 -11.12 30.09 -35.86
N GLN I 109 -10.62 29.07 -35.14
CA GLN I 109 -11.43 27.84 -34.89
C GLN I 109 -11.41 27.44 -33.41
N GLN I 110 -12.49 26.84 -32.88
CA GLN I 110 -12.55 26.42 -31.50
C GLN I 110 -12.96 24.95 -31.45
N TRP I 111 -12.27 24.17 -30.61
CA TRP I 111 -12.48 22.72 -30.57
C TRP I 111 -12.31 22.26 -29.13
N SER I 112 -13.43 22.08 -28.44
CA SER I 112 -13.44 21.61 -27.06
C SER I 112 -14.14 20.26 -26.93
N GLY I 113 -13.87 19.35 -27.86
CA GLY I 113 -14.52 18.05 -27.89
C GLY I 113 -15.07 17.72 -29.27
N TYR I 114 -15.39 16.44 -29.46
CA TYR I 114 -15.88 15.98 -30.75
C TYR I 114 -17.16 16.67 -31.21
N PRO I 115 -18.22 16.81 -30.40
CA PRO I 115 -19.43 17.48 -30.89
C PRO I 115 -19.28 18.99 -31.05
N PHE I 116 -18.38 19.62 -30.31
CA PHE I 116 -18.27 21.07 -30.28
C PHE I 116 -17.10 21.54 -31.15
N ILE I 117 -17.38 21.68 -32.45
CA ILE I 117 -16.42 22.20 -33.41
C ILE I 117 -17.09 23.33 -34.19
N THR I 118 -16.42 24.47 -34.27
CA THR I 118 -16.95 25.65 -34.94
C THR I 118 -15.83 26.39 -35.66
N PHE I 119 -16.13 26.87 -36.86
CA PHE I 119 -15.19 27.64 -37.67
C PHE I 119 -15.62 29.09 -37.75
N GLY I 120 -14.67 29.97 -38.03
CA GLY I 120 -14.97 31.38 -38.21
C GLY I 120 -15.43 31.70 -39.63
N SER I 121 -15.65 32.99 -39.88
CA SER I 121 -16.12 33.45 -41.18
C SER I 121 -14.98 33.68 -42.17
N GLY I 122 -13.77 33.93 -41.70
CA GLY I 122 -12.63 34.08 -42.59
C GLY I 122 -12.33 35.53 -42.92
N THR I 123 -11.04 35.79 -43.15
CA THR I 123 -10.56 37.12 -43.52
C THR I 123 -9.57 36.99 -44.68
N LYS I 124 -9.77 37.80 -45.71
CA LYS I 124 -8.95 37.76 -46.91
C LYS I 124 -8.00 38.95 -46.92
N LEU I 125 -6.75 38.71 -47.28
CA LEU I 125 -5.70 39.72 -47.24
C LEU I 125 -5.25 40.05 -48.65
N GLU I 126 -5.10 41.35 -48.93
CA GLU I 126 -4.63 41.84 -50.22
C GLU I 126 -3.34 42.62 -50.04
N ILE I 127 -2.57 42.71 -51.13
CA ILE I 127 -1.29 43.43 -51.14
C ILE I 127 -1.39 44.56 -52.15
N LYS I 128 -1.04 45.77 -51.72
CA LYS I 128 -1.06 46.93 -52.61
C LYS I 128 0.09 46.88 -53.60
C1 NAG J . -18.63 -12.64 -22.45
C2 NAG J . -18.66 -11.13 -22.54
C3 NAG J . -19.81 -10.68 -23.44
C4 NAG J . -19.74 -11.37 -24.79
C5 NAG J . -19.67 -12.87 -24.61
C6 NAG J . -19.46 -13.63 -25.91
C7 NAG J . -18.27 -9.31 -20.93
C8 NAG J . -18.47 -8.84 -19.52
N2 NAG J . -18.78 -10.52 -21.23
O3 NAG J . -19.76 -9.26 -23.61
O4 NAG J . -20.89 -11.05 -25.57
O5 NAG J . -18.54 -13.21 -23.76
O6 NAG J . -18.17 -13.38 -26.46
O7 NAG J . -17.68 -8.64 -21.76
C1 NAG K . -34.47 -10.82 16.44
C2 NAG K . -34.07 -11.93 17.42
C3 NAG K . -33.64 -13.18 16.65
C4 NAG K . -34.72 -13.60 15.65
C5 NAG K . -35.08 -12.42 14.76
C6 NAG K . -36.23 -12.72 13.81
C7 NAG K . -31.80 -11.11 17.96
C8 NAG K . -30.88 -10.69 19.06
N2 NAG K . -33.02 -11.50 18.33
O3 NAG K . -33.40 -14.24 17.57
O4 NAG K . -34.24 -14.66 14.84
O5 NAG K . -35.49 -11.30 15.56
O6 NAG K . -37.34 -13.25 14.51
O7 NAG K . -31.45 -11.09 16.78
C1 NAG L . 11.07 53.07 7.96
C2 NAG L . 11.26 54.38 7.20
C3 NAG L . 9.93 55.12 7.09
C4 NAG L . 8.86 54.23 6.48
C5 NAG L . 8.76 52.93 7.28
C6 NAG L . 7.81 51.93 6.67
C7 NAG L . 13.43 55.51 7.28
C8 NAG L . 14.35 56.38 8.08
N2 NAG L . 12.26 55.21 7.84
O3 NAG L . 10.10 56.29 6.29
O4 NAG L . 7.60 54.88 6.51
O5 NAG L . 10.05 52.29 7.32
O6 NAG L . 7.17 51.13 7.66
O7 NAG L . 13.75 55.08 6.18
C1 NAG M . 4.53 10.69 50.54
C2 NAG M . 3.57 9.75 49.80
C3 NAG M . 2.68 9.00 50.79
C4 NAG M . 3.54 8.30 51.85
C5 NAG M . 4.47 9.32 52.51
C6 NAG M . 5.43 8.68 53.49
C7 NAG M . 3.13 10.73 47.60
C8 NAG M . 2.17 11.51 46.75
N2 NAG M . 2.75 10.49 48.85
O3 NAG M . 1.90 8.04 50.10
O4 NAG M . 2.69 7.73 52.85
O5 NAG M . 5.28 9.95 51.50
O6 NAG M . 6.17 9.66 54.20
O7 NAG M . 4.21 10.34 47.15
C1 NAG N . 3.35 4.02 -31.38
C2 NAG N . 4.67 3.54 -30.78
C3 NAG N . 5.81 3.75 -31.77
C4 NAG N . 5.47 3.09 -33.11
C5 NAG N . 4.11 3.57 -33.61
C6 NAG N . 3.66 2.85 -34.87
C7 NAG N . 5.66 3.69 -28.54
C8 NAG N . 5.86 4.54 -27.32
N2 NAG N . 4.96 4.23 -29.53
O3 NAG N . 7.01 3.20 -31.25
O4 NAG N . 6.46 3.41 -34.07
O5 NAG N . 3.11 3.33 -32.61
O6 NAG N . 3.22 1.53 -34.58
O7 NAG N . 6.12 2.55 -28.62
C1 NAG O . 4.27 38.73 -7.93
C2 NAG O . 2.93 39.39 -7.60
C3 NAG O . 1.88 39.01 -8.64
C4 NAG O . 2.39 39.30 -10.05
C5 NAG O . 3.75 38.65 -10.27
C6 NAG O . 4.37 39.00 -11.60
C7 NAG O . 2.21 37.83 -5.82
C8 NAG O . 1.77 37.73 -4.40
N2 NAG O . 2.48 39.08 -6.25
O3 NAG O . 0.68 39.74 -8.39
O4 NAG O . 1.47 38.80 -11.00
O5 NAG O . 4.67 39.09 -9.25
O6 NAG O . 4.38 40.41 -11.81
O7 NAG O . 2.33 36.85 -6.54
C1 NAG P . 37.67 -18.33 35.26
C2 NAG P . 38.86 -19.29 35.35
C3 NAG P . 40.15 -18.57 35.01
C4 NAG P . 40.03 -17.87 33.66
C5 NAG P . 38.81 -16.96 33.65
C6 NAG P . 38.57 -16.32 32.30
C7 NAG P . 38.69 -21.20 36.90
C8 NAG P . 38.82 -21.66 38.31
N2 NAG P . 38.94 -19.90 36.67
O3 NAG P . 41.23 -19.51 34.97
O4 NAG P . 41.20 -17.10 33.41
O5 NAG P . 37.63 -17.72 33.97
O6 NAG P . 38.04 -15.01 32.44
O7 NAG P . 38.37 -21.97 35.98
C1 NAG Q . -4.26 23.94 45.58
C2 NAG Q . -4.38 24.53 44.18
C3 NAG Q . -4.78 26.01 44.25
C4 NAG Q . -6.01 26.20 45.12
C5 NAG Q . -5.79 25.54 46.48
C6 NAG Q . -7.01 25.60 47.38
C7 NAG Q . -2.83 23.27 42.75
C8 NAG Q . -1.51 23.29 42.06
N2 NAG Q . -3.14 24.38 43.44
O3 NAG Q . -5.03 26.50 42.94
O4 NAG Q . -6.27 27.58 45.30
O5 NAG Q . -5.47 24.15 46.31
O6 NAG Q . -6.69 25.23 48.72
O7 NAG Q . -3.60 22.31 42.69
C1 NAG R . 8.57 -22.45 -20.83
C2 NAG R . 7.39 -22.94 -19.99
C3 NAG R . 7.22 -24.45 -20.17
C4 NAG R . 7.11 -24.79 -21.65
C5 NAG R . 8.28 -24.22 -22.43
C6 NAG R . 8.17 -24.43 -23.92
C7 NAG R . 6.56 -22.39 -17.75
C8 NAG R . 6.93 -22.05 -16.34
N2 NAG R . 7.58 -22.61 -18.59
O3 NAG R . 6.06 -24.87 -19.48
O4 NAG R . 7.09 -26.21 -21.82
O5 NAG R . 8.37 -22.80 -22.20
O6 NAG R . 7.22 -23.54 -24.49
O7 NAG R . 5.39 -22.44 -18.12
C1 NAG S . 32.29 -18.47 13.64
C2 NAG S . 33.38 -17.40 13.65
C3 NAG S . 33.80 -17.05 12.23
C4 NAG S . 34.20 -18.31 11.47
C5 NAG S . 33.07 -19.34 11.54
C6 NAG S . 33.45 -20.66 10.92
C7 NAG S . 31.90 -15.44 14.02
C8 NAG S . 31.64 -14.26 14.90
N2 NAG S . 32.95 -16.21 14.38
O3 NAG S . 34.90 -16.15 12.27
O4 NAG S . 34.44 -18.00 10.10
O5 NAG S . 32.75 -19.62 12.92
O6 NAG S . 34.73 -21.10 11.34
O7 NAG S . 31.22 -15.69 13.05
C1 NAG T . -41.71 -1.87 35.64
C2 NAG T . -43.14 -2.38 35.82
C3 NAG T . -43.14 -3.75 36.49
C4 NAG T . -42.24 -4.72 35.72
C5 NAG T . -40.85 -4.11 35.56
C6 NAG T . -39.93 -4.97 34.71
C7 NAG T . -44.91 -0.70 36.04
C8 NAG T . -45.64 0.22 36.97
N2 NAG T . -43.94 -1.44 36.57
O3 NAG T . -44.47 -4.26 36.52
O4 NAG T . -42.14 -5.95 36.42
O5 NAG T . -40.93 -2.84 34.92
O6 NAG T . -38.57 -4.60 34.89
O7 NAG T . -45.20 -0.77 34.84
C1 NAG U . 12.22 23.56 44.03
C2 NAG U . 12.99 22.69 43.04
C3 NAG U . 14.44 22.50 43.50
C4 NAG U . 15.09 23.84 43.81
C5 NAG U . 14.23 24.62 44.79
C6 NAG U . 14.79 26.00 45.10
C7 NAG U . 11.41 21.15 41.97
C8 NAG U . 10.85 19.75 41.96
N2 NAG U . 12.34 21.39 42.89
O3 NAG U . 15.18 21.83 42.48
O4 NAG U . 16.38 23.64 44.38
O5 NAG U . 12.93 24.81 44.23
O6 NAG U . 13.77 26.87 45.56
O7 NAG U . 11.03 22.00 41.17
#